data_1UHD
# 
_entry.id   1UHD 
# 
_audit_conform.dict_name       mmcif_pdbx.dic 
_audit_conform.dict_version    5.399 
_audit_conform.dict_location   http://mmcif.pdb.org/dictionaries/ascii/mmcif_pdbx.dic 
# 
loop_
_database_2.database_id 
_database_2.database_code 
_database_2.pdbx_database_accession 
_database_2.pdbx_DOI 
PDB   1UHD         pdb_00001uhd 10.2210/pdb1uhd/pdb 
RCSB  RCSB005827   ?            ?                   
WWPDB D_1000005827 ?            ?                   
# 
loop_
_pdbx_audit_revision_history.ordinal 
_pdbx_audit_revision_history.data_content_type 
_pdbx_audit_revision_history.major_revision 
_pdbx_audit_revision_history.minor_revision 
_pdbx_audit_revision_history.revision_date 
1 'Structure model' 1 0 2004-07-13 
2 'Structure model' 1 1 2008-04-27 
3 'Structure model' 1 2 2011-07-13 
4 'Structure model' 1 3 2012-03-28 
5 'Structure model' 2 0 2023-11-15 
6 'Structure model' 2 1 2024-11-20 
# 
_pdbx_audit_revision_details.ordinal             1 
_pdbx_audit_revision_details.revision_ordinal    1 
_pdbx_audit_revision_details.data_content_type   'Structure model' 
_pdbx_audit_revision_details.provider            repository 
_pdbx_audit_revision_details.type                'Initial release' 
_pdbx_audit_revision_details.description         ? 
_pdbx_audit_revision_details.details             ? 
# 
loop_
_pdbx_audit_revision_group.ordinal 
_pdbx_audit_revision_group.revision_ordinal 
_pdbx_audit_revision_group.data_content_type 
_pdbx_audit_revision_group.group 
1 2 'Structure model' 'Version format compliance' 
2 3 'Structure model' 'Derived calculations'      
3 3 'Structure model' 'Version format compliance' 
4 4 'Structure model' 'Non-polymer description'   
5 5 'Structure model' 'Atomic model'              
6 5 'Structure model' 'Data collection'           
7 5 'Structure model' 'Database references'       
8 5 'Structure model' 'Derived calculations'      
9 6 'Structure model' 'Structure summary'         
# 
loop_
_pdbx_audit_revision_category.ordinal 
_pdbx_audit_revision_category.revision_ordinal 
_pdbx_audit_revision_category.data_content_type 
_pdbx_audit_revision_category.category 
1 5 'Structure model' atom_site                 
2 5 'Structure model' chem_comp_atom            
3 5 'Structure model' chem_comp_bond            
4 5 'Structure model' database_2                
5 5 'Structure model' struct_conn               
6 5 'Structure model' struct_ref_seq_dif        
7 5 'Structure model' struct_site               
8 6 'Structure model' pdbx_entry_details        
9 6 'Structure model' pdbx_modification_feature 
# 
loop_
_pdbx_audit_revision_item.ordinal 
_pdbx_audit_revision_item.revision_ordinal 
_pdbx_audit_revision_item.data_content_type 
_pdbx_audit_revision_item.item 
1  5 'Structure model' '_atom_site.auth_atom_id'             
2  5 'Structure model' '_atom_site.label_atom_id'            
3  5 'Structure model' '_database_2.pdbx_DOI'                
4  5 'Structure model' '_database_2.pdbx_database_accession' 
5  5 'Structure model' '_struct_conn.pdbx_leaving_atom_flag' 
6  5 'Structure model' '_struct_conn.ptnr1_label_atom_id'    
7  5 'Structure model' '_struct_ref_seq_dif.details'         
8  5 'Structure model' '_struct_site.pdbx_auth_asym_id'      
9  5 'Structure model' '_struct_site.pdbx_auth_comp_id'      
10 5 'Structure model' '_struct_site.pdbx_auth_seq_id'       
# 
_pdbx_database_status.status_code                     REL 
_pdbx_database_status.entry_id                        1UHD 
_pdbx_database_status.recvd_initial_deposition_date   2003-07-01 
_pdbx_database_status.deposit_site                    PDBJ 
_pdbx_database_status.process_site                    PDBJ 
_pdbx_database_status.status_code_sf                  REL 
_pdbx_database_status.SG_entry                        . 
_pdbx_database_status.status_code_mr                  ? 
_pdbx_database_status.status_code_cs                  ? 
_pdbx_database_status.pdb_format_compatible           Y 
_pdbx_database_status.status_code_nmr_data            ? 
_pdbx_database_status.methods_development_category    ? 
# 
_pdbx_database_related.db_name        PDB 
_pdbx_database_related.db_id          1UHE 
_pdbx_database_related.details        'the same protein, isoaspargine complex' 
_pdbx_database_related.content_type   unspecified 
# 
loop_
_audit_author.name 
_audit_author.pdbx_ordinal 
'Lee, B.I.'   1 
'Kwon, A.-R.' 2 
'Han, B.W.'   3 
'Suh, S.W.'   4 
# 
_citation.id                        primary 
_citation.title                     
'Crystal structure of the schiff base intermediate prior to decarboxylation in the catalytic cycle of aspartate alpha-decarboxylase' 
_citation.journal_abbrev            J.Mol.Biol. 
_citation.journal_volume            340 
_citation.page_first                1 
_citation.page_last                 7 
_citation.year                      2004 
_citation.journal_id_ASTM           JMOBAK 
_citation.country                   UK 
_citation.journal_id_ISSN           0022-2836 
_citation.journal_id_CSD            0070 
_citation.book_publisher            ? 
_citation.pdbx_database_id_PubMed   15184017 
_citation.pdbx_database_id_DOI      10.1016/j.jmb.2004.04.049 
# 
loop_
_citation_author.citation_id 
_citation_author.name 
_citation_author.ordinal 
_citation_author.identifier_ORCID 
primary 'Lee, B.I.' 1 ? 
primary 'Suh, S.W.' 2 ? 
# 
loop_
_entity.id 
_entity.type 
_entity.src_method 
_entity.pdbx_description 
_entity.formula_weight 
_entity.pdbx_number_of_molecules 
_entity.pdbx_ec 
_entity.pdbx_mutation 
_entity.pdbx_fragment 
_entity.details 
1 polymer man 'Aspartate 1-decarboxylase beta chain'  2806.241  1  4.1.1.11 ? ? ? 
2 polymer man 'Aspartate 1-decarboxylase alpha chain' 10531.121 1  4.1.1.11 ? ? ? 
3 water   nat water                                   18.015    16 ?        ? ? ? 
# 
loop_
_entity_poly.entity_id 
_entity_poly.type 
_entity_poly.nstd_linkage 
_entity_poly.nstd_monomer 
_entity_poly.pdbx_seq_one_letter_code 
_entity_poly.pdbx_seq_one_letter_code_can 
_entity_poly.pdbx_strand_id 
_entity_poly.pdbx_target_identifier 
1 'polypeptide(L)' no no  MTFEMLYSKIHRATITDANLNYIG                                                                                
MTFEMLYSKIHRATITDANLNYIG                                                                            B ? 
2 'polypeptide(L)' no yes 
;(PYR)ITIDEDLAKLAKLREGMKVEIVDVNNGERFSTYVILGKKRGEICVNGAAARKVAIGDVVIILAYASMNEDEINAH
KPSIVLVDEKNEILEKGLEH
;
;XITIDEDLAKLAKLREGMKVEIVDVNNGERFSTYVILGKKRGEICVNGAAARKVAIGDVVIILAYASMNEDEINAHKPSI
VLVDEKNEILEKGLEH
;
A ? 
# 
_pdbx_entity_nonpoly.entity_id   3 
_pdbx_entity_nonpoly.name        water 
_pdbx_entity_nonpoly.comp_id     HOH 
# 
loop_
_entity_poly_seq.entity_id 
_entity_poly_seq.num 
_entity_poly_seq.mon_id 
_entity_poly_seq.hetero 
1 1  MET n 
1 2  THR n 
1 3  PHE n 
1 4  GLU n 
1 5  MET n 
1 6  LEU n 
1 7  TYR n 
1 8  SER n 
1 9  LYS n 
1 10 ILE n 
1 11 HIS n 
1 12 ARG n 
1 13 ALA n 
1 14 THR n 
1 15 ILE n 
1 16 THR n 
1 17 ASP n 
1 18 ALA n 
1 19 ASN n 
1 20 LEU n 
1 21 ASN n 
1 22 TYR n 
1 23 ILE n 
1 24 GLY n 
2 1  PYR n 
2 2  ILE n 
2 3  THR n 
2 4  ILE n 
2 5  ASP n 
2 6  GLU n 
2 7  ASP n 
2 8  LEU n 
2 9  ALA n 
2 10 LYS n 
2 11 LEU n 
2 12 ALA n 
2 13 LYS n 
2 14 LEU n 
2 15 ARG n 
2 16 GLU n 
2 17 GLY n 
2 18 MET n 
2 19 LYS n 
2 20 VAL n 
2 21 GLU n 
2 22 ILE n 
2 23 VAL n 
2 24 ASP n 
2 25 VAL n 
2 26 ASN n 
2 27 ASN n 
2 28 GLY n 
2 29 GLU n 
2 30 ARG n 
2 31 PHE n 
2 32 SER n 
2 33 THR n 
2 34 TYR n 
2 35 VAL n 
2 36 ILE n 
2 37 LEU n 
2 38 GLY n 
2 39 LYS n 
2 40 LYS n 
2 41 ARG n 
2 42 GLY n 
2 43 GLU n 
2 44 ILE n 
2 45 CYS n 
2 46 VAL n 
2 47 ASN n 
2 48 GLY n 
2 49 ALA n 
2 50 ALA n 
2 51 ALA n 
2 52 ARG n 
2 53 LYS n 
2 54 VAL n 
2 55 ALA n 
2 56 ILE n 
2 57 GLY n 
2 58 ASP n 
2 59 VAL n 
2 60 VAL n 
2 61 ILE n 
2 62 ILE n 
2 63 LEU n 
2 64 ALA n 
2 65 TYR n 
2 66 ALA n 
2 67 SER n 
2 68 MET n 
2 69 ASN n 
2 70 GLU n 
2 71 ASP n 
2 72 GLU n 
2 73 ILE n 
2 74 ASN n 
2 75 ALA n 
2 76 HIS n 
2 77 LYS n 
2 78 PRO n 
2 79 SER n 
2 80 ILE n 
2 81 VAL n 
2 82 LEU n 
2 83 VAL n 
2 84 ASP n 
2 85 GLU n 
2 86 LYS n 
2 87 ASN n 
2 88 GLU n 
2 89 ILE n 
2 90 LEU n 
2 91 GLU n 
2 92 LYS n 
2 93 GLY n 
2 94 LEU n 
2 95 GLU n 
2 96 HIS n 
# 
loop_
_entity_src_gen.entity_id 
_entity_src_gen.pdbx_src_id 
_entity_src_gen.pdbx_alt_source_flag 
_entity_src_gen.pdbx_seq_type 
_entity_src_gen.pdbx_beg_seq_num 
_entity_src_gen.pdbx_end_seq_num 
_entity_src_gen.gene_src_common_name 
_entity_src_gen.gene_src_genus 
_entity_src_gen.pdbx_gene_src_gene 
_entity_src_gen.gene_src_species 
_entity_src_gen.gene_src_strain 
_entity_src_gen.gene_src_tissue 
_entity_src_gen.gene_src_tissue_fraction 
_entity_src_gen.gene_src_details 
_entity_src_gen.pdbx_gene_src_fragment 
_entity_src_gen.pdbx_gene_src_scientific_name 
_entity_src_gen.pdbx_gene_src_ncbi_taxonomy_id 
_entity_src_gen.pdbx_gene_src_variant 
_entity_src_gen.pdbx_gene_src_cell_line 
_entity_src_gen.pdbx_gene_src_atcc 
_entity_src_gen.pdbx_gene_src_organ 
_entity_src_gen.pdbx_gene_src_organelle 
_entity_src_gen.pdbx_gene_src_cell 
_entity_src_gen.pdbx_gene_src_cellular_location 
_entity_src_gen.host_org_common_name 
_entity_src_gen.pdbx_host_org_scientific_name 
_entity_src_gen.pdbx_host_org_ncbi_taxonomy_id 
_entity_src_gen.host_org_genus 
_entity_src_gen.pdbx_host_org_gene 
_entity_src_gen.pdbx_host_org_organ 
_entity_src_gen.host_org_species 
_entity_src_gen.pdbx_host_org_tissue 
_entity_src_gen.pdbx_host_org_tissue_fraction 
_entity_src_gen.pdbx_host_org_strain 
_entity_src_gen.pdbx_host_org_variant 
_entity_src_gen.pdbx_host_org_cell_line 
_entity_src_gen.pdbx_host_org_atcc 
_entity_src_gen.pdbx_host_org_culture_collection 
_entity_src_gen.pdbx_host_org_cell 
_entity_src_gen.pdbx_host_org_organelle 
_entity_src_gen.pdbx_host_org_cellular_location 
_entity_src_gen.pdbx_host_org_vector_type 
_entity_src_gen.pdbx_host_org_vector 
_entity_src_gen.host_org_details 
_entity_src_gen.expression_system_id 
_entity_src_gen.plasmid_name 
_entity_src_gen.plasmid_details 
_entity_src_gen.pdbx_description 
1 1 sample ? ? ? ? Helicobacter PAND ? ? ? ? ? ? 'Helicobacter pylori' 210 ? ? ? ? ? ? ? ? 'Escherichia coli' 562 Escherichia ? ? 
? ? ? 'B834(DE3)' ? ? ? ? ? ? ? Plasmid ? ? ? pET21a ? ? 
2 1 sample ? ? ? ? Helicobacter PAND ? ? ? ? ? ? 'Helicobacter pylori' 210 ? ? ? ? ? ? ? ? 'Escherichia coli' 562 Escherichia ? ? 
? ? ? 'B834(DE3)' ? ? ? ? ? ? ? Plasmid ? ? ? pET21a ? ? 
# 
loop_
_chem_comp.id 
_chem_comp.type 
_chem_comp.mon_nstd_flag 
_chem_comp.name 
_chem_comp.pdbx_synonyms 
_chem_comp.formula 
_chem_comp.formula_weight 
ALA 'L-peptide linking' y ALANINE         ? 'C3 H7 N O2'     89.093  
ARG 'L-peptide linking' y ARGININE        ? 'C6 H15 N4 O2 1' 175.209 
ASN 'L-peptide linking' y ASPARAGINE      ? 'C4 H8 N2 O3'    132.118 
ASP 'L-peptide linking' y 'ASPARTIC ACID' ? 'C4 H7 N O4'     133.103 
CYS 'L-peptide linking' y CYSTEINE        ? 'C3 H7 N O2 S'   121.158 
GLU 'L-peptide linking' y 'GLUTAMIC ACID' ? 'C5 H9 N O4'     147.129 
GLY 'peptide linking'   y GLYCINE         ? 'C2 H5 N O2'     75.067  
HIS 'L-peptide linking' y HISTIDINE       ? 'C6 H10 N3 O2 1' 156.162 
HOH non-polymer         . WATER           ? 'H2 O'           18.015  
ILE 'L-peptide linking' y ISOLEUCINE      ? 'C6 H13 N O2'    131.173 
LEU 'L-peptide linking' y LEUCINE         ? 'C6 H13 N O2'    131.173 
LYS 'L-peptide linking' y LYSINE          ? 'C6 H15 N2 O2 1' 147.195 
MET 'L-peptide linking' y METHIONINE      ? 'C5 H11 N O2 S'  149.211 
PHE 'L-peptide linking' y PHENYLALANINE   ? 'C9 H11 N O2'    165.189 
PRO 'L-peptide linking' y PROLINE         ? 'C5 H9 N O2'     115.130 
PYR non-polymer         . 'PYRUVIC ACID'  ? 'C3 H4 O3'       88.062  
SER 'L-peptide linking' y SERINE          ? 'C3 H7 N O3'     105.093 
THR 'L-peptide linking' y THREONINE       ? 'C4 H9 N O3'     119.119 
TYR 'L-peptide linking' y TYROSINE        ? 'C9 H11 N O3'    181.189 
VAL 'L-peptide linking' y VALINE          ? 'C5 H11 N O2'    117.146 
# 
loop_
_pdbx_poly_seq_scheme.asym_id 
_pdbx_poly_seq_scheme.entity_id 
_pdbx_poly_seq_scheme.seq_id 
_pdbx_poly_seq_scheme.mon_id 
_pdbx_poly_seq_scheme.ndb_seq_num 
_pdbx_poly_seq_scheme.pdb_seq_num 
_pdbx_poly_seq_scheme.auth_seq_num 
_pdbx_poly_seq_scheme.pdb_mon_id 
_pdbx_poly_seq_scheme.auth_mon_id 
_pdbx_poly_seq_scheme.pdb_strand_id 
_pdbx_poly_seq_scheme.pdb_ins_code 
_pdbx_poly_seq_scheme.hetero 
A 1 1  MET 1  1   1   MET MET B . n 
A 1 2  THR 2  2   2   THR THR B . n 
A 1 3  PHE 3  3   3   PHE PHE B . n 
A 1 4  GLU 4  4   4   GLU GLU B . n 
A 1 5  MET 5  5   5   MET MET B . n 
A 1 6  LEU 6  6   6   LEU LEU B . n 
A 1 7  TYR 7  7   7   TYR TYR B . n 
A 1 8  SER 8  8   8   SER SER B . n 
A 1 9  LYS 9  9   9   LYS LYS B . n 
A 1 10 ILE 10 10  10  ILE ILE B . n 
A 1 11 HIS 11 11  11  HIS HIS B . n 
A 1 12 ARG 12 12  12  ARG ARG B . n 
A 1 13 ALA 13 13  13  ALA ALA B . n 
A 1 14 THR 14 14  14  THR THR B . n 
A 1 15 ILE 15 15  15  ILE ILE B . n 
A 1 16 THR 16 16  16  THR THR B . n 
A 1 17 ASP 17 17  17  ASP ASP B . n 
A 1 18 ALA 18 18  18  ALA ALA B . n 
A 1 19 ASN 19 19  19  ASN ASN B . n 
A 1 20 LEU 20 20  20  LEU LEU B . n 
A 1 21 ASN 21 21  21  ASN ASN B . n 
A 1 22 TYR 22 22  22  TYR TYR B . n 
A 1 23 ILE 23 23  23  ILE ILE B . n 
A 1 24 GLY 24 24  24  GLY GLY B . n 
B 2 1  PYR 1  25  25  PYR PYR A . n 
B 2 2  ILE 2  26  26  ILE ILE A . n 
B 2 3  THR 3  27  27  THR THR A . n 
B 2 4  ILE 4  28  28  ILE ILE A . n 
B 2 5  ASP 5  29  29  ASP ASP A . n 
B 2 6  GLU 6  30  30  GLU GLU A . n 
B 2 7  ASP 7  31  31  ASP ASP A . n 
B 2 8  LEU 8  32  32  LEU LEU A . n 
B 2 9  ALA 9  33  33  ALA ALA A . n 
B 2 10 LYS 10 34  34  LYS LYS A . n 
B 2 11 LEU 11 35  35  LEU LEU A . n 
B 2 12 ALA 12 36  36  ALA ALA A . n 
B 2 13 LYS 13 37  37  LYS LYS A . n 
B 2 14 LEU 14 38  38  LEU LEU A . n 
B 2 15 ARG 15 39  39  ARG ARG A . n 
B 2 16 GLU 16 40  40  GLU GLU A . n 
B 2 17 GLY 17 41  41  GLY GLY A . n 
B 2 18 MET 18 42  42  MET MET A . n 
B 2 19 LYS 19 43  43  LYS LYS A . n 
B 2 20 VAL 20 44  44  VAL VAL A . n 
B 2 21 GLU 21 45  45  GLU GLU A . n 
B 2 22 ILE 22 46  46  ILE ILE A . n 
B 2 23 VAL 23 47  47  VAL VAL A . n 
B 2 24 ASP 24 48  48  ASP ASP A . n 
B 2 25 VAL 25 49  49  VAL VAL A . n 
B 2 26 ASN 26 50  50  ASN ASN A . n 
B 2 27 ASN 27 51  51  ASN ASN A . n 
B 2 28 GLY 28 52  52  GLY GLY A . n 
B 2 29 GLU 29 53  53  GLU GLU A . n 
B 2 30 ARG 30 54  54  ARG ARG A . n 
B 2 31 PHE 31 55  55  PHE PHE A . n 
B 2 32 SER 32 56  56  SER SER A . n 
B 2 33 THR 33 57  57  THR THR A . n 
B 2 34 TYR 34 58  58  TYR TYR A . n 
B 2 35 VAL 35 59  59  VAL VAL A . n 
B 2 36 ILE 36 60  60  ILE ILE A . n 
B 2 37 LEU 37 61  61  LEU LEU A . n 
B 2 38 GLY 38 62  62  GLY GLY A . n 
B 2 39 LYS 39 63  63  LYS LYS A . n 
B 2 40 LYS 40 64  64  LYS LYS A . n 
B 2 41 ARG 41 65  65  ARG ARG A . n 
B 2 42 GLY 42 66  66  GLY GLY A . n 
B 2 43 GLU 43 67  67  GLU GLU A . n 
B 2 44 ILE 44 68  68  ILE ILE A . n 
B 2 45 CYS 45 69  69  CYS CYS A . n 
B 2 46 VAL 46 70  70  VAL VAL A . n 
B 2 47 ASN 47 71  71  ASN ASN A . n 
B 2 48 GLY 48 72  72  GLY GLY A . n 
B 2 49 ALA 49 73  73  ALA ALA A . n 
B 2 50 ALA 50 74  74  ALA ALA A . n 
B 2 51 ALA 51 75  75  ALA ALA A . n 
B 2 52 ARG 52 76  76  ARG ARG A . n 
B 2 53 LYS 53 77  77  LYS LYS A . n 
B 2 54 VAL 54 78  78  VAL VAL A . n 
B 2 55 ALA 55 79  79  ALA ALA A . n 
B 2 56 ILE 56 80  80  ILE ILE A . n 
B 2 57 GLY 57 81  81  GLY GLY A . n 
B 2 58 ASP 58 82  82  ASP ASP A . n 
B 2 59 VAL 59 83  83  VAL VAL A . n 
B 2 60 VAL 60 84  84  VAL VAL A . n 
B 2 61 ILE 61 85  85  ILE ILE A . n 
B 2 62 ILE 62 86  86  ILE ILE A . n 
B 2 63 LEU 63 87  87  LEU LEU A . n 
B 2 64 ALA 64 88  88  ALA ALA A . n 
B 2 65 TYR 65 89  89  TYR TYR A . n 
B 2 66 ALA 66 90  90  ALA ALA A . n 
B 2 67 SER 67 91  91  SER SER A . n 
B 2 68 MET 68 92  92  MET MET A . n 
B 2 69 ASN 69 93  93  ASN ASN A . n 
B 2 70 GLU 70 94  94  GLU GLU A . n 
B 2 71 ASP 71 95  95  ASP ASP A . n 
B 2 72 GLU 72 96  96  GLU GLU A . n 
B 2 73 ILE 73 97  97  ILE ILE A . n 
B 2 74 ASN 74 98  98  ASN ASN A . n 
B 2 75 ALA 75 99  99  ALA ALA A . n 
B 2 76 HIS 76 100 100 HIS HIS A . n 
B 2 77 LYS 77 101 101 LYS LYS A . n 
B 2 78 PRO 78 102 102 PRO PRO A . n 
B 2 79 SER 79 103 103 SER SER A . n 
B 2 80 ILE 80 104 104 ILE ILE A . n 
B 2 81 VAL 81 105 105 VAL VAL A . n 
B 2 82 LEU 82 106 106 LEU LEU A . n 
B 2 83 VAL 83 107 107 VAL VAL A . n 
B 2 84 ASP 84 108 108 ASP ASP A . n 
B 2 85 GLU 85 109 109 GLU GLU A . n 
B 2 86 LYS 86 110 110 LYS LYS A . n 
B 2 87 ASN 87 111 111 ASN ASN A . n 
B 2 88 GLU 88 112 112 GLU GLU A . n 
B 2 89 ILE 89 113 113 ILE ILE A . n 
B 2 90 LEU 90 114 114 LEU LEU A . n 
B 2 91 GLU 91 115 115 GLU GLU A . n 
B 2 92 LYS 92 116 116 LYS LYS A . n 
B 2 93 GLY 93 117 117 GLY GLY A . n 
B 2 94 LEU 94 118 118 LEU LEU A . n 
B 2 95 GLU 95 119 119 GLU GLU A . n 
B 2 96 HIS 96 120 120 HIS HIS A . n 
# 
loop_
_pdbx_nonpoly_scheme.asym_id 
_pdbx_nonpoly_scheme.entity_id 
_pdbx_nonpoly_scheme.mon_id 
_pdbx_nonpoly_scheme.ndb_seq_num 
_pdbx_nonpoly_scheme.pdb_seq_num 
_pdbx_nonpoly_scheme.auth_seq_num 
_pdbx_nonpoly_scheme.pdb_mon_id 
_pdbx_nonpoly_scheme.auth_mon_id 
_pdbx_nonpoly_scheme.pdb_strand_id 
_pdbx_nonpoly_scheme.pdb_ins_code 
C 3 HOH 1  25 10 HOH TIP B . 
C 3 HOH 2  26 11 HOH TIP B . 
C 3 HOH 3  27 12 HOH TIP B . 
D 3 HOH 1  1  1  HOH TIP A . 
D 3 HOH 2  2  2  HOH TIP A . 
D 3 HOH 3  3  3  HOH TIP A . 
D 3 HOH 4  4  4  HOH TIP A . 
D 3 HOH 5  5  5  HOH TIP A . 
D 3 HOH 6  6  6  HOH TIP A . 
D 3 HOH 7  7  7  HOH TIP A . 
D 3 HOH 8  8  8  HOH TIP A . 
D 3 HOH 9  9  9  HOH TIP A . 
D 3 HOH 10 13 13 HOH TIP A . 
D 3 HOH 11 14 14 HOH TIP A . 
D 3 HOH 12 15 15 HOH TIP A . 
D 3 HOH 13 16 16 HOH TIP A . 
# 
loop_
_software.name 
_software.classification 
_software.version 
_software.citation_id 
_software.pdbx_ordinal 
CNS    refinement       1.1       ? 1 
MOSFLM 'data reduction' .         ? 2 
CCP4   'data scaling'   '(SCALA)' ? 3 
SHARP  phasing          .         ? 4 
# 
_cell.entry_id           1UHD 
_cell.length_a           81.875 
_cell.length_b           81.875 
_cell.length_c           93.943 
_cell.angle_alpha        90.00 
_cell.angle_beta         90.00 
_cell.angle_gamma        90.00 
_cell.Z_PDB              16 
_cell.pdbx_unique_axis   ? 
# 
_symmetry.entry_id                         1UHD 
_symmetry.space_group_name_H-M             'I 4 2 2' 
_symmetry.pdbx_full_space_group_name_H-M   ? 
_symmetry.cell_setting                     ? 
_symmetry.Int_Tables_number                97 
# 
_exptl.entry_id          1UHD 
_exptl.method            'X-RAY DIFFRACTION' 
_exptl.crystals_number   1 
# 
_exptl_crystal.id                    1 
_exptl_crystal.density_meas          ? 
_exptl_crystal.density_Matthews      2.96 
_exptl_crystal.density_percent_sol   58.15 
_exptl_crystal.description           ? 
# 
_exptl_crystal_grow.crystal_id      1 
_exptl_crystal_grow.method          'VAPOR DIFFUSION, HANGING DROP' 
_exptl_crystal_grow.temp            297 
_exptl_crystal_grow.temp_details    ? 
_exptl_crystal_grow.pH              7.5 
_exptl_crystal_grow.pdbx_details    'sodium formate, pH 7.5, VAPOR DIFFUSION, HANGING DROP, temperature 297K' 
_exptl_crystal_grow.pdbx_pH_range   . 
# 
_diffrn.id                     1 
_diffrn.ambient_temp           100 
_diffrn.ambient_temp_details   ? 
_diffrn.crystal_id             1 
# 
_diffrn_detector.diffrn_id              1 
_diffrn_detector.detector               CCD 
_diffrn_detector.type                   'ADSC QUANTUM 4' 
_diffrn_detector.pdbx_collection_date   ? 
_diffrn_detector.details                ? 
# 
_diffrn_radiation.diffrn_id                        1 
_diffrn_radiation.wavelength_id                    1 
_diffrn_radiation.pdbx_monochromatic_or_laue_m_l   M 
_diffrn_radiation.monochromator                    ? 
_diffrn_radiation.pdbx_diffrn_protocol             MAD 
_diffrn_radiation.pdbx_scattering_type             x-ray 
# 
_diffrn_radiation_wavelength.id           1 
_diffrn_radiation_wavelength.wavelength   0.9500 
_diffrn_radiation_wavelength.wt           1.0 
# 
_diffrn_source.diffrn_id                   1 
_diffrn_source.source                      SYNCHROTRON 
_diffrn_source.type                        'PHOTON FACTORY BEAMLINE BL-18B' 
_diffrn_source.pdbx_synchrotron_site       'Photon Factory' 
_diffrn_source.pdbx_synchrotron_beamline   BL-18B 
_diffrn_source.pdbx_wavelength             ? 
_diffrn_source.pdbx_wavelength_list        0.9500 
# 
_reflns.entry_id                     1UHD 
_reflns.observed_criterion_sigma_I   0 
_reflns.observed_criterion_sigma_F   0 
_reflns.d_resolution_low             34 
_reflns.d_resolution_high            2.0 
_reflns.number_obs                   11114 
_reflns.number_all                   ? 
_reflns.percent_possible_obs         100 
_reflns.pdbx_Rmerge_I_obs            ? 
_reflns.pdbx_Rsym_value              0.05 
_reflns.pdbx_netI_over_sigmaI        ? 
_reflns.B_iso_Wilson_estimate        15.6 
_reflns.pdbx_redundancy              15 
_reflns.R_free_details               ? 
_reflns.limit_h_max                  ? 
_reflns.limit_h_min                  ? 
_reflns.limit_k_max                  ? 
_reflns.limit_k_min                  ? 
_reflns.limit_l_max                  ? 
_reflns.limit_l_min                  ? 
_reflns.observed_criterion_F_max     ? 
_reflns.observed_criterion_F_min     ? 
_reflns.pdbx_ordinal                 1 
_reflns.pdbx_diffrn_id               1 
# 
_reflns_shell.d_res_high             2.0 
_reflns_shell.d_res_low              2.11 
_reflns_shell.percent_possible_all   100 
_reflns_shell.Rmerge_I_obs           ? 
_reflns_shell.pdbx_Rsym_value        0.304 
_reflns_shell.meanI_over_sigI_obs    ? 
_reflns_shell.pdbx_redundancy        10 
_reflns_shell.percent_possible_obs   ? 
_reflns_shell.number_unique_all      1796 
_reflns_shell.pdbx_ordinal           1 
_reflns_shell.pdbx_diffrn_id         1 
# 
_refine.entry_id                                 1UHD 
_refine.ls_number_reflns_obs                     11105 
_refine.ls_number_reflns_all                     ? 
_refine.pdbx_ls_sigma_I                          ? 
_refine.pdbx_ls_sigma_F                          0.0 
_refine.pdbx_data_cutoff_high_absF               1920909.45 
_refine.pdbx_data_cutoff_low_absF                0.00 
_refine.pdbx_data_cutoff_high_rms_absF           ? 
_refine.ls_d_res_low                             24 
_refine.ls_d_res_high                            2.00 
_refine.ls_percent_reflns_obs                    99.9 
_refine.ls_R_factor_obs                          0.232 
_refine.ls_R_factor_all                          ? 
_refine.ls_R_factor_R_work                       0.232 
_refine.ls_R_factor_R_free                       0.253 
_refine.ls_R_factor_R_free_error                 0.007 
_refine.ls_R_factor_R_free_error_details         ? 
_refine.ls_percent_reflns_R_free                 10.3 
_refine.ls_number_reflns_R_free                  1145 
_refine.ls_number_parameters                     ? 
_refine.ls_number_restraints                     ? 
_refine.occupancy_min                            ? 
_refine.occupancy_max                            ? 
_refine.correlation_coeff_Fo_to_Fc               ? 
_refine.correlation_coeff_Fo_to_Fc_free          ? 
_refine.B_iso_mean                               29.4 
_refine.aniso_B[1][1]                            1.71 
_refine.aniso_B[2][2]                            1.71 
_refine.aniso_B[3][3]                            -3.42 
_refine.aniso_B[1][2]                            0.00 
_refine.aniso_B[1][3]                            0.00 
_refine.aniso_B[2][3]                            0.00 
_refine.solvent_model_details                    'FLAT MODEL' 
_refine.solvent_model_param_ksol                 0.406518 
_refine.solvent_model_param_bsol                 46.7272 
_refine.pdbx_solvent_vdw_probe_radii             ? 
_refine.pdbx_solvent_ion_probe_radii             ? 
_refine.pdbx_solvent_shrinkage_radii             ? 
_refine.pdbx_ls_cross_valid_method               THROUGHOUT 
_refine.details                                  ? 
_refine.pdbx_starting_model                      ? 
_refine.pdbx_method_to_determine_struct          MAD 
_refine.pdbx_isotropic_thermal_model             RESTRAINED 
_refine.pdbx_stereochemistry_target_values       ? 
_refine.pdbx_stereochem_target_val_spec_case     ? 
_refine.pdbx_R_Free_selection_details            RANDOM 
_refine.pdbx_overall_ESU_R                       ? 
_refine.pdbx_overall_ESU_R_Free                  ? 
_refine.overall_SU_ML                            ? 
_refine.overall_SU_B                             ? 
_refine.ls_redundancy_reflns_obs                 ? 
_refine.B_iso_min                                ? 
_refine.B_iso_max                                ? 
_refine.overall_SU_R_Cruickshank_DPI             ? 
_refine.overall_SU_R_free                        ? 
_refine.pdbx_refine_id                           'X-RAY DIFFRACTION' 
_refine.pdbx_diffrn_id                           1 
_refine.pdbx_TLS_residual_ADP_flag               ? 
_refine.pdbx_overall_phase_error                 ? 
_refine.pdbx_overall_SU_R_free_Cruickshank_DPI   ? 
_refine.pdbx_overall_SU_R_Blow_DPI               ? 
_refine.pdbx_overall_SU_R_free_Blow_DPI          ? 
# 
_refine_analyze.entry_id                        1UHD 
_refine_analyze.Luzzati_coordinate_error_obs    0.26 
_refine_analyze.Luzzati_sigma_a_obs             0.13 
_refine_analyze.Luzzati_d_res_low_obs           5.00 
_refine_analyze.Luzzati_coordinate_error_free   0.30 
_refine_analyze.Luzzati_sigma_a_free            0.13 
_refine_analyze.Luzzati_d_res_low_free          ? 
_refine_analyze.number_disordered_residues      ? 
_refine_analyze.occupancy_sum_hydrogen          ? 
_refine_analyze.occupancy_sum_non_hydrogen      ? 
_refine_analyze.pdbx_Luzzati_d_res_high_obs     ? 
_refine_analyze.pdbx_refine_id                  'X-RAY DIFFRACTION' 
# 
_refine_hist.pdbx_refine_id                   'X-RAY DIFFRACTION' 
_refine_hist.cycle_id                         LAST 
_refine_hist.pdbx_number_atoms_protein        933 
_refine_hist.pdbx_number_atoms_nucleic_acid   0 
_refine_hist.pdbx_number_atoms_ligand         0 
_refine_hist.number_atoms_solvent             16 
_refine_hist.number_atoms_total               949 
_refine_hist.d_res_high                       2.00 
_refine_hist.d_res_low                        24 
# 
loop_
_refine_ls_restr.type 
_refine_ls_restr.dev_ideal 
_refine_ls_restr.dev_ideal_target 
_refine_ls_restr.weight 
_refine_ls_restr.number 
_refine_ls_restr.pdbx_refine_id 
_refine_ls_restr.pdbx_restraint_function 
c_bond_d                0.006 ? ? ? 'X-RAY DIFFRACTION' ? 
c_bond_d_na             ?     ? ? ? 'X-RAY DIFFRACTION' ? 
c_bond_d_prot           ?     ? ? ? 'X-RAY DIFFRACTION' ? 
c_angle_d               ?     ? ? ? 'X-RAY DIFFRACTION' ? 
c_angle_d_na            ?     ? ? ? 'X-RAY DIFFRACTION' ? 
c_angle_d_prot          ?     ? ? ? 'X-RAY DIFFRACTION' ? 
c_angle_deg             1.2   ? ? ? 'X-RAY DIFFRACTION' ? 
c_angle_deg_na          ?     ? ? ? 'X-RAY DIFFRACTION' ? 
c_angle_deg_prot        ?     ? ? ? 'X-RAY DIFFRACTION' ? 
c_dihedral_angle_d      25.3  ? ? ? 'X-RAY DIFFRACTION' ? 
c_dihedral_angle_d_na   ?     ? ? ? 'X-RAY DIFFRACTION' ? 
c_dihedral_angle_d_prot ?     ? ? ? 'X-RAY DIFFRACTION' ? 
c_improper_angle_d      0.66  ? ? ? 'X-RAY DIFFRACTION' ? 
c_improper_angle_d_na   ?     ? ? ? 'X-RAY DIFFRACTION' ? 
c_improper_angle_d_prot ?     ? ? ? 'X-RAY DIFFRACTION' ? 
c_mcbond_it             ?     ? ? ? 'X-RAY DIFFRACTION' ? 
c_mcangle_it            ?     ? ? ? 'X-RAY DIFFRACTION' ? 
c_scbond_it             ?     ? ? ? 'X-RAY DIFFRACTION' ? 
c_scangle_it            ?     ? ? ? 'X-RAY DIFFRACTION' ? 
# 
_refine_ls_shell.pdbx_total_number_of_bins_used   6 
_refine_ls_shell.d_res_high                       2.00 
_refine_ls_shell.d_res_low                        2.13 
_refine_ls_shell.number_reflns_R_work             1625 
_refine_ls_shell.R_factor_R_work                  0.244 
_refine_ls_shell.percent_reflns_obs               100.0 
_refine_ls_shell.R_factor_R_free                  0.272 
_refine_ls_shell.R_factor_R_free_error            0.021 
_refine_ls_shell.percent_reflns_R_free            9.5 
_refine_ls_shell.number_reflns_R_free             171 
_refine_ls_shell.number_reflns_obs                ? 
_refine_ls_shell.redundancy_reflns_obs            ? 
_refine_ls_shell.number_reflns_all                ? 
_refine_ls_shell.pdbx_refine_id                   'X-RAY DIFFRACTION' 
_refine_ls_shell.R_factor_all                     ? 
# 
loop_
_pdbx_xplor_file.serial_no 
_pdbx_xplor_file.param_file 
_pdbx_xplor_file.topol_file 
_pdbx_xplor_file.pdbx_refine_id 
1 PROTEIN_REP.PARAM     PROTEIN_REP_PVL.TOP 'X-RAY DIFFRACTION' 
2 WATER.PARAM           ?                   'X-RAY DIFFRACTION' 
3 PROTEIN_REP_PVL.PARAM ?                   'X-RAY DIFFRACTION' 
# 
_struct.entry_id                  1UHD 
_struct.title                     'Crystal structure of aspartate decarboxylase, pyruvoly group bound form' 
_struct.pdbx_model_details        ? 
_struct.pdbx_CASP_flag            ? 
_struct.pdbx_model_type_details   ? 
# 
_struct_keywords.entry_id        1UHD 
_struct_keywords.pdbx_keywords   LYASE 
_struct_keywords.text            'double-psi beta barrel, Lyase' 
# 
loop_
_struct_asym.id 
_struct_asym.pdbx_blank_PDB_chainid_flag 
_struct_asym.pdbx_modified 
_struct_asym.entity_id 
_struct_asym.details 
A N N 1 ? 
B N N 2 ? 
C N N 3 ? 
D N N 3 ? 
# 
loop_
_struct_ref.id 
_struct_ref.db_name 
_struct_ref.db_code 
_struct_ref.pdbx_db_accession 
_struct_ref.entity_id 
_struct_ref.pdbx_seq_one_letter_code 
_struct_ref.pdbx_align_begin 
_struct_ref.pdbx_db_isoform 
1 UNP PAND_HELPY P56065 1 MTFEMLYSKIHRATITDANLNYIG                                                                         1  ? 
2 UNP PAND_HELPY P56065 2 
;SITIDEDLAKLAKLREGMKVEIVDVNNGERFSTYVILGKKRGEICVNGAAARKVAIGDVVIILAYASMNEDEINAHKPSI
VLVDEKNEILEKG
;
25 ? 
# 
loop_
_struct_ref_seq.align_id 
_struct_ref_seq.ref_id 
_struct_ref_seq.pdbx_PDB_id_code 
_struct_ref_seq.pdbx_strand_id 
_struct_ref_seq.seq_align_beg 
_struct_ref_seq.pdbx_seq_align_beg_ins_code 
_struct_ref_seq.seq_align_end 
_struct_ref_seq.pdbx_seq_align_end_ins_code 
_struct_ref_seq.pdbx_db_accession 
_struct_ref_seq.db_align_beg 
_struct_ref_seq.pdbx_db_align_beg_ins_code 
_struct_ref_seq.db_align_end 
_struct_ref_seq.pdbx_db_align_end_ins_code 
_struct_ref_seq.pdbx_auth_seq_align_beg 
_struct_ref_seq.pdbx_auth_seq_align_end 
1 1 1UHD B 1 ? 24 ? P56065 1  ? 24  ? 1  24  
2 2 1UHD A 1 ? 93 ? P56065 25 ? 117 ? 25 117 
# 
loop_
_struct_ref_seq_dif.align_id 
_struct_ref_seq_dif.pdbx_pdb_id_code 
_struct_ref_seq_dif.mon_id 
_struct_ref_seq_dif.pdbx_pdb_strand_id 
_struct_ref_seq_dif.seq_num 
_struct_ref_seq_dif.pdbx_pdb_ins_code 
_struct_ref_seq_dif.pdbx_seq_db_name 
_struct_ref_seq_dif.pdbx_seq_db_accession_code 
_struct_ref_seq_dif.db_mon_id 
_struct_ref_seq_dif.pdbx_seq_db_seq_num 
_struct_ref_seq_dif.details 
_struct_ref_seq_dif.pdbx_auth_seq_num 
_struct_ref_seq_dif.pdbx_ordinal 
2 1UHD LEU A 94 ? UNP P56065 ? ? 'expression tag' 118 1 
2 1UHD GLU A 95 ? UNP P56065 ? ? 'expression tag' 119 2 
2 1UHD HIS A 96 ? UNP P56065 ? ? 'expression tag' 120 3 
# 
loop_
_pdbx_struct_assembly.id 
_pdbx_struct_assembly.details 
_pdbx_struct_assembly.method_details 
_pdbx_struct_assembly.oligomeric_details 
_pdbx_struct_assembly.oligomeric_count 
1 author_and_software_defined_assembly PISA octameric     8  
2 software_defined_assembly            PQS  hexadecameric 16 
# 
loop_
_pdbx_struct_assembly_prop.biol_id 
_pdbx_struct_assembly_prop.type 
_pdbx_struct_assembly_prop.value 
_pdbx_struct_assembly_prop.details 
1 'ABSA (A^2)' 23200 ? 
1 MORE         -135  ? 
1 'SSA (A^2)'  18210 ? 
# 
loop_
_pdbx_struct_assembly_gen.assembly_id 
_pdbx_struct_assembly_gen.oper_expression 
_pdbx_struct_assembly_gen.asym_id_list 
1 1,2,3,4         A,B,C,D 
2 1,2,3,4,5,6,7,8 A,B,C,D 
# 
loop_
_pdbx_struct_oper_list.id 
_pdbx_struct_oper_list.type 
_pdbx_struct_oper_list.name 
_pdbx_struct_oper_list.symmetry_operation 
_pdbx_struct_oper_list.matrix[1][1] 
_pdbx_struct_oper_list.matrix[1][2] 
_pdbx_struct_oper_list.matrix[1][3] 
_pdbx_struct_oper_list.vector[1] 
_pdbx_struct_oper_list.matrix[2][1] 
_pdbx_struct_oper_list.matrix[2][2] 
_pdbx_struct_oper_list.matrix[2][3] 
_pdbx_struct_oper_list.vector[2] 
_pdbx_struct_oper_list.matrix[3][1] 
_pdbx_struct_oper_list.matrix[3][2] 
_pdbx_struct_oper_list.matrix[3][3] 
_pdbx_struct_oper_list.vector[3] 
1 'identity operation'         1_555 x,y,z        1.0000000000  0.0000000000  0.0000000000  0.0000000000  0.0000000000  1.0000000000  0.0000000000  0.0000000000  0.0000000000  0.0000000000  1.0000000000  0.0000000000   
2 'crystal symmetry operation' 2_575 -x,-y+2,z    -0.4430506898 -0.1284224980 -0.8872506683 14.6613358452 -0.1284224980 -0.9703880808 0.2045840529  28.9541070942 -0.8872506683 0.2045840529  0.4134387705  5.0124077512   
3 'crystal symmetry operation' 3_665 -y+1,x+1,z   0.2784746551  -0.9048772857 -0.3219455921 19.1960809103 0.7764547877  0.0148059596  0.6299990049  6.9918687235  -0.5653050761 -0.4254149520 0.7067193853  11.0378398413  
4 'crystal symmetry operation' 4_465 y-1,-x+1,z   0.2784746551  0.7764547877  -0.5653050761 -4.5347450651 -0.9048772857 0.0148059596  -0.4254149520 21.9622383706 -0.3219455921 0.6299990049  0.7067193853  -6.0254320901  
5 'crystal symmetry operation' 5_555 -x,y,-z      -0.6403123212 -0.6953036178 0.3264245860  39.7082323626 -0.6953036178 0.3440747334  -0.6310035316 11.9233677540 0.3264245860  -0.6310035316 -0.7037624122 -18.3570767913 
6 'crystal symmetry operation' 6_575 x,-y+2,-z    0.0833630110  0.8237261158  0.5608260823  11.8246760868 0.8237261158  -0.3736866526 0.4264194787  8.5288175844  0.5608260823  0.4264194787  -0.7096763584 -35.3689443081 
7 'crystal symmetry operation' 7_465 y-1,x+1,-z   -0.9027120512 0.4302435383  -0.0012042752 26.1582959184 0.4302435383  0.9026971442  -0.0053257533 -5.9829273053 -0.0012042752 -0.0053257533 -0.9999850929 -24.2709146765 
8 'crystal symmetry operation' 8_665 -y+1,-x+1,-z 0.3457627410  -0.3018210404 0.8884549434  25.3746125310 -0.3018210404 -0.9323090634 -0.1992582995 26.4351126437 0.8884549434  -0.1992582995 -0.4134536776 -29.4551064229 
# 
_struct_biol.id                    1 
_struct_biol.details               
;The biological assembly is tetramer from the monomer in the asymmetric unit by the operations: -y+1, x+1, z; -x, -y+2, z; y-1, -x+1,z
;
_struct_biol.pdbx_parent_biol_id   ? 
# 
loop_
_struct_conf.conf_type_id 
_struct_conf.id 
_struct_conf.pdbx_PDB_helix_id 
_struct_conf.beg_label_comp_id 
_struct_conf.beg_label_asym_id 
_struct_conf.beg_label_seq_id 
_struct_conf.pdbx_beg_PDB_ins_code 
_struct_conf.end_label_comp_id 
_struct_conf.end_label_asym_id 
_struct_conf.end_label_seq_id 
_struct_conf.pdbx_end_PDB_ins_code 
_struct_conf.beg_auth_comp_id 
_struct_conf.beg_auth_asym_id 
_struct_conf.beg_auth_seq_id 
_struct_conf.end_auth_comp_id 
_struct_conf.end_auth_asym_id 
_struct_conf.end_auth_seq_id 
_struct_conf.pdbx_PDB_helix_class 
_struct_conf.details 
_struct_conf.pdbx_PDB_helix_length 
HELX_P HELX_P1 1 GLU B 6  ? ALA B 12 ? GLU A 30 ALA A 36  1 ? 7 
HELX_P HELX_P2 2 ALA B 49 ? VAL B 54 ? ALA A 73 VAL A 78  5 ? 6 
HELX_P HELX_P3 3 ASN B 69 ? HIS B 76 ? ASN A 93 HIS A 100 1 ? 8 
# 
_struct_conf_type.id          HELX_P 
_struct_conf_type.criteria    ? 
_struct_conf_type.reference   ? 
# 
_struct_conn.id                            covale1 
_struct_conn.conn_type_id                  covale 
_struct_conn.pdbx_leaving_atom_flag        both 
_struct_conn.pdbx_PDB_id                   ? 
_struct_conn.ptnr1_label_asym_id           B 
_struct_conn.ptnr1_label_comp_id           PYR 
_struct_conn.ptnr1_label_seq_id            1 
_struct_conn.ptnr1_label_atom_id           C 
_struct_conn.pdbx_ptnr1_label_alt_id       ? 
_struct_conn.pdbx_ptnr1_PDB_ins_code       ? 
_struct_conn.pdbx_ptnr1_standard_comp_id   ? 
_struct_conn.ptnr1_symmetry                1_555 
_struct_conn.ptnr2_label_asym_id           B 
_struct_conn.ptnr2_label_comp_id           ILE 
_struct_conn.ptnr2_label_seq_id            2 
_struct_conn.ptnr2_label_atom_id           N 
_struct_conn.pdbx_ptnr2_label_alt_id       ? 
_struct_conn.pdbx_ptnr2_PDB_ins_code       ? 
_struct_conn.ptnr1_auth_asym_id            A 
_struct_conn.ptnr1_auth_comp_id            PYR 
_struct_conn.ptnr1_auth_seq_id             25 
_struct_conn.ptnr2_auth_asym_id            A 
_struct_conn.ptnr2_auth_comp_id            ILE 
_struct_conn.ptnr2_auth_seq_id             26 
_struct_conn.ptnr2_symmetry                1_555 
_struct_conn.pdbx_ptnr3_label_atom_id      ? 
_struct_conn.pdbx_ptnr3_label_seq_id       ? 
_struct_conn.pdbx_ptnr3_label_comp_id      ? 
_struct_conn.pdbx_ptnr3_label_asym_id      ? 
_struct_conn.pdbx_ptnr3_label_alt_id       ? 
_struct_conn.pdbx_ptnr3_PDB_ins_code       ? 
_struct_conn.details                       ? 
_struct_conn.pdbx_dist_value               1.329 
_struct_conn.pdbx_value_order              ? 
_struct_conn.pdbx_role                     ? 
# 
_struct_conn_type.id          covale 
_struct_conn_type.criteria    ? 
_struct_conn_type.reference   ? 
# 
_pdbx_modification_feature.ordinal                            1 
_pdbx_modification_feature.label_comp_id                      PYR 
_pdbx_modification_feature.label_asym_id                      B 
_pdbx_modification_feature.label_seq_id                       1 
_pdbx_modification_feature.label_alt_id                       ? 
_pdbx_modification_feature.modified_residue_label_comp_id     . 
_pdbx_modification_feature.modified_residue_label_asym_id     . 
_pdbx_modification_feature.modified_residue_label_seq_id      . 
_pdbx_modification_feature.modified_residue_label_alt_id      . 
_pdbx_modification_feature.auth_comp_id                       PYR 
_pdbx_modification_feature.auth_asym_id                       A 
_pdbx_modification_feature.auth_seq_id                        25 
_pdbx_modification_feature.PDB_ins_code                       ? 
_pdbx_modification_feature.symmetry                           1_555 
_pdbx_modification_feature.modified_residue_auth_comp_id      . 
_pdbx_modification_feature.modified_residue_auth_asym_id      . 
_pdbx_modification_feature.modified_residue_auth_seq_id       . 
_pdbx_modification_feature.modified_residue_PDB_ins_code      . 
_pdbx_modification_feature.modified_residue_symmetry          . 
_pdbx_modification_feature.comp_id_linking_atom               . 
_pdbx_modification_feature.modified_residue_id_linking_atom   . 
_pdbx_modification_feature.modified_residue_id                ? 
_pdbx_modification_feature.ref_pcm_id                         1 
_pdbx_modification_feature.ref_comp_id                        PYR 
_pdbx_modification_feature.type                               None 
_pdbx_modification_feature.category                           'Non-standard residue' 
# 
loop_
_struct_sheet.id 
_struct_sheet.type 
_struct_sheet.number_strands 
_struct_sheet.details 
A ? 6 ? 
B ? 4 ? 
# 
loop_
_struct_sheet_order.sheet_id 
_struct_sheet_order.range_id_1 
_struct_sheet_order.range_id_2 
_struct_sheet_order.offset 
_struct_sheet_order.sense 
A 1 2 ? anti-parallel 
A 2 3 ? anti-parallel 
A 3 4 ? anti-parallel 
A 4 5 ? parallel      
A 5 6 ? anti-parallel 
B 1 2 ? parallel      
B 2 3 ? anti-parallel 
B 3 4 ? parallel      
# 
loop_
_struct_sheet_range.sheet_id 
_struct_sheet_range.id 
_struct_sheet_range.beg_label_comp_id 
_struct_sheet_range.beg_label_asym_id 
_struct_sheet_range.beg_label_seq_id 
_struct_sheet_range.pdbx_beg_PDB_ins_code 
_struct_sheet_range.end_label_comp_id 
_struct_sheet_range.end_label_asym_id 
_struct_sheet_range.end_label_seq_id 
_struct_sheet_range.pdbx_end_PDB_ins_code 
_struct_sheet_range.beg_auth_comp_id 
_struct_sheet_range.beg_auth_asym_id 
_struct_sheet_range.beg_auth_seq_id 
_struct_sheet_range.end_auth_comp_id 
_struct_sheet_range.end_auth_asym_id 
_struct_sheet_range.end_auth_seq_id 
A 1 ARG B 30 ? TYR B 34 ? ARG A 54  TYR A 58  
A 2 LYS B 19 ? ASP B 24 ? LYS A 43  ASP A 48  
A 3 VAL B 59 ? MET B 68 ? VAL A 83  MET A 92  
A 4 PHE A 3  ? THR A 14 ? PHE B 3   THR B 14  
A 5 SER B 79 ? VAL B 83 ? SER A 103 VAL A 107 
A 6 ILE B 89 ? GLY B 93 ? ILE A 113 GLY A 117 
B 1 ASP A 17 ? ASN A 19 ? ASP B 17  ASN B 19  
B 2 ILE B 44 ? ASN B 47 ? ILE A 68  ASN A 71  
B 3 THR B 3  ? ASP B 5  ? THR A 27  ASP A 29  
B 4 ILE B 36 ? GLY B 38 ? ILE A 60  GLY A 62  
# 
loop_
_pdbx_struct_sheet_hbond.sheet_id 
_pdbx_struct_sheet_hbond.range_id_1 
_pdbx_struct_sheet_hbond.range_id_2 
_pdbx_struct_sheet_hbond.range_1_label_atom_id 
_pdbx_struct_sheet_hbond.range_1_label_comp_id 
_pdbx_struct_sheet_hbond.range_1_label_asym_id 
_pdbx_struct_sheet_hbond.range_1_label_seq_id 
_pdbx_struct_sheet_hbond.range_1_PDB_ins_code 
_pdbx_struct_sheet_hbond.range_1_auth_atom_id 
_pdbx_struct_sheet_hbond.range_1_auth_comp_id 
_pdbx_struct_sheet_hbond.range_1_auth_asym_id 
_pdbx_struct_sheet_hbond.range_1_auth_seq_id 
_pdbx_struct_sheet_hbond.range_2_label_atom_id 
_pdbx_struct_sheet_hbond.range_2_label_comp_id 
_pdbx_struct_sheet_hbond.range_2_label_asym_id 
_pdbx_struct_sheet_hbond.range_2_label_seq_id 
_pdbx_struct_sheet_hbond.range_2_PDB_ins_code 
_pdbx_struct_sheet_hbond.range_2_auth_atom_id 
_pdbx_struct_sheet_hbond.range_2_auth_comp_id 
_pdbx_struct_sheet_hbond.range_2_auth_asym_id 
_pdbx_struct_sheet_hbond.range_2_auth_seq_id 
A 1 2 O PHE B 31 ? O PHE A 55  N ILE B 22 ? N ILE A 46  
A 2 3 N GLU B 21 ? N GLU A 45  O LEU B 63 ? O LEU A 87  
A 3 4 O VAL B 60 ? O VAL A 84  N ALA A 13 ? N ALA B 13  
A 4 5 N HIS A 11 ? N HIS B 11  O VAL B 81 ? O VAL A 105 
A 5 6 N LEU B 82 ? N LEU A 106 O LEU B 90 ? O LEU A 114 
B 1 2 N ASN A 19 ? N ASN B 19  O VAL B 46 ? O VAL A 70  
B 2 3 O CYS B 45 ? O CYS A 69  N THR B 3  ? N THR A 27  
B 3 4 N ILE B 4  ? N ILE A 28  O GLY B 38 ? O GLY A 62  
# 
_struct_site.id                   AC1 
_struct_site.pdbx_evidence_code   Software 
_struct_site.pdbx_auth_asym_id    A 
_struct_site.pdbx_auth_comp_id    PYR 
_struct_site.pdbx_auth_seq_id     25 
_struct_site.pdbx_auth_ins_code   ? 
_struct_site.pdbx_num_residues    5 
_struct_site.details              'BINDING SITE FOR RESIDUE PYR A 25' 
# 
loop_
_struct_site_gen.id 
_struct_site_gen.site_id 
_struct_site_gen.pdbx_num_res 
_struct_site_gen.label_comp_id 
_struct_site_gen.label_asym_id 
_struct_site_gen.label_seq_id 
_struct_site_gen.pdbx_auth_ins_code 
_struct_site_gen.auth_comp_id 
_struct_site_gen.auth_asym_id 
_struct_site_gen.auth_seq_id 
_struct_site_gen.label_atom_id 
_struct_site_gen.label_alt_id 
_struct_site_gen.symmetry 
_struct_site_gen.details 
1 AC1 5 ILE B 2  ? ILE A 26 . ? 1_555 ? 
2 AC1 5 THR B 33 ? THR A 57 . ? 1_555 ? 
3 AC1 5 TYR B 34 ? TYR A 58 . ? 1_555 ? 
4 AC1 5 VAL B 46 ? VAL A 70 . ? 1_555 ? 
5 AC1 5 ASN B 47 ? ASN A 71 . ? 1_555 ? 
# 
_pdbx_entry_details.entry_id                   1UHD 
_pdbx_entry_details.compound_details           ? 
_pdbx_entry_details.source_details             ? 
_pdbx_entry_details.nonpolymer_details         ? 
_pdbx_entry_details.sequence_details           ? 
_pdbx_entry_details.has_ligand_of_interest     ? 
_pdbx_entry_details.has_protein_modification   Y 
# 
loop_
_pdbx_validate_torsion.id 
_pdbx_validate_torsion.PDB_model_num 
_pdbx_validate_torsion.auth_comp_id 
_pdbx_validate_torsion.auth_asym_id 
_pdbx_validate_torsion.auth_seq_id 
_pdbx_validate_torsion.PDB_ins_code 
_pdbx_validate_torsion.label_alt_id 
_pdbx_validate_torsion.phi 
_pdbx_validate_torsion.psi 
1 1 ASN B 21 ? ? -97.53  41.91   
2 1 THR A 57 ? ? -160.21 -165.63 
# 
_pdbx_struct_mod_residue.id               1 
_pdbx_struct_mod_residue.label_asym_id    B 
_pdbx_struct_mod_residue.label_comp_id    PYR 
_pdbx_struct_mod_residue.label_seq_id     1 
_pdbx_struct_mod_residue.auth_asym_id     A 
_pdbx_struct_mod_residue.auth_comp_id     PYR 
_pdbx_struct_mod_residue.auth_seq_id      25 
_pdbx_struct_mod_residue.PDB_ins_code     ? 
_pdbx_struct_mod_residue.parent_comp_id   SER 
_pdbx_struct_mod_residue.details          'POST-TRANSLATIONAL MODIFICATION' 
# 
loop_
_chem_comp_atom.comp_id 
_chem_comp_atom.atom_id 
_chem_comp_atom.type_symbol 
_chem_comp_atom.pdbx_aromatic_flag 
_chem_comp_atom.pdbx_stereo_config 
_chem_comp_atom.pdbx_ordinal 
ALA N    N N N 1   
ALA CA   C N S 2   
ALA C    C N N 3   
ALA O    O N N 4   
ALA CB   C N N 5   
ALA OXT  O N N 6   
ALA H    H N N 7   
ALA H2   H N N 8   
ALA HA   H N N 9   
ALA HB1  H N N 10  
ALA HB2  H N N 11  
ALA HB3  H N N 12  
ALA HXT  H N N 13  
ARG N    N N N 14  
ARG CA   C N S 15  
ARG C    C N N 16  
ARG O    O N N 17  
ARG CB   C N N 18  
ARG CG   C N N 19  
ARG CD   C N N 20  
ARG NE   N N N 21  
ARG CZ   C N N 22  
ARG NH1  N N N 23  
ARG NH2  N N N 24  
ARG OXT  O N N 25  
ARG H    H N N 26  
ARG H2   H N N 27  
ARG HA   H N N 28  
ARG HB2  H N N 29  
ARG HB3  H N N 30  
ARG HG2  H N N 31  
ARG HG3  H N N 32  
ARG HD2  H N N 33  
ARG HD3  H N N 34  
ARG HE   H N N 35  
ARG HH11 H N N 36  
ARG HH12 H N N 37  
ARG HH21 H N N 38  
ARG HH22 H N N 39  
ARG HXT  H N N 40  
ASN N    N N N 41  
ASN CA   C N S 42  
ASN C    C N N 43  
ASN O    O N N 44  
ASN CB   C N N 45  
ASN CG   C N N 46  
ASN OD1  O N N 47  
ASN ND2  N N N 48  
ASN OXT  O N N 49  
ASN H    H N N 50  
ASN H2   H N N 51  
ASN HA   H N N 52  
ASN HB2  H N N 53  
ASN HB3  H N N 54  
ASN HD21 H N N 55  
ASN HD22 H N N 56  
ASN HXT  H N N 57  
ASP N    N N N 58  
ASP CA   C N S 59  
ASP C    C N N 60  
ASP O    O N N 61  
ASP CB   C N N 62  
ASP CG   C N N 63  
ASP OD1  O N N 64  
ASP OD2  O N N 65  
ASP OXT  O N N 66  
ASP H    H N N 67  
ASP H2   H N N 68  
ASP HA   H N N 69  
ASP HB2  H N N 70  
ASP HB3  H N N 71  
ASP HD2  H N N 72  
ASP HXT  H N N 73  
CYS N    N N N 74  
CYS CA   C N R 75  
CYS C    C N N 76  
CYS O    O N N 77  
CYS CB   C N N 78  
CYS SG   S N N 79  
CYS OXT  O N N 80  
CYS H    H N N 81  
CYS H2   H N N 82  
CYS HA   H N N 83  
CYS HB2  H N N 84  
CYS HB3  H N N 85  
CYS HG   H N N 86  
CYS HXT  H N N 87  
GLU N    N N N 88  
GLU CA   C N S 89  
GLU C    C N N 90  
GLU O    O N N 91  
GLU CB   C N N 92  
GLU CG   C N N 93  
GLU CD   C N N 94  
GLU OE1  O N N 95  
GLU OE2  O N N 96  
GLU OXT  O N N 97  
GLU H    H N N 98  
GLU H2   H N N 99  
GLU HA   H N N 100 
GLU HB2  H N N 101 
GLU HB3  H N N 102 
GLU HG2  H N N 103 
GLU HG3  H N N 104 
GLU HE2  H N N 105 
GLU HXT  H N N 106 
GLY N    N N N 107 
GLY CA   C N N 108 
GLY C    C N N 109 
GLY O    O N N 110 
GLY OXT  O N N 111 
GLY H    H N N 112 
GLY H2   H N N 113 
GLY HA2  H N N 114 
GLY HA3  H N N 115 
GLY HXT  H N N 116 
HIS N    N N N 117 
HIS CA   C N S 118 
HIS C    C N N 119 
HIS O    O N N 120 
HIS CB   C N N 121 
HIS CG   C Y N 122 
HIS ND1  N Y N 123 
HIS CD2  C Y N 124 
HIS CE1  C Y N 125 
HIS NE2  N Y N 126 
HIS OXT  O N N 127 
HIS H    H N N 128 
HIS H2   H N N 129 
HIS HA   H N N 130 
HIS HB2  H N N 131 
HIS HB3  H N N 132 
HIS HD1  H N N 133 
HIS HD2  H N N 134 
HIS HE1  H N N 135 
HIS HE2  H N N 136 
HIS HXT  H N N 137 
HOH O    O N N 138 
HOH H1   H N N 139 
HOH H2   H N N 140 
ILE N    N N N 141 
ILE CA   C N S 142 
ILE C    C N N 143 
ILE O    O N N 144 
ILE CB   C N S 145 
ILE CG1  C N N 146 
ILE CG2  C N N 147 
ILE CD1  C N N 148 
ILE OXT  O N N 149 
ILE H    H N N 150 
ILE H2   H N N 151 
ILE HA   H N N 152 
ILE HB   H N N 153 
ILE HG12 H N N 154 
ILE HG13 H N N 155 
ILE HG21 H N N 156 
ILE HG22 H N N 157 
ILE HG23 H N N 158 
ILE HD11 H N N 159 
ILE HD12 H N N 160 
ILE HD13 H N N 161 
ILE HXT  H N N 162 
LEU N    N N N 163 
LEU CA   C N S 164 
LEU C    C N N 165 
LEU O    O N N 166 
LEU CB   C N N 167 
LEU CG   C N N 168 
LEU CD1  C N N 169 
LEU CD2  C N N 170 
LEU OXT  O N N 171 
LEU H    H N N 172 
LEU H2   H N N 173 
LEU HA   H N N 174 
LEU HB2  H N N 175 
LEU HB3  H N N 176 
LEU HG   H N N 177 
LEU HD11 H N N 178 
LEU HD12 H N N 179 
LEU HD13 H N N 180 
LEU HD21 H N N 181 
LEU HD22 H N N 182 
LEU HD23 H N N 183 
LEU HXT  H N N 184 
LYS N    N N N 185 
LYS CA   C N S 186 
LYS C    C N N 187 
LYS O    O N N 188 
LYS CB   C N N 189 
LYS CG   C N N 190 
LYS CD   C N N 191 
LYS CE   C N N 192 
LYS NZ   N N N 193 
LYS OXT  O N N 194 
LYS H    H N N 195 
LYS H2   H N N 196 
LYS HA   H N N 197 
LYS HB2  H N N 198 
LYS HB3  H N N 199 
LYS HG2  H N N 200 
LYS HG3  H N N 201 
LYS HD2  H N N 202 
LYS HD3  H N N 203 
LYS HE2  H N N 204 
LYS HE3  H N N 205 
LYS HZ1  H N N 206 
LYS HZ2  H N N 207 
LYS HZ3  H N N 208 
LYS HXT  H N N 209 
MET N    N N N 210 
MET CA   C N S 211 
MET C    C N N 212 
MET O    O N N 213 
MET CB   C N N 214 
MET CG   C N N 215 
MET SD   S N N 216 
MET CE   C N N 217 
MET OXT  O N N 218 
MET H    H N N 219 
MET H2   H N N 220 
MET HA   H N N 221 
MET HB2  H N N 222 
MET HB3  H N N 223 
MET HG2  H N N 224 
MET HG3  H N N 225 
MET HE1  H N N 226 
MET HE2  H N N 227 
MET HE3  H N N 228 
MET HXT  H N N 229 
PHE N    N N N 230 
PHE CA   C N S 231 
PHE C    C N N 232 
PHE O    O N N 233 
PHE CB   C N N 234 
PHE CG   C Y N 235 
PHE CD1  C Y N 236 
PHE CD2  C Y N 237 
PHE CE1  C Y N 238 
PHE CE2  C Y N 239 
PHE CZ   C Y N 240 
PHE OXT  O N N 241 
PHE H    H N N 242 
PHE H2   H N N 243 
PHE HA   H N N 244 
PHE HB2  H N N 245 
PHE HB3  H N N 246 
PHE HD1  H N N 247 
PHE HD2  H N N 248 
PHE HE1  H N N 249 
PHE HE2  H N N 250 
PHE HZ   H N N 251 
PHE HXT  H N N 252 
PRO N    N N N 253 
PRO CA   C N S 254 
PRO C    C N N 255 
PRO O    O N N 256 
PRO CB   C N N 257 
PRO CG   C N N 258 
PRO CD   C N N 259 
PRO OXT  O N N 260 
PRO H    H N N 261 
PRO HA   H N N 262 
PRO HB2  H N N 263 
PRO HB3  H N N 264 
PRO HG2  H N N 265 
PRO HG3  H N N 266 
PRO HD2  H N N 267 
PRO HD3  H N N 268 
PRO HXT  H N N 269 
PYR C    C N N 270 
PYR O    O N N 271 
PYR OXT  O N N 272 
PYR CA   C N N 273 
PYR O3   O N N 274 
PYR CB   C N N 275 
PYR HXT  H N N 276 
PYR HB1  H N N 277 
PYR HB2  H N N 278 
PYR HB3  H N N 279 
SER N    N N N 280 
SER CA   C N S 281 
SER C    C N N 282 
SER O    O N N 283 
SER CB   C N N 284 
SER OG   O N N 285 
SER OXT  O N N 286 
SER H    H N N 287 
SER H2   H N N 288 
SER HA   H N N 289 
SER HB2  H N N 290 
SER HB3  H N N 291 
SER HG   H N N 292 
SER HXT  H N N 293 
THR N    N N N 294 
THR CA   C N S 295 
THR C    C N N 296 
THR O    O N N 297 
THR CB   C N R 298 
THR OG1  O N N 299 
THR CG2  C N N 300 
THR OXT  O N N 301 
THR H    H N N 302 
THR H2   H N N 303 
THR HA   H N N 304 
THR HB   H N N 305 
THR HG1  H N N 306 
THR HG21 H N N 307 
THR HG22 H N N 308 
THR HG23 H N N 309 
THR HXT  H N N 310 
TYR N    N N N 311 
TYR CA   C N S 312 
TYR C    C N N 313 
TYR O    O N N 314 
TYR CB   C N N 315 
TYR CG   C Y N 316 
TYR CD1  C Y N 317 
TYR CD2  C Y N 318 
TYR CE1  C Y N 319 
TYR CE2  C Y N 320 
TYR CZ   C Y N 321 
TYR OH   O N N 322 
TYR OXT  O N N 323 
TYR H    H N N 324 
TYR H2   H N N 325 
TYR HA   H N N 326 
TYR HB2  H N N 327 
TYR HB3  H N N 328 
TYR HD1  H N N 329 
TYR HD2  H N N 330 
TYR HE1  H N N 331 
TYR HE2  H N N 332 
TYR HH   H N N 333 
TYR HXT  H N N 334 
VAL N    N N N 335 
VAL CA   C N S 336 
VAL C    C N N 337 
VAL O    O N N 338 
VAL CB   C N N 339 
VAL CG1  C N N 340 
VAL CG2  C N N 341 
VAL OXT  O N N 342 
VAL H    H N N 343 
VAL H2   H N N 344 
VAL HA   H N N 345 
VAL HB   H N N 346 
VAL HG11 H N N 347 
VAL HG12 H N N 348 
VAL HG13 H N N 349 
VAL HG21 H N N 350 
VAL HG22 H N N 351 
VAL HG23 H N N 352 
VAL HXT  H N N 353 
# 
loop_
_chem_comp_bond.comp_id 
_chem_comp_bond.atom_id_1 
_chem_comp_bond.atom_id_2 
_chem_comp_bond.value_order 
_chem_comp_bond.pdbx_aromatic_flag 
_chem_comp_bond.pdbx_stereo_config 
_chem_comp_bond.pdbx_ordinal 
ALA N   CA   sing N N 1   
ALA N   H    sing N N 2   
ALA N   H2   sing N N 3   
ALA CA  C    sing N N 4   
ALA CA  CB   sing N N 5   
ALA CA  HA   sing N N 6   
ALA C   O    doub N N 7   
ALA C   OXT  sing N N 8   
ALA CB  HB1  sing N N 9   
ALA CB  HB2  sing N N 10  
ALA CB  HB3  sing N N 11  
ALA OXT HXT  sing N N 12  
ARG N   CA   sing N N 13  
ARG N   H    sing N N 14  
ARG N   H2   sing N N 15  
ARG CA  C    sing N N 16  
ARG CA  CB   sing N N 17  
ARG CA  HA   sing N N 18  
ARG C   O    doub N N 19  
ARG C   OXT  sing N N 20  
ARG CB  CG   sing N N 21  
ARG CB  HB2  sing N N 22  
ARG CB  HB3  sing N N 23  
ARG CG  CD   sing N N 24  
ARG CG  HG2  sing N N 25  
ARG CG  HG3  sing N N 26  
ARG CD  NE   sing N N 27  
ARG CD  HD2  sing N N 28  
ARG CD  HD3  sing N N 29  
ARG NE  CZ   sing N N 30  
ARG NE  HE   sing N N 31  
ARG CZ  NH1  sing N N 32  
ARG CZ  NH2  doub N N 33  
ARG NH1 HH11 sing N N 34  
ARG NH1 HH12 sing N N 35  
ARG NH2 HH21 sing N N 36  
ARG NH2 HH22 sing N N 37  
ARG OXT HXT  sing N N 38  
ASN N   CA   sing N N 39  
ASN N   H    sing N N 40  
ASN N   H2   sing N N 41  
ASN CA  C    sing N N 42  
ASN CA  CB   sing N N 43  
ASN CA  HA   sing N N 44  
ASN C   O    doub N N 45  
ASN C   OXT  sing N N 46  
ASN CB  CG   sing N N 47  
ASN CB  HB2  sing N N 48  
ASN CB  HB3  sing N N 49  
ASN CG  OD1  doub N N 50  
ASN CG  ND2  sing N N 51  
ASN ND2 HD21 sing N N 52  
ASN ND2 HD22 sing N N 53  
ASN OXT HXT  sing N N 54  
ASP N   CA   sing N N 55  
ASP N   H    sing N N 56  
ASP N   H2   sing N N 57  
ASP CA  C    sing N N 58  
ASP CA  CB   sing N N 59  
ASP CA  HA   sing N N 60  
ASP C   O    doub N N 61  
ASP C   OXT  sing N N 62  
ASP CB  CG   sing N N 63  
ASP CB  HB2  sing N N 64  
ASP CB  HB3  sing N N 65  
ASP CG  OD1  doub N N 66  
ASP CG  OD2  sing N N 67  
ASP OD2 HD2  sing N N 68  
ASP OXT HXT  sing N N 69  
CYS N   CA   sing N N 70  
CYS N   H    sing N N 71  
CYS N   H2   sing N N 72  
CYS CA  C    sing N N 73  
CYS CA  CB   sing N N 74  
CYS CA  HA   sing N N 75  
CYS C   O    doub N N 76  
CYS C   OXT  sing N N 77  
CYS CB  SG   sing N N 78  
CYS CB  HB2  sing N N 79  
CYS CB  HB3  sing N N 80  
CYS SG  HG   sing N N 81  
CYS OXT HXT  sing N N 82  
GLU N   CA   sing N N 83  
GLU N   H    sing N N 84  
GLU N   H2   sing N N 85  
GLU CA  C    sing N N 86  
GLU CA  CB   sing N N 87  
GLU CA  HA   sing N N 88  
GLU C   O    doub N N 89  
GLU C   OXT  sing N N 90  
GLU CB  CG   sing N N 91  
GLU CB  HB2  sing N N 92  
GLU CB  HB3  sing N N 93  
GLU CG  CD   sing N N 94  
GLU CG  HG2  sing N N 95  
GLU CG  HG3  sing N N 96  
GLU CD  OE1  doub N N 97  
GLU CD  OE2  sing N N 98  
GLU OE2 HE2  sing N N 99  
GLU OXT HXT  sing N N 100 
GLY N   CA   sing N N 101 
GLY N   H    sing N N 102 
GLY N   H2   sing N N 103 
GLY CA  C    sing N N 104 
GLY CA  HA2  sing N N 105 
GLY CA  HA3  sing N N 106 
GLY C   O    doub N N 107 
GLY C   OXT  sing N N 108 
GLY OXT HXT  sing N N 109 
HIS N   CA   sing N N 110 
HIS N   H    sing N N 111 
HIS N   H2   sing N N 112 
HIS CA  C    sing N N 113 
HIS CA  CB   sing N N 114 
HIS CA  HA   sing N N 115 
HIS C   O    doub N N 116 
HIS C   OXT  sing N N 117 
HIS CB  CG   sing N N 118 
HIS CB  HB2  sing N N 119 
HIS CB  HB3  sing N N 120 
HIS CG  ND1  sing Y N 121 
HIS CG  CD2  doub Y N 122 
HIS ND1 CE1  doub Y N 123 
HIS ND1 HD1  sing N N 124 
HIS CD2 NE2  sing Y N 125 
HIS CD2 HD2  sing N N 126 
HIS CE1 NE2  sing Y N 127 
HIS CE1 HE1  sing N N 128 
HIS NE2 HE2  sing N N 129 
HIS OXT HXT  sing N N 130 
HOH O   H1   sing N N 131 
HOH O   H2   sing N N 132 
ILE N   CA   sing N N 133 
ILE N   H    sing N N 134 
ILE N   H2   sing N N 135 
ILE CA  C    sing N N 136 
ILE CA  CB   sing N N 137 
ILE CA  HA   sing N N 138 
ILE C   O    doub N N 139 
ILE C   OXT  sing N N 140 
ILE CB  CG1  sing N N 141 
ILE CB  CG2  sing N N 142 
ILE CB  HB   sing N N 143 
ILE CG1 CD1  sing N N 144 
ILE CG1 HG12 sing N N 145 
ILE CG1 HG13 sing N N 146 
ILE CG2 HG21 sing N N 147 
ILE CG2 HG22 sing N N 148 
ILE CG2 HG23 sing N N 149 
ILE CD1 HD11 sing N N 150 
ILE CD1 HD12 sing N N 151 
ILE CD1 HD13 sing N N 152 
ILE OXT HXT  sing N N 153 
LEU N   CA   sing N N 154 
LEU N   H    sing N N 155 
LEU N   H2   sing N N 156 
LEU CA  C    sing N N 157 
LEU CA  CB   sing N N 158 
LEU CA  HA   sing N N 159 
LEU C   O    doub N N 160 
LEU C   OXT  sing N N 161 
LEU CB  CG   sing N N 162 
LEU CB  HB2  sing N N 163 
LEU CB  HB3  sing N N 164 
LEU CG  CD1  sing N N 165 
LEU CG  CD2  sing N N 166 
LEU CG  HG   sing N N 167 
LEU CD1 HD11 sing N N 168 
LEU CD1 HD12 sing N N 169 
LEU CD1 HD13 sing N N 170 
LEU CD2 HD21 sing N N 171 
LEU CD2 HD22 sing N N 172 
LEU CD2 HD23 sing N N 173 
LEU OXT HXT  sing N N 174 
LYS N   CA   sing N N 175 
LYS N   H    sing N N 176 
LYS N   H2   sing N N 177 
LYS CA  C    sing N N 178 
LYS CA  CB   sing N N 179 
LYS CA  HA   sing N N 180 
LYS C   O    doub N N 181 
LYS C   OXT  sing N N 182 
LYS CB  CG   sing N N 183 
LYS CB  HB2  sing N N 184 
LYS CB  HB3  sing N N 185 
LYS CG  CD   sing N N 186 
LYS CG  HG2  sing N N 187 
LYS CG  HG3  sing N N 188 
LYS CD  CE   sing N N 189 
LYS CD  HD2  sing N N 190 
LYS CD  HD3  sing N N 191 
LYS CE  NZ   sing N N 192 
LYS CE  HE2  sing N N 193 
LYS CE  HE3  sing N N 194 
LYS NZ  HZ1  sing N N 195 
LYS NZ  HZ2  sing N N 196 
LYS NZ  HZ3  sing N N 197 
LYS OXT HXT  sing N N 198 
MET N   CA   sing N N 199 
MET N   H    sing N N 200 
MET N   H2   sing N N 201 
MET CA  C    sing N N 202 
MET CA  CB   sing N N 203 
MET CA  HA   sing N N 204 
MET C   O    doub N N 205 
MET C   OXT  sing N N 206 
MET CB  CG   sing N N 207 
MET CB  HB2  sing N N 208 
MET CB  HB3  sing N N 209 
MET CG  SD   sing N N 210 
MET CG  HG2  sing N N 211 
MET CG  HG3  sing N N 212 
MET SD  CE   sing N N 213 
MET CE  HE1  sing N N 214 
MET CE  HE2  sing N N 215 
MET CE  HE3  sing N N 216 
MET OXT HXT  sing N N 217 
PHE N   CA   sing N N 218 
PHE N   H    sing N N 219 
PHE N   H2   sing N N 220 
PHE CA  C    sing N N 221 
PHE CA  CB   sing N N 222 
PHE CA  HA   sing N N 223 
PHE C   O    doub N N 224 
PHE C   OXT  sing N N 225 
PHE CB  CG   sing N N 226 
PHE CB  HB2  sing N N 227 
PHE CB  HB3  sing N N 228 
PHE CG  CD1  doub Y N 229 
PHE CG  CD2  sing Y N 230 
PHE CD1 CE1  sing Y N 231 
PHE CD1 HD1  sing N N 232 
PHE CD2 CE2  doub Y N 233 
PHE CD2 HD2  sing N N 234 
PHE CE1 CZ   doub Y N 235 
PHE CE1 HE1  sing N N 236 
PHE CE2 CZ   sing Y N 237 
PHE CE2 HE2  sing N N 238 
PHE CZ  HZ   sing N N 239 
PHE OXT HXT  sing N N 240 
PRO N   CA   sing N N 241 
PRO N   CD   sing N N 242 
PRO N   H    sing N N 243 
PRO CA  C    sing N N 244 
PRO CA  CB   sing N N 245 
PRO CA  HA   sing N N 246 
PRO C   O    doub N N 247 
PRO C   OXT  sing N N 248 
PRO CB  CG   sing N N 249 
PRO CB  HB2  sing N N 250 
PRO CB  HB3  sing N N 251 
PRO CG  CD   sing N N 252 
PRO CG  HG2  sing N N 253 
PRO CG  HG3  sing N N 254 
PRO CD  HD2  sing N N 255 
PRO CD  HD3  sing N N 256 
PRO OXT HXT  sing N N 257 
PYR C   O    doub N N 258 
PYR C   OXT  sing N N 259 
PYR C   CA   sing N N 260 
PYR OXT HXT  sing N N 261 
PYR CA  O3   doub N N 262 
PYR CA  CB   sing N N 263 
PYR CB  HB1  sing N N 264 
PYR CB  HB2  sing N N 265 
PYR CB  HB3  sing N N 266 
SER N   CA   sing N N 267 
SER N   H    sing N N 268 
SER N   H2   sing N N 269 
SER CA  C    sing N N 270 
SER CA  CB   sing N N 271 
SER CA  HA   sing N N 272 
SER C   O    doub N N 273 
SER C   OXT  sing N N 274 
SER CB  OG   sing N N 275 
SER CB  HB2  sing N N 276 
SER CB  HB3  sing N N 277 
SER OG  HG   sing N N 278 
SER OXT HXT  sing N N 279 
THR N   CA   sing N N 280 
THR N   H    sing N N 281 
THR N   H2   sing N N 282 
THR CA  C    sing N N 283 
THR CA  CB   sing N N 284 
THR CA  HA   sing N N 285 
THR C   O    doub N N 286 
THR C   OXT  sing N N 287 
THR CB  OG1  sing N N 288 
THR CB  CG2  sing N N 289 
THR CB  HB   sing N N 290 
THR OG1 HG1  sing N N 291 
THR CG2 HG21 sing N N 292 
THR CG2 HG22 sing N N 293 
THR CG2 HG23 sing N N 294 
THR OXT HXT  sing N N 295 
TYR N   CA   sing N N 296 
TYR N   H    sing N N 297 
TYR N   H2   sing N N 298 
TYR CA  C    sing N N 299 
TYR CA  CB   sing N N 300 
TYR CA  HA   sing N N 301 
TYR C   O    doub N N 302 
TYR C   OXT  sing N N 303 
TYR CB  CG   sing N N 304 
TYR CB  HB2  sing N N 305 
TYR CB  HB3  sing N N 306 
TYR CG  CD1  doub Y N 307 
TYR CG  CD2  sing Y N 308 
TYR CD1 CE1  sing Y N 309 
TYR CD1 HD1  sing N N 310 
TYR CD2 CE2  doub Y N 311 
TYR CD2 HD2  sing N N 312 
TYR CE1 CZ   doub Y N 313 
TYR CE1 HE1  sing N N 314 
TYR CE2 CZ   sing Y N 315 
TYR CE2 HE2  sing N N 316 
TYR CZ  OH   sing N N 317 
TYR OH  HH   sing N N 318 
TYR OXT HXT  sing N N 319 
VAL N   CA   sing N N 320 
VAL N   H    sing N N 321 
VAL N   H2   sing N N 322 
VAL CA  C    sing N N 323 
VAL CA  CB   sing N N 324 
VAL CA  HA   sing N N 325 
VAL C   O    doub N N 326 
VAL C   OXT  sing N N 327 
VAL CB  CG1  sing N N 328 
VAL CB  CG2  sing N N 329 
VAL CB  HB   sing N N 330 
VAL CG1 HG11 sing N N 331 
VAL CG1 HG12 sing N N 332 
VAL CG1 HG13 sing N N 333 
VAL CG2 HG21 sing N N 334 
VAL CG2 HG22 sing N N 335 
VAL CG2 HG23 sing N N 336 
VAL OXT HXT  sing N N 337 
# 
_atom_sites.entry_id                    1UHD 
_atom_sites.fract_transf_matrix[1][1]   0.00898938 
_atom_sites.fract_transf_matrix[1][2]   0.00683500 
_atom_sites.fract_transf_matrix[1][3]   0.00465355 
_atom_sites.fract_transf_matrix[2][1]   -0.00517971 
_atom_sites.fract_transf_matrix[2][2]   0.01001278 
_atom_sites.fract_transf_matrix[2][3]   -0.00470071 
_atom_sites.fract_transf_matrix[3][1]   -0.00561744 
_atom_sites.fract_transf_matrix[3][2]   0.00129528 
_atom_sites.fract_transf_matrix[3][3]   0.00894889 
_atom_sites.fract_transf_vector[1]      -0.176512 
_atom_sites.fract_transf_vector[2]      0.904817 
_atom_sites.fract_transf_vector[3]      0.185945 
# 
loop_
_atom_type.symbol 
C 
N 
O 
S 
# 
loop_
_atom_site.group_PDB 
_atom_site.id 
_atom_site.type_symbol 
_atom_site.label_atom_id 
_atom_site.label_alt_id 
_atom_site.label_comp_id 
_atom_site.label_asym_id 
_atom_site.label_entity_id 
_atom_site.label_seq_id 
_atom_site.pdbx_PDB_ins_code 
_atom_site.Cartn_x 
_atom_site.Cartn_y 
_atom_site.Cartn_z 
_atom_site.occupancy 
_atom_site.B_iso_or_equiv 
_atom_site.pdbx_formal_charge 
_atom_site.auth_seq_id 
_atom_site.auth_comp_id 
_atom_site.auth_asym_id 
_atom_site.auth_atom_id 
_atom_site.pdbx_PDB_model_num 
ATOM   1   N N   . MET A 1 1  ? 4.039   15.391  22.039  1.00 32.31 ? 1   MET B N   1 
ATOM   2   C CA  . MET A 1 1  ? 5.048   15.073  20.987  1.00 32.09 ? 1   MET B CA  1 
ATOM   3   C C   . MET A 1 1  ? 4.621   13.808  20.256  1.00 32.12 ? 1   MET B C   1 
ATOM   4   O O   . MET A 1 1  ? 4.264   12.813  20.888  1.00 32.17 ? 1   MET B O   1 
ATOM   5   C CB  . MET A 1 1  ? 6.426   14.862  21.630  1.00 32.06 ? 1   MET B CB  1 
ATOM   6   C CG  . MET A 1 1  ? 7.583   14.782  20.645  1.00 28.68 ? 1   MET B CG  1 
ATOM   7   S SD  . MET A 1 1  ? 9.206   14.682  21.429  1.00 18.89 ? 1   MET B SD  1 
ATOM   8   C CE  . MET A 1 1  ? 9.325   16.293  22.106  1.00 26.59 ? 1   MET B CE  1 
ATOM   9   N N   . THR A 1 2  ? 4.642   13.847  18.928  1.00 30.12 ? 2   THR B N   1 
ATOM   10  C CA  . THR A 1 2  ? 4.261   12.685  18.136  1.00 29.97 ? 2   THR B CA  1 
ATOM   11  C C   . THR A 1 2  ? 5.326   12.345  17.096  1.00 28.53 ? 2   THR B C   1 
ATOM   12  O O   . THR A 1 2  ? 6.100   13.207  16.678  1.00 25.34 ? 2   THR B O   1 
ATOM   13  C CB  . THR A 1 2  ? 2.916   12.907  17.403  1.00 30.94 ? 2   THR B CB  1 
ATOM   14  O OG1 . THR A 1 2  ? 3.019   14.044  16.541  1.00 30.90 ? 2   THR B OG1 1 
ATOM   15  C CG2 . THR A 1 2  ? 1.795   13.137  18.404  1.00 32.40 ? 2   THR B CG2 1 
ATOM   16  N N   . PHE A 1 3  ? 5.350   11.079  16.688  1.00 26.73 ? 3   PHE B N   1 
ATOM   17  C CA  . PHE A 1 3  ? 6.301   10.595  15.693  1.00 27.10 ? 3   PHE B CA  1 
ATOM   18  C C   . PHE A 1 3  ? 5.553   9.777   14.655  1.00 27.65 ? 3   PHE B C   1 
ATOM   19  O O   . PHE A 1 3  ? 4.599   9.076   14.988  1.00 29.25 ? 3   PHE B O   1 
ATOM   20  C CB  . PHE A 1 3  ? 7.354   9.676   16.331  1.00 26.74 ? 3   PHE B CB  1 
ATOM   21  C CG  . PHE A 1 3  ? 8.055   10.269  17.521  1.00 28.31 ? 3   PHE B CG  1 
ATOM   22  C CD1 . PHE A 1 3  ? 7.406   10.367  18.751  1.00 28.87 ? 3   PHE B CD1 1 
ATOM   23  C CD2 . PHE A 1 3  ? 9.366   10.722  17.414  1.00 26.68 ? 3   PHE B CD2 1 
ATOM   24  C CE1 . PHE A 1 3  ? 8.055   10.907  19.860  1.00 31.38 ? 3   PHE B CE1 1 
ATOM   25  C CE2 . PHE A 1 3  ? 10.024  11.263  18.517  1.00 30.50 ? 3   PHE B CE2 1 
ATOM   26  C CZ  . PHE A 1 3  ? 9.369   11.357  19.741  1.00 30.18 ? 3   PHE B CZ  1 
ATOM   27  N N   . GLU A 1 4  ? 5.976   9.869   13.398  1.00 25.16 ? 4   GLU B N   1 
ATOM   28  C CA  . GLU A 1 4  ? 5.349   9.068   12.355  1.00 23.73 ? 4   GLU B CA  1 
ATOM   29  C C   . GLU A 1 4  ? 5.911   7.669   12.542  1.00 21.16 ? 4   GLU B C   1 
ATOM   30  O O   . GLU A 1 4  ? 7.129   7.480   12.567  1.00 21.23 ? 4   GLU B O   1 
ATOM   31  C CB  . GLU A 1 4  ? 5.709   9.594   10.961  1.00 25.20 ? 4   GLU B CB  1 
ATOM   32  C CG  . GLU A 1 4  ? 4.881   10.786  10.521  1.00 28.55 ? 4   GLU B CG  1 
ATOM   33  C CD  . GLU A 1 4  ? 5.169   11.190  9.086   1.00 30.62 ? 4   GLU B CD  1 
ATOM   34  O OE1 . GLU A 1 4  ? 6.016   12.079  8.870   1.00 30.86 ? 4   GLU B OE1 1 
ATOM   35  O OE2 . GLU A 1 4  ? 4.552   10.603  8.173   1.00 33.24 ? 4   GLU B OE2 1 
ATOM   36  N N   . MET A 1 5  ? 5.022   6.695   12.687  1.00 21.32 ? 5   MET B N   1 
ATOM   37  C CA  . MET A 1 5  ? 5.426   5.311   12.890  1.00 21.36 ? 5   MET B CA  1 
ATOM   38  C C   . MET A 1 5  ? 4.793   4.424   11.825  1.00 21.45 ? 5   MET B C   1 
ATOM   39  O O   . MET A 1 5  ? 3.688   4.700   11.362  1.00 21.18 ? 5   MET B O   1 
ATOM   40  C CB  . MET A 1 5  ? 4.977   4.839   14.277  1.00 19.62 ? 5   MET B CB  1 
ATOM   41  C CG  . MET A 1 5  ? 5.537   5.660   15.452  1.00 17.75 ? 5   MET B CG  1 
ATOM   42  S SD  . MET A 1 5  ? 7.265   5.359   15.813  1.00 12.83 ? 5   MET B SD  1 
ATOM   43  C CE  . MET A 1 5  ? 7.226   3.677   16.135  1.00 19.68 ? 5   MET B CE  1 
ATOM   44  N N   . LEU A 1 6  ? 5.493   3.363   11.439  1.00 23.14 ? 6   LEU B N   1 
ATOM   45  C CA  . LEU A 1 6  ? 4.960   2.443   10.444  1.00 24.78 ? 6   LEU B CA  1 
ATOM   46  C C   . LEU A 1 6  ? 3.674   1.857   11.026  1.00 26.50 ? 6   LEU B C   1 
ATOM   47  O O   . LEU A 1 6  ? 3.706   1.174   12.055  1.00 24.32 ? 6   LEU B O   1 
ATOM   48  C CB  . LEU A 1 6  ? 5.951   1.309   10.163  1.00 26.59 ? 6   LEU B CB  1 
ATOM   49  C CG  . LEU A 1 6  ? 5.698   0.381   8.958   1.00 30.12 ? 6   LEU B CG  1 
ATOM   50  C CD1 . LEU A 1 6  ? 6.616   -0.821  9.075   1.00 30.02 ? 6   LEU B CD1 1 
ATOM   51  C CD2 . LEU A 1 6  ? 4.259   -0.097  8.904   1.00 32.24 ? 6   LEU B CD2 1 
ATOM   52  N N   . TYR A 1 7  ? 2.552   2.135   10.370  1.00 25.56 ? 7   TYR B N   1 
ATOM   53  C CA  . TYR A 1 7  ? 1.256   1.631   10.815  1.00 26.13 ? 7   TYR B CA  1 
ATOM   54  C C   . TYR A 1 7  ? 0.996   0.262   10.187  1.00 25.91 ? 7   TYR B C   1 
ATOM   55  O O   . TYR A 1 7  ? 0.673   -0.701  10.886  1.00 23.38 ? 7   TYR B O   1 
ATOM   56  C CB  . TYR A 1 7  ? 0.150   2.610   10.420  1.00 26.98 ? 7   TYR B CB  1 
ATOM   57  C CG  . TYR A 1 7  ? -1.237  2.192   10.866  1.00 29.90 ? 7   TYR B CG  1 
ATOM   58  C CD1 . TYR A 1 7  ? -1.583  2.166   12.222  1.00 31.59 ? 7   TYR B CD1 1 
ATOM   59  C CD2 . TYR A 1 7  ? -2.211  1.846   9.931   1.00 30.81 ? 7   TYR B CD2 1 
ATOM   60  C CE1 . TYR A 1 7  ? -2.876  1.805   12.629  1.00 32.21 ? 7   TYR B CE1 1 
ATOM   61  C CE2 . TYR A 1 7  ? -3.495  1.487   10.325  1.00 31.69 ? 7   TYR B CE2 1 
ATOM   62  C CZ  . TYR A 1 7  ? -3.824  1.470   11.671  1.00 32.88 ? 7   TYR B CZ  1 
ATOM   63  O OH  . TYR A 1 7  ? -5.103  1.124   12.045  1.00 33.88 ? 7   TYR B OH  1 
ATOM   64  N N   . SER A 1 8  ? 1.144   0.176   8.866   1.00 23.58 ? 8   SER B N   1 
ATOM   65  C CA  . SER A 1 8  ? 0.948   -1.082  8.156   1.00 23.52 ? 8   SER B CA  1 
ATOM   66  C C   . SER A 1 8  ? 1.683   -1.058  6.821   1.00 24.80 ? 8   SER B C   1 
ATOM   67  O O   . SER A 1 8  ? 2.117   -0.004  6.348   1.00 22.92 ? 8   SER B O   1 
ATOM   68  C CB  . SER A 1 8  ? -0.538  -1.343  7.898   1.00 24.98 ? 8   SER B CB  1 
ATOM   69  O OG  . SER A 1 8  ? -1.020  -0.574  6.808   1.00 26.31 ? 8   SER B OG  1 
ATOM   70  N N   . LYS A 1 9  ? 1.832   -2.226  6.217   1.00 23.90 ? 9   LYS B N   1 
ATOM   71  C CA  . LYS A 1 9  ? 2.497   -2.304  4.929   1.00 25.60 ? 9   LYS B CA  1 
ATOM   72  C C   . LYS A 1 9  ? 2.122   -3.571  4.200   1.00 25.07 ? 9   LYS B C   1 
ATOM   73  O O   . LYS A 1 9  ? 1.887   -4.616  4.811   1.00 25.73 ? 9   LYS B O   1 
ATOM   74  C CB  . LYS A 1 9  ? 4.022   -2.263  5.086   1.00 27.81 ? 9   LYS B CB  1 
ATOM   75  C CG  . LYS A 1 9  ? 4.601   -3.448  5.834   1.00 31.12 ? 9   LYS B CG  1 
ATOM   76  C CD  . LYS A 1 9  ? 6.130   -3.494  5.757   1.00 34.03 ? 9   LYS B CD  1 
ATOM   77  C CE  . LYS A 1 9  ? 6.620   -3.861  4.364   1.00 35.23 ? 9   LYS B CE  1 
ATOM   78  N NZ  . LYS A 1 9  ? 8.106   -4.019  4.326   1.00 34.90 ? 9   LYS B NZ  1 
ATOM   79  N N   . ILE A 1 10 ? 2.046   -3.453  2.882   1.00 23.34 ? 10  ILE B N   1 
ATOM   80  C CA  . ILE A 1 10 ? 1.766   -4.577  2.013   1.00 21.63 ? 10  ILE B CA  1 
ATOM   81  C C   . ILE A 1 10 ? 3.106   -4.749  1.320   1.00 23.44 ? 10  ILE B C   1 
ATOM   82  O O   . ILE A 1 10 ? 3.547   -3.877  0.558   1.00 20.50 ? 10  ILE B O   1 
ATOM   83  C CB  . ILE A 1 10 ? 0.675   -4.241  0.994   1.00 21.73 ? 10  ILE B CB  1 
ATOM   84  C CG1 . ILE A 1 10 ? -0.638  -3.948  1.725   1.00 20.17 ? 10  ILE B CG1 1 
ATOM   85  C CG2 . ILE A 1 10 ? 0.502   -5.403  0.023   1.00 21.98 ? 10  ILE B CG2 1 
ATOM   86  C CD1 . ILE A 1 10 ? -1.732  -3.415  0.831   1.00 22.81 ? 10  ILE B CD1 1 
ATOM   87  N N   . HIS A 1 11 ? 3.753   -5.872  1.605   1.00 24.45 ? 11  HIS B N   1 
ATOM   88  C CA  . HIS A 1 11 ? 5.073   -6.168  1.080   1.00 25.00 ? 11  HIS B CA  1 
ATOM   89  C C   . HIS A 1 11 ? 5.126   -6.955  -0.226  1.00 27.22 ? 11  HIS B C   1 
ATOM   90  O O   . HIS A 1 11 ? 4.559   -8.045  -0.345  1.00 26.93 ? 11  HIS B O   1 
ATOM   91  C CB  . HIS A 1 11 ? 5.876   -6.894  2.163   1.00 26.18 ? 11  HIS B CB  1 
ATOM   92  C CG  . HIS A 1 11 ? 7.342   -6.980  1.881   1.00 27.14 ? 11  HIS B CG  1 
ATOM   93  N ND1 . HIS A 1 11 ? 7.959   -8.145  1.483   1.00 30.18 ? 11  HIS B ND1 1 
ATOM   94  C CD2 . HIS A 1 11 ? 8.317   -6.043  1.950   1.00 28.38 ? 11  HIS B CD2 1 
ATOM   95  C CE1 . HIS A 1 11 ? 9.251   -7.925  1.321   1.00 30.61 ? 11  HIS B CE1 1 
ATOM   96  N NE2 . HIS A 1 11 ? 9.495   -6.656  1.598   1.00 30.33 ? 11  HIS B NE2 1 
ATOM   97  N N   . ARG A 1 12 ? 5.824   -6.374  -1.199  1.00 26.07 ? 12  ARG B N   1 
ATOM   98  C CA  . ARG A 1 12 ? 6.025   -6.964  -2.514  1.00 24.96 ? 12  ARG B CA  1 
ATOM   99  C C   . ARG A 1 12 ? 4.784   -7.378  -3.300  1.00 26.57 ? 12  ARG B C   1 
ATOM   100 O O   . ARG A 1 12 ? 4.688   -8.512  -3.777  1.00 24.62 ? 12  ARG B O   1 
ATOM   101 C CB  . ARG A 1 12 ? 6.989   -8.147  -2.397  1.00 26.91 ? 12  ARG B CB  1 
ATOM   102 C CG  . ARG A 1 12 ? 8.377   -7.756  -1.887  1.00 26.52 ? 12  ARG B CG  1 
ATOM   103 C CD  . ARG A 1 12 ? 9.312   -8.957  -1.857  1.00 28.21 ? 12  ARG B CD  1 
ATOM   104 N NE  . ARG A 1 12 ? 9.508   -9.511  -3.192  1.00 28.97 ? 12  ARG B NE  1 
ATOM   105 C CZ  . ARG A 1 12 ? 10.474  -9.138  -4.027  1.00 31.70 ? 12  ARG B CZ  1 
ATOM   106 N NH1 . ARG A 1 12 ? 11.350  -8.206  -3.667  1.00 27.57 ? 12  ARG B NH1 1 
ATOM   107 N NH2 . ARG A 1 12 ? 10.561  -9.699  -5.228  1.00 28.45 ? 12  ARG B NH2 1 
ATOM   108 N N   . ALA A 1 13 ? 3.845   -6.448  -3.449  1.00 26.05 ? 13  ALA B N   1 
ATOM   109 C CA  . ALA A 1 13 ? 2.629   -6.697  -4.208  1.00 26.44 ? 13  ALA B CA  1 
ATOM   110 C C   . ALA A 1 13 ? 2.945   -6.425  -5.676  1.00 26.86 ? 13  ALA B C   1 
ATOM   111 O O   . ALA A 1 13 ? 3.937   -5.766  -5.985  1.00 26.62 ? 13  ALA B O   1 
ATOM   112 C CB  . ALA A 1 13 ? 1.516   -5.777  -3.730  1.00 26.58 ? 13  ALA B CB  1 
ATOM   113 N N   . THR A 1 14 ? 2.111   -6.930  -6.580  1.00 23.52 ? 14  THR B N   1 
ATOM   114 C CA  . THR A 1 14 ? 2.345   -6.725  -8.001  1.00 24.53 ? 14  THR B CA  1 
ATOM   115 C C   . THR A 1 14 ? 1.346   -5.756  -8.617  1.00 23.61 ? 14  THR B C   1 
ATOM   116 O O   . THR A 1 14 ? 0.141   -5.867  -8.390  1.00 22.59 ? 14  THR B O   1 
ATOM   117 C CB  . THR A 1 14 ? 2.297   -8.070  -8.771  1.00 24.08 ? 14  THR B CB  1 
ATOM   118 O OG1 . THR A 1 14 ? 3.398   -8.889  -8.359  1.00 24.11 ? 14  THR B OG1 1 
ATOM   119 C CG2 . THR A 1 14 ? 2.384   -7.842  -10.277 1.00 24.84 ? 14  THR B CG2 1 
ATOM   120 N N   . ILE A 1 15 ? 1.862   -4.792  -9.379  1.00 23.51 ? 15  ILE B N   1 
ATOM   121 C CA  . ILE A 1 15 ? 1.014   -3.815  -10.056 1.00 22.09 ? 15  ILE B CA  1 
ATOM   122 C C   . ILE A 1 15 ? 0.348   -4.561  -11.208 1.00 22.29 ? 15  ILE B C   1 
ATOM   123 O O   . ILE A 1 15 ? 1.025   -5.051  -12.114 1.00 19.07 ? 15  ILE B O   1 
ATOM   124 C CB  . ILE A 1 15 ? 1.839   -2.635  -10.645 1.00 22.60 ? 15  ILE B CB  1 
ATOM   125 C CG1 . ILE A 1 15 ? 2.658   -1.950  -9.544  1.00 22.18 ? 15  ILE B CG1 1 
ATOM   126 C CG2 . ILE A 1 15 ? 0.906   -1.634  -11.314 1.00 20.75 ? 15  ILE B CG2 1 
ATOM   127 C CD1 . ILE A 1 15 ? 1.831   -1.407  -8.406  1.00 23.46 ? 15  ILE B CD1 1 
ATOM   128 N N   . THR A 1 16 ? -0.978  -4.643  -11.180 1.00 23.53 ? 16  THR B N   1 
ATOM   129 C CA  . THR A 1 16 ? -1.701  -5.359  -12.224 1.00 23.90 ? 16  THR B CA  1 
ATOM   130 C C   . THR A 1 16 ? -2.203  -4.456  -13.343 1.00 24.34 ? 16  THR B C   1 
ATOM   131 O O   . THR A 1 16 ? -2.543  -4.932  -14.425 1.00 25.91 ? 16  THR B O   1 
ATOM   132 C CB  . THR A 1 16 ? -2.898  -6.132  -11.630 1.00 24.53 ? 16  THR B CB  1 
ATOM   133 O OG1 . THR A 1 16 ? -3.839  -5.211  -11.073 1.00 24.89 ? 16  THR B OG1 1 
ATOM   134 C CG2 . THR A 1 16 ? -2.424  -7.077  -10.540 1.00 23.63 ? 16  THR B CG2 1 
ATOM   135 N N   . ASP A 1 17 ? -2.240  -3.152  -13.094 1.00 24.27 ? 17  ASP B N   1 
ATOM   136 C CA  . ASP A 1 17 ? -2.710  -2.221  -14.109 1.00 26.65 ? 17  ASP B CA  1 
ATOM   137 C C   . ASP A 1 17 ? -2.284  -0.788  -13.797 1.00 26.66 ? 17  ASP B C   1 
ATOM   138 O O   . ASP A 1 17 ? -1.943  -0.467  -12.662 1.00 25.61 ? 17  ASP B O   1 
ATOM   139 C CB  . ASP A 1 17 ? -4.241  -2.313  -14.214 1.00 28.96 ? 17  ASP B CB  1 
ATOM   140 C CG  . ASP A 1 17 ? -4.796  -1.565  -15.410 1.00 32.26 ? 17  ASP B CG  1 
ATOM   141 O OD1 . ASP A 1 17 ? -4.071  -1.419  -16.418 1.00 30.68 ? 17  ASP B OD1 1 
ATOM   142 O OD2 . ASP A 1 17 ? -5.969  -1.137  -15.347 1.00 35.16 ? 17  ASP B OD2 1 
ATOM   143 N N   . ALA A 1 18 ? -2.298  0.065   -14.818 1.00 27.66 ? 18  ALA B N   1 
ATOM   144 C CA  . ALA A 1 18 ? -1.933  1.472   -14.665 1.00 29.18 ? 18  ALA B CA  1 
ATOM   145 C C   . ALA A 1 18 ? -2.852  2.303   -15.551 1.00 29.48 ? 18  ALA B C   1 
ATOM   146 O O   . ALA A 1 18 ? -3.171  1.903   -16.668 1.00 31.08 ? 18  ALA B O   1 
ATOM   147 C CB  . ALA A 1 18 ? -0.481  1.691   -15.062 1.00 26.46 ? 18  ALA B CB  1 
ATOM   148 N N   . ASN A 1 19 ? -3.278  3.457   -15.046 1.00 29.44 ? 19  ASN B N   1 
ATOM   149 C CA  . ASN A 1 19 ? -4.181  4.331   -15.786 1.00 29.49 ? 19  ASN B CA  1 
ATOM   150 C C   . ASN A 1 19 ? -3.743  5.790   -15.675 1.00 27.59 ? 19  ASN B C   1 
ATOM   151 O O   . ASN A 1 19 ? -4.161  6.507   -14.762 1.00 28.10 ? 19  ASN B O   1 
ATOM   152 C CB  . ASN A 1 19 ? -5.600  4.172   -15.229 1.00 32.94 ? 19  ASN B CB  1 
ATOM   153 C CG  . ASN A 1 19 ? -6.640  4.918   -16.043 1.00 34.95 ? 19  ASN B CG  1 
ATOM   154 O OD1 . ASN A 1 19 ? -7.797  5.028   -15.634 1.00 37.71 ? 19  ASN B OD1 1 
ATOM   155 N ND2 . ASN A 1 19 ? -6.237  5.427   -17.205 1.00 35.58 ? 19  ASN B ND2 1 
ATOM   156 N N   . LEU A 1 20 ? -2.905  6.232   -16.608 1.00 26.66 ? 20  LEU B N   1 
ATOM   157 C CA  . LEU A 1 20 ? -2.411  7.606   -16.586 1.00 27.07 ? 20  LEU B CA  1 
ATOM   158 C C   . LEU A 1 20 ? -3.521  8.652   -16.596 1.00 29.31 ? 20  LEU B C   1 
ATOM   159 O O   . LEU A 1 20 ? -3.504  9.593   -15.804 1.00 29.32 ? 20  LEU B O   1 
ATOM   160 C CB  . LEU A 1 20 ? -1.482  7.858   -17.779 1.00 25.44 ? 20  LEU B CB  1 
ATOM   161 C CG  . LEU A 1 20 ? -0.947  9.291   -17.915 1.00 23.18 ? 20  LEU B CG  1 
ATOM   162 C CD1 . LEU A 1 20 ? -0.058  9.628   -16.728 1.00 23.26 ? 20  LEU B CD1 1 
ATOM   163 C CD2 . LEU A 1 20 ? -0.169  9.432   -19.216 1.00 23.70 ? 20  LEU B CD2 1 
ATOM   164 N N   . ASN A 1 21 ? -4.484  8.494   -17.492 1.00 31.60 ? 21  ASN B N   1 
ATOM   165 C CA  . ASN A 1 21 ? -5.559  9.469   -17.588 1.00 36.39 ? 21  ASN B CA  1 
ATOM   166 C C   . ASN A 1 21 ? -6.836  9.083   -16.851 1.00 39.67 ? 21  ASN B C   1 
ATOM   167 O O   . ASN A 1 21 ? -7.947  9.285   -17.344 1.00 39.40 ? 21  ASN B O   1 
ATOM   168 C CB  . ASN A 1 21 ? -5.834  9.779   -19.061 1.00 35.82 ? 21  ASN B CB  1 
ATOM   169 C CG  . ASN A 1 21 ? -4.668  10.505  -19.722 1.00 36.70 ? 21  ASN B CG  1 
ATOM   170 O OD1 . ASN A 1 21 ? -4.229  11.555  -19.244 1.00 37.46 ? 21  ASN B OD1 1 
ATOM   171 N ND2 . ASN A 1 21 ? -4.160  9.952   -20.816 1.00 35.21 ? 21  ASN B ND2 1 
ATOM   172 N N   . TYR A 1 22 ? -6.657  8.541   -15.653 1.00 42.94 ? 22  TYR B N   1 
ATOM   173 C CA  . TYR A 1 22 ? -7.764  8.137   -14.799 1.00 47.30 ? 22  TYR B CA  1 
ATOM   174 C C   . TYR A 1 22 ? -8.624  9.357   -14.478 1.00 49.95 ? 22  TYR B C   1 
ATOM   175 O O   . TYR A 1 22 ? -8.126  10.484  -14.437 1.00 49.91 ? 22  TYR B O   1 
ATOM   176 C CB  . TYR A 1 22 ? -7.218  7.542   -13.500 1.00 48.64 ? 22  TYR B CB  1 
ATOM   177 C CG  . TYR A 1 22 ? -8.267  7.249   -12.450 1.00 50.01 ? 22  TYR B CG  1 
ATOM   178 C CD1 . TYR A 1 22 ? -9.236  6.268   -12.657 1.00 51.54 ? 22  TYR B CD1 1 
ATOM   179 C CD2 . TYR A 1 22 ? -8.272  7.933   -11.233 1.00 50.67 ? 22  TYR B CD2 1 
ATOM   180 C CE1 . TYR A 1 22 ? -10.185 5.971   -11.675 1.00 52.71 ? 22  TYR B CE1 1 
ATOM   181 C CE2 . TYR A 1 22 ? -9.215  7.647   -10.246 1.00 51.88 ? 22  TYR B CE2 1 
ATOM   182 C CZ  . TYR A 1 22 ? -10.168 6.663   -10.474 1.00 52.53 ? 22  TYR B CZ  1 
ATOM   183 O OH  . TYR A 1 22 ? -11.094 6.359   -9.499  1.00 53.06 ? 22  TYR B OH  1 
ATOM   184 N N   . ILE A 1 23 ? -9.914  9.129   -14.253 1.00 52.09 ? 23  ILE B N   1 
ATOM   185 C CA  . ILE A 1 23 ? -10.827 10.214  -13.920 1.00 53.87 ? 23  ILE B CA  1 
ATOM   186 C C   . ILE A 1 23 ? -11.636 9.837   -12.682 1.00 54.99 ? 23  ILE B C   1 
ATOM   187 O O   . ILE A 1 23 ? -12.348 8.834   -12.678 1.00 55.42 ? 23  ILE B O   1 
ATOM   188 C CB  . ILE A 1 23 ? -11.793 10.512  -15.085 1.00 54.66 ? 23  ILE B CB  1 
ATOM   189 C CG1 . ILE A 1 23 ? -10.997 10.790  -16.363 1.00 54.67 ? 23  ILE B CG1 1 
ATOM   190 C CG2 . ILE A 1 23 ? -12.660 11.716  -14.743 1.00 54.73 ? 23  ILE B CG2 1 
ATOM   191 C CD1 . ILE A 1 23 ? -11.857 10.984  -17.594 1.00 55.29 ? 23  ILE B CD1 1 
ATOM   192 N N   . GLY A 1 24 ? -11.508 10.642  -11.628 1.00 55.94 ? 24  GLY B N   1 
ATOM   193 C CA  . GLY A 1 24 ? -12.231 10.379  -10.395 1.00 56.61 ? 24  GLY B CA  1 
ATOM   194 C C   . GLY A 1 24 ? -11.489 10.846  -9.154  1.00 57.28 ? 24  GLY B C   1 
ATOM   195 O O   . GLY A 1 24 ? -10.336 11.313  -9.281  1.00 57.99 ? 24  GLY B O   1 
ATOM   196 O OXT . GLY A 1 24 ? -12.056 10.744  -8.045  1.00 57.55 ? 24  GLY B OXT 1 
HETATM 197 C C   . PYR B 2 1  ? -3.866  5.830   -7.112  1.00 27.43 ? 25  PYR A C   1 
HETATM 198 O OXT . PYR B 2 1  ? -4.001  8.287   -8.023  1.00 33.03 ? 25  PYR A OXT 1 
HETATM 199 C CA  . PYR B 2 1  ? -4.324  7.262   -6.952  1.00 28.92 ? 25  PYR A CA  1 
HETATM 200 O O3  . PYR B 2 1  ? -3.241  5.502   -8.112  1.00 28.43 ? 25  PYR A O3  1 
HETATM 201 C CB  . PYR B 2 1  ? -5.088  7.669   -5.744  1.00 29.25 ? 25  PYR A CB  1 
ATOM   202 N N   . ILE B 2 2  ? -3.986  5.044   -6.048  1.00 25.01 ? 26  ILE A N   1 
ATOM   203 C CA  . ILE B 2 2  ? -3.747  3.621   -6.170  1.00 23.53 ? 26  ILE A CA  1 
ATOM   204 C C   . ILE B 2 2  ? -4.959  2.827   -5.711  1.00 24.42 ? 26  ILE A C   1 
ATOM   205 O O   . ILE B 2 2  ? -5.396  2.925   -4.559  1.00 24.88 ? 26  ILE A O   1 
ATOM   206 C CB  . ILE B 2 2  ? -2.474  3.189   -5.389  1.00 22.19 ? 26  ILE A CB  1 
ATOM   207 C CG1 . ILE B 2 2  ? -2.131  1.737   -5.732  1.00 23.80 ? 26  ILE A CG1 1 
ATOM   208 C CG2 . ILE B 2 2  ? -2.669  3.372   -3.897  1.00 22.89 ? 26  ILE A CG2 1 
ATOM   209 C CD1 . ILE B 2 2  ? -0.786  1.278   -5.204  1.00 22.22 ? 26  ILE A CD1 1 
ATOM   210 N N   . THR B 2 3  ? -5.517  2.064   -6.644  1.00 25.74 ? 27  THR A N   1 
ATOM   211 C CA  . THR B 2 3  ? -6.679  1.239   -6.364  1.00 26.19 ? 27  THR A CA  1 
ATOM   212 C C   . THR B 2 3  ? -6.192  -0.107  -5.858  1.00 25.00 ? 27  THR A C   1 
ATOM   213 O O   . THR B 2 3  ? -5.477  -0.825  -6.558  1.00 25.01 ? 27  THR A O   1 
ATOM   214 C CB  . THR B 2 3  ? -7.533  1.041   -7.633  1.00 27.77 ? 27  THR A CB  1 
ATOM   215 O OG1 . THR B 2 3  ? -7.951  2.321   -8.125  1.00 23.45 ? 27  THR A OG1 1 
ATOM   216 C CG2 . THR B 2 3  ? -8.760  0.189   -7.325  1.00 27.65 ? 27  THR A CG2 1 
ATOM   217 N N   . ILE B 2 4  ? -6.569  -0.433  -4.628  1.00 24.16 ? 28  ILE A N   1 
ATOM   218 C CA  . ILE B 2 4  ? -6.165  -1.686  -4.010  1.00 24.83 ? 28  ILE A CA  1 
ATOM   219 C C   . ILE B 2 4  ? -7.380  -2.543  -3.671  1.00 26.10 ? 28  ILE A C   1 
ATOM   220 O O   . ILE B 2 4  ? -8.393  -2.036  -3.197  1.00 24.56 ? 28  ILE A O   1 
ATOM   221 C CB  . ILE B 2 4  ? -5.382  -1.431  -2.708  1.00 23.31 ? 28  ILE A CB  1 
ATOM   222 C CG1 . ILE B 2 4  ? -4.169  -0.534  -2.997  1.00 22.45 ? 28  ILE A CG1 1 
ATOM   223 C CG2 . ILE B 2 4  ? -4.933  -2.759  -2.096  1.00 23.10 ? 28  ILE A CG2 1 
ATOM   224 C CD1 . ILE B 2 4  ? -3.408  -0.129  -1.742  1.00 22.95 ? 28  ILE A CD1 1 
ATOM   225 N N   . ASP B 2 5  ? -7.261  -3.841  -3.926  1.00 28.21 ? 29  ASP A N   1 
ATOM   226 C CA  . ASP B 2 5  ? -8.325  -4.795  -3.636  1.00 31.37 ? 29  ASP A CA  1 
ATOM   227 C C   . ASP B 2 5  ? -8.820  -4.500  -2.220  1.00 31.63 ? 29  ASP A C   1 
ATOM   228 O O   . ASP B 2 5  ? -8.077  -4.667  -1.253  1.00 31.54 ? 29  ASP A O   1 
ATOM   229 C CB  . ASP B 2 5  ? -7.755  -6.212  -3.738  1.00 33.45 ? 29  ASP A CB  1 
ATOM   230 C CG  . ASP B 2 5  ? -8.802  -7.286  -3.526  1.00 36.64 ? 29  ASP A CG  1 
ATOM   231 O OD1 . ASP B 2 5  ? -8.481  -8.468  -3.778  1.00 38.32 ? 29  ASP A OD1 1 
ATOM   232 O OD2 . ASP B 2 5  ? -9.932  -6.957  -3.107  1.00 37.07 ? 29  ASP A OD2 1 
ATOM   233 N N   . GLU B 2 6  ? -10.067 -4.047  -2.104  1.00 33.30 ? 30  GLU A N   1 
ATOM   234 C CA  . GLU B 2 6  ? -10.634 -3.703  -0.803  1.00 35.21 ? 30  GLU A CA  1 
ATOM   235 C C   . GLU B 2 6  ? -10.395 -4.771  0.255   1.00 34.94 ? 30  GLU A C   1 
ATOM   236 O O   . GLU B 2 6  ? -10.217 -4.457  1.431   1.00 34.85 ? 30  GLU A O   1 
ATOM   237 C CB  . GLU B 2 6  ? -12.137 -3.414  -0.919  1.00 37.80 ? 30  GLU A CB  1 
ATOM   238 C CG  . GLU B 2 6  ? -12.974 -4.565  -1.463  1.00 43.10 ? 30  GLU A CG  1 
ATOM   239 C CD  . GLU B 2 6  ? -14.464 -4.259  -1.442  1.00 44.61 ? 30  GLU A CD  1 
ATOM   240 O OE1 . GLU B 2 6  ? -14.867 -3.204  -1.978  1.00 45.69 ? 30  GLU A OE1 1 
ATOM   241 O OE2 . GLU B 2 6  ? -15.235 -5.074  -0.893  1.00 46.96 ? 30  GLU A OE2 1 
ATOM   242 N N   . ASP B 2 7  ? -10.377 -6.029  -0.165  1.00 35.59 ? 31  ASP A N   1 
ATOM   243 C CA  . ASP B 2 7  ? -10.153 -7.129  0.765   1.00 35.87 ? 31  ASP A CA  1 
ATOM   244 C C   . ASP B 2 7  ? -8.697  -7.147  1.223   1.00 35.20 ? 31  ASP A C   1 
ATOM   245 O O   . ASP B 2 7  ? -8.392  -7.531  2.353   1.00 32.72 ? 31  ASP A O   1 
ATOM   246 C CB  . ASP B 2 7  ? -10.521 -8.466  0.109   1.00 37.55 ? 31  ASP A CB  1 
ATOM   247 C CG  . ASP B 2 7  ? -11.998 -8.556  -0.239  1.00 40.50 ? 31  ASP A CG  1 
ATOM   248 O OD1 . ASP B 2 7  ? -12.827 -8.117  0.586   1.00 42.24 ? 31  ASP A OD1 1 
ATOM   249 O OD2 . ASP B 2 7  ? -12.333 -9.073  -1.328  1.00 42.42 ? 31  ASP A OD2 1 
ATOM   250 N N   . LEU B 2 8  ? -7.797  -6.726  0.341   1.00 34.03 ? 32  LEU A N   1 
ATOM   251 C CA  . LEU B 2 8  ? -6.378  -6.683  0.673   1.00 33.45 ? 32  LEU A CA  1 
ATOM   252 C C   . LEU B 2 8  ? -6.136  -5.461  1.556   1.00 31.51 ? 32  LEU A C   1 
ATOM   253 O O   . LEU B 2 8  ? -5.418  -5.528  2.551   1.00 29.82 ? 32  LEU A O   1 
ATOM   254 C CB  . LEU B 2 8  ? -5.538  -6.570  -0.603  1.00 33.84 ? 32  LEU A CB  1 
ATOM   255 C CG  . LEU B 2 8  ? -4.095  -7.081  -0.558  1.00 35.06 ? 32  LEU A CG  1 
ATOM   256 C CD1 . LEU B 2 8  ? -3.363  -6.555  -1.782  1.00 32.71 ? 32  LEU A CD1 1 
ATOM   257 C CD2 . LEU B 2 8  ? -3.391  -6.632  0.705   1.00 35.83 ? 32  LEU A CD2 1 
ATOM   258 N N   . ALA B 2 9  ? -6.752  -4.346  1.182   1.00 31.58 ? 33  ALA A N   1 
ATOM   259 C CA  . ALA B 2 9  ? -6.614  -3.107  1.934   1.00 32.26 ? 33  ALA A CA  1 
ATOM   260 C C   . ALA B 2 9  ? -7.047  -3.300  3.384   1.00 32.73 ? 33  ALA A C   1 
ATOM   261 O O   . ALA B 2 9  ? -6.361  -2.867  4.313   1.00 31.05 ? 33  ALA A O   1 
ATOM   262 C CB  . ALA B 2 9  ? -7.444  -2.012  1.282   1.00 31.64 ? 33  ALA A CB  1 
ATOM   263 N N   . LYS B 2 10 ? -8.191  -3.957  3.568   1.00 34.40 ? 34  LYS A N   1 
ATOM   264 C CA  . LYS B 2 10 ? -8.730  -4.213  4.901   1.00 35.00 ? 34  LYS A CA  1 
ATOM   265 C C   . LYS B 2 10 ? -7.719  -4.941  5.780   1.00 34.09 ? 34  LYS A C   1 
ATOM   266 O O   . LYS B 2 10 ? -7.550  -4.606  6.949   1.00 33.77 ? 34  LYS A O   1 
ATOM   267 C CB  . LYS B 2 10 ? -10.015 -5.040  4.799   1.00 38.14 ? 34  LYS A CB  1 
ATOM   268 C CG  . LYS B 2 10 ? -10.746 -5.245  6.126   1.00 41.17 ? 34  LYS A CG  1 
ATOM   269 C CD  . LYS B 2 10 ? -11.240 -3.923  6.705   1.00 44.89 ? 34  LYS A CD  1 
ATOM   270 C CE  . LYS B 2 10 ? -12.094 -4.138  7.951   1.00 45.85 ? 34  LYS A CE  1 
ATOM   271 N NZ  . LYS B 2 10 ? -11.337 -4.801  9.054   1.00 48.27 ? 34  LYS A NZ  1 
ATOM   272 N N   . LEU B 2 11 ? -7.047  -5.936  5.212   1.00 34.66 ? 35  LEU A N   1 
ATOM   273 C CA  . LEU B 2 11 ? -6.052  -6.702  5.955   1.00 33.96 ? 35  LEU A CA  1 
ATOM   274 C C   . LEU B 2 11 ? -4.895  -5.826  6.418   1.00 34.28 ? 35  LEU A C   1 
ATOM   275 O O   . LEU B 2 11 ? -4.267  -6.100  7.443   1.00 32.06 ? 35  LEU A O   1 
ATOM   276 C CB  . LEU B 2 11 ? -5.522  -7.850  5.092   1.00 36.33 ? 35  LEU A CB  1 
ATOM   277 C CG  . LEU B 2 11 ? -6.552  -8.931  4.758   1.00 36.67 ? 35  LEU A CG  1 
ATOM   278 C CD1 . LEU B 2 11 ? -5.963  -9.925  3.784   1.00 38.16 ? 35  LEU A CD1 1 
ATOM   279 C CD2 . LEU B 2 11 ? -6.986  -9.628  6.038   1.00 39.54 ? 35  LEU A CD2 1 
ATOM   280 N N   . ALA B 2 12 ? -4.614  -4.773  5.657   1.00 32.59 ? 36  ALA A N   1 
ATOM   281 C CA  . ALA B 2 12 ? -3.536  -3.854  5.993   1.00 32.22 ? 36  ALA A CA  1 
ATOM   282 C C   . ALA B 2 12 ? -4.093  -2.647  6.735   1.00 31.48 ? 36  ALA A C   1 
ATOM   283 O O   . ALA B 2 12 ? -3.388  -1.666  6.972   1.00 32.75 ? 36  ALA A O   1 
ATOM   284 C CB  . ALA B 2 12 ? -2.814  -3.407  4.722   1.00 32.70 ? 36  ALA A CB  1 
ATOM   285 N N   . LYS B 2 13 ? -5.366  -2.727  7.100   1.00 31.78 ? 37  LYS A N   1 
ATOM   286 C CA  . LYS B 2 13 ? -6.040  -1.655  7.818   1.00 29.93 ? 37  LYS A CA  1 
ATOM   287 C C   . LYS B 2 13 ? -5.956  -0.306  7.105   1.00 29.36 ? 37  LYS A C   1 
ATOM   288 O O   . LYS B 2 13 ? -5.867  0.742   7.741   1.00 29.22 ? 37  LYS A O   1 
ATOM   289 C CB  . LYS B 2 13 ? -5.475  -1.543  9.238   1.00 32.01 ? 37  LYS A CB  1 
ATOM   290 C CG  . LYS B 2 13 ? -5.561  -2.847  10.017  1.00 34.46 ? 37  LYS A CG  1 
ATOM   291 C CD  . LYS B 2 13 ? -5.374  -2.647  11.517  1.00 37.00 ? 37  LYS A CD  1 
ATOM   292 C CE  . LYS B 2 13 ? -3.973  -2.181  11.866  1.00 37.78 ? 37  LYS A CE  1 
ATOM   293 N NZ  . LYS B 2 13 ? -3.823  -1.985  13.335  1.00 37.76 ? 37  LYS A NZ  1 
ATOM   294 N N   . LEU B 2 14 ? -5.988  -0.335  5.779   1.00 27.72 ? 38  LEU A N   1 
ATOM   295 C CA  . LEU B 2 14 ? -5.941  0.891   4.998   1.00 27.87 ? 38  LEU A CA  1 
ATOM   296 C C   . LEU B 2 14 ? -7.361  1.403   4.808   1.00 28.16 ? 38  LEU A C   1 
ATOM   297 O O   . LEU B 2 14 ? -8.275  0.617   4.582   1.00 29.61 ? 38  LEU A O   1 
ATOM   298 C CB  . LEU B 2 14 ? -5.310  0.626   3.631   1.00 25.31 ? 38  LEU A CB  1 
ATOM   299 C CG  . LEU B 2 14 ? -3.879  0.093   3.689   1.00 23.55 ? 38  LEU A CG  1 
ATOM   300 C CD1 . LEU B 2 14 ? -3.383  -0.201  2.291   1.00 22.06 ? 38  LEU A CD1 1 
ATOM   301 C CD2 . LEU B 2 14 ? -2.994  1.114   4.386   1.00 18.21 ? 38  LEU A CD2 1 
ATOM   302 N N   . ARG B 2 15 ? -7.546  2.715   4.911   1.00 27.02 ? 39  ARG A N   1 
ATOM   303 C CA  . ARG B 2 15 ? -8.866  3.307   4.725   1.00 28.09 ? 39  ARG A CA  1 
ATOM   304 C C   . ARG B 2 15 ? -8.876  4.025   3.380   1.00 28.57 ? 39  ARG A C   1 
ATOM   305 O O   . ARG B 2 15 ? -7.827  4.459   2.897   1.00 26.49 ? 39  ARG A O   1 
ATOM   306 C CB  . ARG B 2 15 ? -9.166  4.297   5.850   1.00 28.82 ? 39  ARG A CB  1 
ATOM   307 C CG  . ARG B 2 15 ? -9.226  3.657   7.239   1.00 33.39 ? 39  ARG A CG  1 
ATOM   308 C CD  . ARG B 2 15 ? -10.371 2.654   7.340   1.00 35.22 ? 39  ARG A CD  1 
ATOM   309 N NE  . ARG B 2 15 ? -11.681 3.295   7.256   1.00 37.42 ? 39  ARG A NE  1 
ATOM   310 C CZ  . ARG B 2 15 ? -12.279 3.918   8.268   1.00 37.93 ? 39  ARG A CZ  1 
ATOM   311 N NH1 . ARG B 2 15 ? -11.690 3.984   9.453   1.00 37.17 ? 39  ARG A NH1 1 
ATOM   312 N NH2 . ARG B 2 15 ? -13.466 4.480   8.093   1.00 39.71 ? 39  ARG A NH2 1 
ATOM   313 N N   . GLU B 2 16 ? -10.042 4.146   2.757   1.00 26.98 ? 40  GLU A N   1 
ATOM   314 C CA  . GLU B 2 16 ? -10.074 4.828   1.473   1.00 26.31 ? 40  GLU A CA  1 
ATOM   315 C C   . GLU B 2 16 ? -9.730  6.289   1.707   1.00 24.98 ? 40  GLU A C   1 
ATOM   316 O O   . GLU B 2 16 ? -10.275 6.920   2.612   1.00 23.95 ? 40  GLU A O   1 
ATOM   317 C CB  . GLU B 2 16 ? -11.444 4.712   0.807   1.00 27.61 ? 40  GLU A CB  1 
ATOM   318 C CG  . GLU B 2 16 ? -11.425 5.212   -0.626  1.00 30.01 ? 40  GLU A CG  1 
ATOM   319 C CD  . GLU B 2 16 ? -12.635 4.781   -1.422  1.00 32.26 ? 40  GLU A CD  1 
ATOM   320 O OE1 . GLU B 2 16 ? -13.749 5.271   -1.132  1.00 32.68 ? 40  GLU A OE1 1 
ATOM   321 O OE2 . GLU B 2 16 ? -12.467 3.945   -2.334  1.00 30.59 ? 40  GLU A OE2 1 
ATOM   322 N N   . GLY B 2 17 ? -8.809  6.813   0.904   1.00 22.85 ? 41  GLY A N   1 
ATOM   323 C CA  . GLY B 2 17 ? -8.396  8.198   1.051   1.00 22.15 ? 41  GLY A CA  1 
ATOM   324 C C   . GLY B 2 17 ? -7.172  8.355   1.939   1.00 21.56 ? 41  GLY A C   1 
ATOM   325 O O   . GLY B 2 17 ? -6.645  9.460   2.082   1.00 22.12 ? 41  GLY A O   1 
ATOM   326 N N   . MET B 2 18 ? -6.715  7.251   2.530   1.00 20.06 ? 42  MET A N   1 
ATOM   327 C CA  . MET B 2 18 ? -5.547  7.270   3.412   1.00 20.58 ? 42  MET A CA  1 
ATOM   328 C C   . MET B 2 18 ? -4.258  7.435   2.602   1.00 20.06 ? 42  MET A C   1 
ATOM   329 O O   . MET B 2 18 ? -4.018  6.709   1.633   1.00 19.71 ? 42  MET A O   1 
ATOM   330 C CB  . MET B 2 18 ? -5.477  5.969   4.231   1.00 19.29 ? 42  MET A CB  1 
ATOM   331 C CG  . MET B 2 18 ? -4.296  5.874   5.219   1.00 17.89 ? 42  MET A CG  1 
ATOM   332 S SD  . MET B 2 18 ? -4.296  4.335   6.232   1.00 10.27 ? 42  MET A SD  1 
ATOM   333 C CE  . MET B 2 18 ? -5.526  4.775   7.458   1.00 18.43 ? 42  MET A CE  1 
ATOM   334 N N   . LYS B 2 19 ? -3.432  8.395   3.000   1.00 20.53 ? 43  LYS A N   1 
ATOM   335 C CA  . LYS B 2 19 ? -2.174  8.633   2.300   1.00 21.29 ? 43  LYS A CA  1 
ATOM   336 C C   . LYS B 2 19 ? -1.232  7.454   2.516   1.00 20.45 ? 43  LYS A C   1 
ATOM   337 O O   . LYS B 2 19 ? -1.068  6.983   3.637   1.00 20.21 ? 43  LYS A O   1 
ATOM   338 C CB  . LYS B 2 19 ? -1.507  9.907   2.819   1.00 19.53 ? 43  LYS A CB  1 
ATOM   339 C CG  . LYS B 2 19 ? -0.254  10.308  2.046   1.00 24.90 ? 43  LYS A CG  1 
ATOM   340 C CD  . LYS B 2 19 ? 0.274   11.648  2.533   1.00 27.40 ? 43  LYS A CD  1 
ATOM   341 C CE  . LYS B 2 19 ? 1.342   12.203  1.605   1.00 30.28 ? 43  LYS A CE  1 
ATOM   342 N NZ  . LYS B 2 19 ? 1.874   13.502  2.114   1.00 32.80 ? 43  LYS A NZ  1 
ATOM   343 N N   . VAL B 2 20 ? -0.622  6.976   1.436   1.00 20.13 ? 44  VAL A N   1 
ATOM   344 C CA  . VAL B 2 20 ? 0.322   5.871   1.527   1.00 18.78 ? 44  VAL A CA  1 
ATOM   345 C C   . VAL B 2 20 ? 1.573   6.133   0.688   1.00 19.80 ? 44  VAL A C   1 
ATOM   346 O O   . VAL B 2 20 ? 1.528   6.861   -0.302  1.00 15.93 ? 44  VAL A O   1 
ATOM   347 C CB  . VAL B 2 20 ? -0.307  4.537   1.054   1.00 17.82 ? 44  VAL A CB  1 
ATOM   348 C CG1 . VAL B 2 20 ? -1.351  4.065   2.064   1.00 17.22 ? 44  VAL A CG1 1 
ATOM   349 C CG2 . VAL B 2 20 ? -0.943  4.712   -0.320  1.00 17.33 ? 44  VAL A CG2 1 
ATOM   350 N N   . GLU B 2 21 ? 2.683   5.531   1.101   1.00 19.27 ? 45  GLU A N   1 
ATOM   351 C CA  . GLU B 2 21 ? 3.939   5.667   0.381   1.00 20.05 ? 45  GLU A CA  1 
ATOM   352 C C   . GLU B 2 21 ? 4.071   4.430   -0.484  1.00 19.12 ? 45  GLU A C   1 
ATOM   353 O O   . GLU B 2 21 ? 3.824   3.313   -0.026  1.00 20.02 ? 45  GLU A O   1 
ATOM   354 C CB  . GLU B 2 21 ? 5.119   5.725   1.353   1.00 21.70 ? 45  GLU A CB  1 
ATOM   355 C CG  . GLU B 2 21 ? 5.050   6.845   2.370   1.00 26.23 ? 45  GLU A CG  1 
ATOM   356 C CD  . GLU B 2 21 ? 4.959   8.211   1.722   1.00 30.46 ? 45  GLU A CD  1 
ATOM   357 O OE1 . GLU B 2 21 ? 5.657   8.442   0.709   1.00 32.34 ? 45  GLU A OE1 1 
ATOM   358 O OE2 . GLU B 2 21 ? 4.198   9.058   2.232   1.00 30.93 ? 45  GLU A OE2 1 
ATOM   359 N N   . ILE B 2 22 ? 4.460   4.628   -1.735  1.00 16.95 ? 46  ILE A N   1 
ATOM   360 C CA  . ILE B 2 22 ? 4.625   3.524   -2.662  1.00 16.71 ? 46  ILE A CA  1 
ATOM   361 C C   . ILE B 2 22 ? 6.097   3.490   -3.054  1.00 16.40 ? 46  ILE A C   1 
ATOM   362 O O   . ILE B 2 22 ? 6.665   4.526   -3.406  1.00 16.88 ? 46  ILE A O   1 
ATOM   363 C CB  . ILE B 2 22 ? 3.803   3.742   -3.969  1.00 15.14 ? 46  ILE A CB  1 
ATOM   364 C CG1 . ILE B 2 22 ? 2.329   4.042   -3.650  1.00 18.44 ? 46  ILE A CG1 1 
ATOM   365 C CG2 . ILE B 2 22 ? 3.945   2.529   -4.879  1.00 15.94 ? 46  ILE A CG2 1 
ATOM   366 C CD1 . ILE B 2 22 ? 1.605   2.941   -2.891  1.00 17.53 ? 46  ILE A CD1 1 
ATOM   367 N N   . VAL B 2 23 ? 6.724   2.322   -2.967  1.00 14.74 ? 47  VAL A N   1 
ATOM   368 C CA  . VAL B 2 23 ? 8.115   2.197   -3.392  1.00 14.98 ? 47  VAL A CA  1 
ATOM   369 C C   . VAL B 2 23 ? 8.169   1.030   -4.368  1.00 15.41 ? 47  VAL A C   1 
ATOM   370 O O   . VAL B 2 23 ? 7.705   -0.068  -4.069  1.00 17.45 ? 47  VAL A O   1 
ATOM   371 C CB  . VAL B 2 23 ? 9.089   1.978   -2.201  1.00 16.11 ? 47  VAL A CB  1 
ATOM   372 C CG1 . VAL B 2 23 ? 9.127   3.236   -1.343  1.00 17.63 ? 47  VAL A CG1 1 
ATOM   373 C CG2 . VAL B 2 23 ? 8.662   0.797   -1.363  1.00 20.31 ? 47  VAL A CG2 1 
ATOM   374 N N   . ASP B 2 24 ? 8.717   1.293   -5.546  1.00 14.40 ? 48  ASP A N   1 
ATOM   375 C CA  . ASP B 2 24 ? 8.809   0.304   -6.618  1.00 14.96 ? 48  ASP A CA  1 
ATOM   376 C C   . ASP B 2 24 ? 10.166  -0.378  -6.561  1.00 14.61 ? 48  ASP A C   1 
ATOM   377 O O   . ASP B 2 24 ? 11.202  0.251   -6.772  1.00 13.21 ? 48  ASP A O   1 
ATOM   378 C CB  . ASP B 2 24 ? 8.610   1.021   -7.964  1.00 16.83 ? 48  ASP A CB  1 
ATOM   379 C CG  . ASP B 2 24 ? 8.409   0.065   -9.130  1.00 17.25 ? 48  ASP A CG  1 
ATOM   380 O OD1 . ASP B 2 24 ? 9.144   -0.940  -9.225  1.00 12.63 ? 48  ASP A OD1 1 
ATOM   381 O OD2 . ASP B 2 24 ? 7.522   0.343   -9.972  1.00 16.59 ? 48  ASP A OD2 1 
ATOM   382 N N   . VAL B 2 25 ? 10.149  -1.672  -6.265  1.00 14.86 ? 49  VAL A N   1 
ATOM   383 C CA  . VAL B 2 25 ? 11.364  -2.470  -6.168  1.00 17.49 ? 49  VAL A CA  1 
ATOM   384 C C   . VAL B 2 25 ? 12.122  -2.598  -7.491  1.00 15.34 ? 49  VAL A C   1 
ATOM   385 O O   . VAL B 2 25 ? 13.352  -2.620  -7.510  1.00 17.33 ? 49  VAL A O   1 
ATOM   386 C CB  . VAL B 2 25 ? 11.030  -3.884  -5.636  1.00 16.87 ? 49  VAL A CB  1 
ATOM   387 C CG1 . VAL B 2 25 ? 12.278  -4.748  -5.607  1.00 19.35 ? 49  VAL A CG1 1 
ATOM   388 C CG2 . VAL B 2 25 ? 10.428  -3.766  -4.236  1.00 18.75 ? 49  VAL A CG2 1 
ATOM   389 N N   . ASN B 2 26 ? 11.384  -2.689  -8.592  1.00 14.71 ? 50  ASN A N   1 
ATOM   390 C CA  . ASN B 2 26 ? 11.990  -2.825  -9.917  1.00 15.79 ? 50  ASN A CA  1 
ATOM   391 C C   . ASN B 2 26 ? 12.805  -1.611  -10.334 1.00 13.39 ? 50  ASN A C   1 
ATOM   392 O O   . ASN B 2 26 ? 13.957  -1.734  -10.760 1.00 12.91 ? 50  ASN A O   1 
ATOM   393 C CB  . ASN B 2 26 ? 10.917  -3.037  -10.994 1.00 15.85 ? 50  ASN A CB  1 
ATOM   394 C CG  . ASN B 2 26 ? 10.206  -4.357  -10.860 1.00 18.95 ? 50  ASN A CG  1 
ATOM   395 O OD1 . ASN B 2 26 ? 10.196  -5.168  -11.786 1.00 20.99 ? 50  ASN A OD1 1 
ATOM   396 N ND2 . ASN B 2 26 ? 9.604   -4.579  -9.713  1.00 15.55 ? 50  ASN A ND2 1 
ATOM   397 N N   . ASN B 2 27 ? 12.199  -0.437  -10.219 1.00 14.07 ? 51  ASN A N   1 
ATOM   398 C CA  . ASN B 2 27 ? 12.859  0.786   -10.660 1.00 12.22 ? 51  ASN A CA  1 
ATOM   399 C C   . ASN B 2 27 ? 13.327  1.742   -9.571  1.00 13.15 ? 51  ASN A C   1 
ATOM   400 O O   . ASN B 2 27 ? 13.960  2.756   -9.874  1.00 11.75 ? 51  ASN A O   1 
ATOM   401 C CB  . ASN B 2 27 ? 11.952  1.538   -11.645 1.00 11.41 ? 51  ASN A CB  1 
ATOM   402 C CG  . ASN B 2 27 ? 10.674  2.031   -11.003 1.00 13.49 ? 51  ASN A CG  1 
ATOM   403 O OD1 . ASN B 2 27 ? 10.582  2.129   -9.779  1.00 11.24 ? 51  ASN A OD1 1 
ATOM   404 N ND2 . ASN B 2 27 ? 9.680   2.360   -11.832 1.00 14.39 ? 51  ASN A ND2 1 
ATOM   405 N N   . GLY B 2 28 ? 13.008  1.436   -8.317  1.00 11.42 ? 52  GLY A N   1 
ATOM   406 C CA  . GLY B 2 28 ? 13.441  2.283   -7.221  1.00 12.23 ? 52  GLY A CA  1 
ATOM   407 C C   . GLY B 2 28 ? 12.656  3.564   -6.981  1.00 13.09 ? 52  GLY A C   1 
ATOM   408 O O   . GLY B 2 28 ? 12.999  4.327   -6.079  1.00 10.78 ? 52  GLY A O   1 
ATOM   409 N N   . GLU B 2 29 ? 11.618  3.819   -7.779  1.00 12.08 ? 53  GLU A N   1 
ATOM   410 C CA  . GLU B 2 29 ? 10.812  5.022   -7.592  1.00 13.95 ? 53  GLU A CA  1 
ATOM   411 C C   . GLU B 2 29 ? 10.098  5.008   -6.241  1.00 15.99 ? 53  GLU A C   1 
ATOM   412 O O   . GLU B 2 29 ? 9.628   3.962   -5.784  1.00 13.64 ? 53  GLU A O   1 
ATOM   413 C CB  . GLU B 2 29 ? 9.761   5.157   -8.699  1.00 14.81 ? 53  GLU A CB  1 
ATOM   414 C CG  . GLU B 2 29 ? 10.306  5.535   -10.065 1.00 13.59 ? 53  GLU A CG  1 
ATOM   415 C CD  . GLU B 2 29 ? 10.884  6.950   -10.112 1.00 16.59 ? 53  GLU A CD  1 
ATOM   416 O OE1 . GLU B 2 29 ? 10.405  7.825   -9.369  1.00 15.96 ? 53  GLU A OE1 1 
ATOM   417 O OE2 . GLU B 2 29 ? 11.807  7.193   -10.909 1.00 18.75 ? 53  GLU A OE2 1 
ATOM   418 N N   . ARG B 2 30 ? 10.018  6.180   -5.617  1.00 14.29 ? 54  ARG A N   1 
ATOM   419 C CA  . ARG B 2 30 ? 9.361   6.338   -4.328  1.00 13.79 ? 54  ARG A CA  1 
ATOM   420 C C   . ARG B 2 30 ? 8.431   7.546   -4.451  1.00 15.14 ? 54  ARG A C   1 
ATOM   421 O O   . ARG B 2 30 ? 8.865   8.630   -4.849  1.00 11.16 ? 54  ARG A O   1 
ATOM   422 C CB  . ARG B 2 30 ? 10.407  6.585   -3.232  1.00 12.12 ? 54  ARG A CB  1 
ATOM   423 C CG  . ARG B 2 30 ? 11.543  5.567   -3.219  1.00 15.05 ? 54  ARG A CG  1 
ATOM   424 C CD  . ARG B 2 30 ? 12.583  5.879   -2.154  1.00 12.11 ? 54  ARG A CD  1 
ATOM   425 N NE  . ARG B 2 30 ? 12.154  5.516   -0.802  1.00 14.46 ? 54  ARG A NE  1 
ATOM   426 C CZ  . ARG B 2 30 ? 12.142  4.272   -0.325  1.00 16.13 ? 54  ARG A CZ  1 
ATOM   427 N NH1 . ARG B 2 30 ? 12.531  3.255   -1.090  1.00 13.37 ? 54  ARG A NH1 1 
ATOM   428 N NH2 . ARG B 2 30 ? 11.756  4.045   0.929   1.00 16.30 ? 54  ARG A NH2 1 
ATOM   429 N N   . PHE B 2 31 ? 7.146   7.347   -4.163  1.00 15.30 ? 55  PHE A N   1 
ATOM   430 C CA  . PHE B 2 31 ? 6.175   8.436   -4.245  1.00 15.26 ? 55  PHE A CA  1 
ATOM   431 C C   . PHE B 2 31 ? 5.026   8.219   -3.273  1.00 16.62 ? 55  PHE A C   1 
ATOM   432 O O   . PHE B 2 31 ? 4.892   7.144   -2.696  1.00 14.70 ? 55  PHE A O   1 
ATOM   433 C CB  . PHE B 2 31 ? 5.639   8.589   -5.685  1.00 14.58 ? 55  PHE A CB  1 
ATOM   434 C CG  . PHE B 2 31 ? 4.931   7.370   -6.222  1.00 15.35 ? 55  PHE A CG  1 
ATOM   435 C CD1 . PHE B 2 31 ? 3.548   7.250   -6.125  1.00 15.60 ? 55  PHE A CD1 1 
ATOM   436 C CD2 . PHE B 2 31 ? 5.644   6.350   -6.835  1.00 15.02 ? 55  PHE A CD2 1 
ATOM   437 C CE1 . PHE B 2 31 ? 2.888   6.130   -6.634  1.00 18.16 ? 55  PHE A CE1 1 
ATOM   438 C CE2 . PHE B 2 31 ? 4.997   5.226   -7.348  1.00 18.55 ? 55  PHE A CE2 1 
ATOM   439 C CZ  . PHE B 2 31 ? 3.613   5.114   -7.247  1.00 19.28 ? 55  PHE A CZ  1 
ATOM   440 N N   . SER B 2 32 ? 4.221   9.260   -3.081  1.00 14.62 ? 56  SER A N   1 
ATOM   441 C CA  . SER B 2 32 ? 3.075   9.197   -2.183  1.00 17.31 ? 56  SER A CA  1 
ATOM   442 C C   . SER B 2 32 ? 1.800   9.359   -2.990  1.00 14.49 ? 56  SER A C   1 
ATOM   443 O O   . SER B 2 32 ? 1.795   10.032  -4.009  1.00 16.88 ? 56  SER A O   1 
ATOM   444 C CB  . SER B 2 32 ? 3.130   10.338  -1.155  1.00 16.52 ? 56  SER A CB  1 
ATOM   445 O OG  . SER B 2 32 ? 4.276   10.252  -0.337  1.00 23.95 ? 56  SER A OG  1 
ATOM   446 N N   . THR B 2 33 ? 0.722   8.740   -2.522  1.00 15.86 ? 57  THR A N   1 
ATOM   447 C CA  . THR B 2 33 ? -0.576  8.866   -3.171  1.00 17.40 ? 57  THR A CA  1 
ATOM   448 C C   . THR B 2 33 ? -1.618  8.467   -2.122  1.00 18.93 ? 57  THR A C   1 
ATOM   449 O O   . THR B 2 33 ? -1.297  8.424   -0.938  1.00 19.10 ? 57  THR A O   1 
ATOM   450 C CB  . THR B 2 33 ? -0.664  7.985   -4.437  1.00 17.59 ? 57  THR A CB  1 
ATOM   451 O OG1 . THR B 2 33 ? -1.849  8.327   -5.167  1.00 18.72 ? 57  THR A OG1 1 
ATOM   452 C CG2 . THR B 2 33 ? -0.670  6.507   -4.078  1.00 17.80 ? 57  THR A CG2 1 
ATOM   453 N N   . TYR B 2 34 ? -2.858  8.213   -2.525  1.00 20.60 ? 58  TYR A N   1 
ATOM   454 C CA  . TYR B 2 34 ? -3.865  7.816   -1.547  1.00 18.92 ? 58  TYR A CA  1 
ATOM   455 C C   . TYR B 2 34 ? -4.576  6.538   -1.995  1.00 21.07 ? 58  TYR A C   1 
ATOM   456 O O   . TYR B 2 34 ? -4.566  6.183   -3.175  1.00 20.49 ? 58  TYR A O   1 
ATOM   457 C CB  . TYR B 2 34 ? -4.856  8.965   -1.286  1.00 19.75 ? 58  TYR A CB  1 
ATOM   458 C CG  . TYR B 2 34 ? -5.689  9.380   -2.473  1.00 21.01 ? 58  TYR A CG  1 
ATOM   459 C CD1 . TYR B 2 34 ? -6.901  8.747   -2.757  1.00 20.86 ? 58  TYR A CD1 1 
ATOM   460 C CD2 . TYR B 2 34 ? -5.262  10.398  -3.323  1.00 19.11 ? 58  TYR A CD2 1 
ATOM   461 C CE1 . TYR B 2 34 ? -7.665  9.118   -3.857  1.00 23.02 ? 58  TYR A CE1 1 
ATOM   462 C CE2 . TYR B 2 34 ? -6.016  10.777  -4.427  1.00 21.46 ? 58  TYR A CE2 1 
ATOM   463 C CZ  . TYR B 2 34 ? -7.217  10.131  -4.689  1.00 22.68 ? 58  TYR A CZ  1 
ATOM   464 O OH  . TYR B 2 34 ? -7.954  10.482  -5.796  1.00 21.45 ? 58  TYR A OH  1 
ATOM   465 N N   . VAL B 2 35 ? -5.169  5.834   -1.040  1.00 20.84 ? 59  VAL A N   1 
ATOM   466 C CA  . VAL B 2 35 ? -5.844  4.575   -1.321  1.00 21.39 ? 59  VAL A CA  1 
ATOM   467 C C   . VAL B 2 35 ? -7.277  4.688   -1.841  1.00 22.70 ? 59  VAL A C   1 
ATOM   468 O O   . VAL B 2 35 ? -8.076  5.485   -1.343  1.00 21.09 ? 59  VAL A O   1 
ATOM   469 C CB  . VAL B 2 35 ? -5.886  3.679   -0.056  1.00 22.70 ? 59  VAL A CB  1 
ATOM   470 C CG1 . VAL B 2 35 ? -6.547  2.338   -0.384  1.00 19.82 ? 59  VAL A CG1 1 
ATOM   471 C CG2 . VAL B 2 35 ? -4.477  3.466   0.488   1.00 20.37 ? 59  VAL A CG2 1 
ATOM   472 N N   . ILE B 2 36 ? -7.574  3.876   -2.851  1.00 24.75 ? 60  ILE A N   1 
ATOM   473 C CA  . ILE B 2 36 ? -8.905  3.780   -3.437  1.00 26.84 ? 60  ILE A CA  1 
ATOM   474 C C   . ILE B 2 36 ? -9.239  2.296   -3.321  1.00 28.47 ? 60  ILE A C   1 
ATOM   475 O O   . ILE B 2 36 ? -8.475  1.448   -3.780  1.00 28.42 ? 60  ILE A O   1 
ATOM   476 C CB  . ILE B 2 36 ? -8.926  4.185   -4.924  1.00 27.37 ? 60  ILE A CB  1 
ATOM   477 C CG1 . ILE B 2 36 ? -8.734  5.699   -5.054  1.00 26.67 ? 60  ILE A CG1 1 
ATOM   478 C CG2 . ILE B 2 36 ? -10.243 3.752   -5.555  1.00 30.13 ? 60  ILE A CG2 1 
ATOM   479 C CD1 . ILE B 2 36 ? -8.747  6.207   -6.478  1.00 30.82 ? 60  ILE A CD1 1 
ATOM   480 N N   . LEU B 2 37 ? -10.366 1.986   -2.684  1.00 30.29 ? 61  LEU A N   1 
ATOM   481 C CA  . LEU B 2 37 ? -10.785 0.600   -2.492  1.00 31.11 ? 61  LEU A CA  1 
ATOM   482 C C   . LEU B 2 37 ? -11.282 -0.025  -3.790  1.00 32.12 ? 61  LEU A C   1 
ATOM   483 O O   . LEU B 2 37 ? -12.250 0.445   -4.391  1.00 31.65 ? 61  LEU A O   1 
ATOM   484 C CB  . LEU B 2 37 ? -11.874 0.531   -1.418  1.00 32.27 ? 61  LEU A CB  1 
ATOM   485 C CG  . LEU B 2 37 ? -11.481 1.102   -0.051  1.00 32.66 ? 61  LEU A CG  1 
ATOM   486 C CD1 . LEU B 2 37 ? -12.670 1.044   0.898   1.00 33.36 ? 61  LEU A CD1 1 
ATOM   487 C CD2 . LEU B 2 37 ? -10.302 0.322   0.517   1.00 33.03 ? 61  LEU A CD2 1 
ATOM   488 N N   . GLY B 2 38 ? -10.611 -1.090  -4.218  1.00 32.55 ? 62  GLY A N   1 
ATOM   489 C CA  . GLY B 2 38 ? -10.990 -1.754  -5.450  1.00 35.80 ? 62  GLY A CA  1 
ATOM   490 C C   . GLY B 2 38 ? -12.005 -2.861  -5.261  1.00 37.94 ? 62  GLY A C   1 
ATOM   491 O O   . GLY B 2 38 ? -12.125 -3.431  -4.176  1.00 37.37 ? 62  GLY A O   1 
ATOM   492 N N   . LYS B 2 39 ? -12.739 -3.167  -6.328  1.00 40.68 ? 63  LYS A N   1 
ATOM   493 C CA  . LYS B 2 39 ? -13.754 -4.211  -6.289  1.00 43.50 ? 63  LYS A CA  1 
ATOM   494 C C   . LYS B 2 39 ? -13.266 -5.470  -6.995  1.00 43.74 ? 63  LYS A C   1 
ATOM   495 O O   . LYS B 2 39 ? -13.861 -6.539  -6.856  1.00 45.11 ? 63  LYS A O   1 
ATOM   496 C CB  . LYS B 2 39 ? -15.047 -3.713  -6.942  1.00 45.29 ? 63  LYS A CB  1 
ATOM   497 C CG  . LYS B 2 39 ? -15.690 -2.536  -6.219  1.00 47.68 ? 63  LYS A CG  1 
ATOM   498 C CD  . LYS B 2 39 ? -16.146 -2.926  -4.821  1.00 50.28 ? 63  LYS A CD  1 
ATOM   499 C CE  . LYS B 2 39 ? -16.710 -1.732  -4.059  1.00 52.54 ? 63  LYS A CE  1 
ATOM   500 N NZ  . LYS B 2 39 ? -17.889 -1.118  -4.737  1.00 53.45 ? 63  LYS A NZ  1 
ATOM   501 N N   . LYS B 2 40 ? -12.183 -5.342  -7.754  1.00 43.26 ? 64  LYS A N   1 
ATOM   502 C CA  . LYS B 2 40 ? -11.619 -6.483  -8.467  1.00 43.33 ? 64  LYS A CA  1 
ATOM   503 C C   . LYS B 2 40 ? -10.613 -7.215  -7.583  1.00 43.34 ? 64  LYS A C   1 
ATOM   504 O O   . LYS B 2 40 ? -9.721  -6.602  -6.996  1.00 42.55 ? 64  LYS A O   1 
ATOM   505 C CB  . LYS B 2 40 ? -10.942 -6.025  -9.763  1.00 44.78 ? 64  LYS A CB  1 
ATOM   506 C CG  . LYS B 2 40 ? -10.227 -7.141  -10.521 1.00 47.53 ? 64  LYS A CG  1 
ATOM   507 C CD  . LYS B 2 40 ? -11.171 -8.293  -10.852 1.00 50.21 ? 64  LYS A CD  1 
ATOM   508 C CE  . LYS B 2 40 ? -10.460 -9.412  -11.606 1.00 50.44 ? 64  LYS A CE  1 
ATOM   509 N NZ  . LYS B 2 40 ? -9.410  -10.074 -10.783 1.00 50.09 ? 64  LYS A NZ  1 
ATOM   510 N N   . ARG B 2 41 ? -10.767 -8.530  -7.495  1.00 42.65 ? 65  ARG A N   1 
ATOM   511 C CA  . ARG B 2 41 ? -9.893  -9.365  -6.681  1.00 42.92 ? 65  ARG A CA  1 
ATOM   512 C C   . ARG B 2 41 ? -8.437  -9.367  -7.152  1.00 41.27 ? 65  ARG A C   1 
ATOM   513 O O   . ARG B 2 41 ? -8.157  -9.559  -8.335  1.00 41.10 ? 65  ARG A O   1 
ATOM   514 C CB  . ARG B 2 41 ? -10.435 -10.797 -6.661  1.00 45.81 ? 65  ARG A CB  1 
ATOM   515 C CG  . ARG B 2 41 ? -9.498  -11.827 -6.051  1.00 49.90 ? 65  ARG A CG  1 
ATOM   516 C CD  . ARG B 2 41 ? -10.152 -13.202 -6.016  1.00 54.31 ? 65  ARG A CD  1 
ATOM   517 N NE  . ARG B 2 41 ? -9.300  -14.239 -6.594  1.00 56.78 ? 65  ARG A NE  1 
ATOM   518 C CZ  . ARG B 2 41 ? -8.958  -14.297 -7.879  1.00 59.06 ? 65  ARG A CZ  1 
ATOM   519 N NH1 . ARG B 2 41 ? -9.397  -13.375 -8.726  1.00 59.50 ? 65  ARG A NH1 1 
ATOM   520 N NH2 . ARG B 2 41 ? -8.178  -15.278 -8.319  1.00 59.95 ? 65  ARG A NH2 1 
ATOM   521 N N   . GLY B 2 42 ? -7.521  -9.154  -6.208  1.00 39.72 ? 66  GLY A N   1 
ATOM   522 C CA  . GLY B 2 42 ? -6.100  -9.148  -6.512  1.00 38.59 ? 66  GLY A CA  1 
ATOM   523 C C   . GLY B 2 42 ? -5.612  -7.982  -7.352  1.00 37.73 ? 66  GLY A C   1 
ATOM   524 O O   . GLY B 2 42 ? -4.490  -8.001  -7.861  1.00 37.23 ? 66  GLY A O   1 
ATOM   525 N N   . GLU B 2 43 ? -6.447  -6.960  -7.483  1.00 36.35 ? 67  GLU A N   1 
ATOM   526 C CA  . GLU B 2 43 ? -6.100  -5.793  -8.283  1.00 35.65 ? 67  GLU A CA  1 
ATOM   527 C C   . GLU B 2 43 ? -5.282  -4.732  -7.551  1.00 32.63 ? 67  GLU A C   1 
ATOM   528 O O   . GLU B 2 43 ? -5.545  -4.404  -6.398  1.00 32.64 ? 67  GLU A O   1 
ATOM   529 C CB  . GLU B 2 43 ? -7.370  -5.133  -8.822  1.00 37.86 ? 67  GLU A CB  1 
ATOM   530 C CG  . GLU B 2 43 ? -7.113  -3.896  -9.663  1.00 41.13 ? 67  GLU A CG  1 
ATOM   531 C CD  . GLU B 2 43 ? -8.359  -3.055  -9.866  1.00 43.59 ? 67  GLU A CD  1 
ATOM   532 O OE1 . GLU B 2 43 ? -8.321  -2.128  -10.704 1.00 44.39 ? 67  GLU A OE1 1 
ATOM   533 O OE2 . GLU B 2 43 ? -9.373  -3.315  -9.181  1.00 45.13 ? 67  GLU A OE2 1 
ATOM   534 N N   . ILE B 2 44 ? -4.279  -4.212  -8.247  1.00 29.73 ? 68  ILE A N   1 
ATOM   535 C CA  . ILE B 2 44 ? -3.433  -3.142  -7.741  1.00 27.09 ? 68  ILE A CA  1 
ATOM   536 C C   . ILE B 2 44 ? -3.161  -2.274  -8.957  1.00 25.08 ? 68  ILE A C   1 
ATOM   537 O O   . ILE B 2 44 ? -2.281  -2.566  -9.765  1.00 26.05 ? 68  ILE A O   1 
ATOM   538 C CB  . ILE B 2 44 ? -2.116  -3.668  -7.142  1.00 27.16 ? 68  ILE A CB  1 
ATOM   539 C CG1 . ILE B 2 44 ? -2.414  -4.396  -5.830  1.00 26.64 ? 68  ILE A CG1 1 
ATOM   540 C CG2 . ILE B 2 44 ? -1.156  -2.510  -6.896  1.00 27.97 ? 68  ILE A CG2 1 
ATOM   541 C CD1 . ILE B 2 44 ? -1.195  -4.759  -5.044  1.00 29.30 ? 68  ILE A CD1 1 
ATOM   542 N N   . CYS B 2 45 ? -3.948  -1.210  -9.081  1.00 24.22 ? 69  CYS A N   1 
ATOM   543 C CA  . CYS B 2 45 ? -3.865  -0.304  -10.213 1.00 25.01 ? 69  CYS A CA  1 
ATOM   544 C C   . CYS B 2 45 ? -3.403  1.100   -9.841  1.00 23.54 ? 69  CYS A C   1 
ATOM   545 O O   . CYS B 2 45 ? -3.991  1.747   -8.971  1.00 24.52 ? 69  CYS A O   1 
ATOM   546 C CB  . CYS B 2 45 ? -5.236  -0.232  -10.892 1.00 25.76 ? 69  CYS A CB  1 
ATOM   547 S SG  . CYS B 2 45 ? -5.339  0.864   -12.322 1.00 32.82 ? 69  CYS A SG  1 
ATOM   548 N N   . VAL B 2 46 ? -2.350  1.568   -10.507 1.00 23.54 ? 70  VAL A N   1 
ATOM   549 C CA  . VAL B 2 46 ? -1.825  2.909   -10.256 1.00 22.06 ? 70  VAL A CA  1 
ATOM   550 C C   . VAL B 2 46 ? -2.461  3.883   -11.252 1.00 22.68 ? 70  VAL A C   1 
ATOM   551 O O   . VAL B 2 46 ? -2.321  3.732   -12.469 1.00 22.47 ? 70  VAL A O   1 
ATOM   552 C CB  . VAL B 2 46 ? -0.279  2.941   -10.376 1.00 20.42 ? 70  VAL A CB  1 
ATOM   553 C CG1 . VAL B 2 46 ? 0.232   4.380   -10.253 1.00 18.89 ? 70  VAL A CG1 1 
ATOM   554 C CG2 . VAL B 2 46 ? 0.342   2.075   -9.277  1.00 18.64 ? 70  VAL A CG2 1 
ATOM   555 N N   . ASN B 2 47 ? -3.161  4.879   -10.716 1.00 23.75 ? 71  ASN A N   1 
ATOM   556 C CA  . ASN B 2 47 ? -3.866  5.871   -11.521 1.00 25.65 ? 71  ASN A CA  1 
ATOM   557 C C   . ASN B 2 47 ? -3.256  7.269   -11.462 1.00 25.17 ? 71  ASN A C   1 
ATOM   558 O O   . ASN B 2 47 ? -2.576  7.627   -10.499 1.00 27.15 ? 71  ASN A O   1 
ATOM   559 C CB  . ASN B 2 47 ? -5.321  5.953   -11.056 1.00 26.95 ? 71  ASN A CB  1 
ATOM   560 C CG  . ASN B 2 47 ? -5.987  4.594   -10.990 1.00 29.14 ? 71  ASN A CG  1 
ATOM   561 O OD1 . ASN B 2 47 ? -6.132  3.914   -12.006 1.00 30.00 ? 71  ASN A OD1 1 
ATOM   562 N ND2 . ASN B 2 47 ? -6.391  4.187   -9.790  1.00 28.06 ? 71  ASN A ND2 1 
ATOM   563 N N   . GLY B 2 48 ? -3.518  8.064   -12.493 1.00 24.06 ? 72  GLY A N   1 
ATOM   564 C CA  . GLY B 2 48 ? -3.008  9.423   -12.524 1.00 23.24 ? 72  GLY A CA  1 
ATOM   565 C C   . GLY B 2 48 ? -1.554  9.551   -12.941 1.00 21.52 ? 72  GLY A C   1 
ATOM   566 O O   . GLY B 2 48 ? -1.000  8.669   -13.592 1.00 20.40 ? 72  GLY A O   1 
ATOM   567 N N   . ALA B 2 49 ? -0.944  10.668  -12.560 1.00 21.14 ? 73  ALA A N   1 
ATOM   568 C CA  . ALA B 2 49 ? 0.451   10.949  -12.880 1.00 19.96 ? 73  ALA A CA  1 
ATOM   569 C C   . ALA B 2 49 ? 1.403   9.856   -12.405 1.00 17.98 ? 73  ALA A C   1 
ATOM   570 O O   . ALA B 2 49 ? 2.463   9.643   -12.999 1.00 17.93 ? 73  ALA A O   1 
ATOM   571 C CB  . ALA B 2 49 ? 0.855   12.298  -12.269 1.00 20.83 ? 73  ALA A CB  1 
ATOM   572 N N   . ALA B 2 50 ? 1.025   9.157   -11.339 1.00 17.38 ? 74  ALA A N   1 
ATOM   573 C CA  . ALA B 2 50 ? 1.862   8.093   -10.785 1.00 17.95 ? 74  ALA A CA  1 
ATOM   574 C C   . ALA B 2 50 ? 2.092   6.952   -11.764 1.00 16.67 ? 74  ALA A C   1 
ATOM   575 O O   . ALA B 2 50 ? 3.067   6.207   -11.635 1.00 16.97 ? 74  ALA A O   1 
ATOM   576 C CB  . ALA B 2 50 ? 1.241   7.552   -9.484  1.00 18.69 ? 74  ALA A CB  1 
ATOM   577 N N   . ALA B 2 51 ? 1.203   6.804   -12.742 1.00 17.54 ? 75  ALA A N   1 
ATOM   578 C CA  . ALA B 2 51 ? 1.355   5.731   -13.730 1.00 17.71 ? 75  ALA A CA  1 
ATOM   579 C C   . ALA B 2 51 ? 2.711   5.834   -14.422 1.00 17.71 ? 75  ALA A C   1 
ATOM   580 O O   . ALA B 2 51 ? 3.265   4.842   -14.872 1.00 18.07 ? 75  ALA A O   1 
ATOM   581 C CB  . ALA B 2 51 ? 0.234   5.798   -14.774 1.00 20.25 ? 75  ALA A CB  1 
ATOM   582 N N   . ARG B 2 52 ? 3.249   7.044   -14.501 1.00 17.21 ? 76  ARG A N   1 
ATOM   583 C CA  . ARG B 2 52 ? 4.539   7.238   -15.155 1.00 17.04 ? 76  ARG A CA  1 
ATOM   584 C C   . ARG B 2 52 ? 5.718   6.788   -14.281 1.00 17.22 ? 76  ARG A C   1 
ATOM   585 O O   . ARG B 2 52 ? 6.850   6.705   -14.759 1.00 16.60 ? 76  ARG A O   1 
ATOM   586 C CB  . ARG B 2 52 ? 4.709   8.709   -15.546 1.00 16.54 ? 76  ARG A CB  1 
ATOM   587 C CG  . ARG B 2 52 ? 3.737   9.196   -16.633 1.00 16.52 ? 76  ARG A CG  1 
ATOM   588 C CD  . ARG B 2 52 ? 4.083   10.626  -17.051 1.00 18.00 ? 76  ARG A CD  1 
ATOM   589 N NE  . ARG B 2 52 ? 3.267   11.149  -18.151 1.00 14.98 ? 76  ARG A NE  1 
ATOM   590 C CZ  . ARG B 2 52 ? 3.475   10.910  -19.442 1.00 18.01 ? 76  ARG A CZ  1 
ATOM   591 N NH1 . ARG B 2 52 ? 4.484   10.134  -19.837 1.00 13.58 ? 76  ARG A NH1 1 
ATOM   592 N NH2 . ARG B 2 52 ? 2.681   11.476  -20.354 1.00 12.95 ? 76  ARG A NH2 1 
ATOM   593 N N   . LYS B 2 53 ? 5.446   6.478   -13.014 1.00 14.12 ? 77  LYS A N   1 
ATOM   594 C CA  . LYS B 2 53 ? 6.493   6.049   -12.082 1.00 16.47 ? 77  LYS A CA  1 
ATOM   595 C C   . LYS B 2 53 ? 6.586   4.527   -11.930 1.00 17.09 ? 77  LYS A C   1 
ATOM   596 O O   . LYS B 2 53 ? 7.417   4.021   -11.167 1.00 15.52 ? 77  LYS A O   1 
ATOM   597 C CB  . LYS B 2 53 ? 6.248   6.638   -10.689 1.00 17.34 ? 77  LYS A CB  1 
ATOM   598 C CG  . LYS B 2 53 ? 6.170   8.164   -10.592 1.00 20.59 ? 77  LYS A CG  1 
ATOM   599 C CD  . LYS B 2 53 ? 7.445   8.849   -11.047 1.00 20.94 ? 77  LYS A CD  1 
ATOM   600 C CE  . LYS B 2 53 ? 7.498   10.296  -10.540 1.00 22.33 ? 77  LYS A CE  1 
ATOM   601 N NZ  . LYS B 2 53 ? 8.521   11.103  -11.276 1.00 23.77 ? 77  LYS A NZ  1 
ATOM   602 N N   . VAL B 2 54 ? 5.728   3.795   -12.634 1.00 16.45 ? 78  VAL A N   1 
ATOM   603 C CA  . VAL B 2 54 ? 5.727   2.341   -12.524 1.00 15.96 ? 78  VAL A CA  1 
ATOM   604 C C   . VAL B 2 54 ? 5.416   1.679   -13.857 1.00 18.49 ? 78  VAL A C   1 
ATOM   605 O O   . VAL B 2 54 ? 5.042   2.348   -14.820 1.00 16.96 ? 78  VAL A O   1 
ATOM   606 C CB  . VAL B 2 54 ? 4.660   1.856   -11.506 1.00 16.34 ? 78  VAL A CB  1 
ATOM   607 C CG1 . VAL B 2 54 ? 4.916   2.469   -10.136 1.00 14.94 ? 78  VAL A CG1 1 
ATOM   608 C CG2 . VAL B 2 54 ? 3.253   2.236   -12.004 1.00 15.30 ? 78  VAL A CG2 1 
ATOM   609 N N   . ALA B 2 55 ? 5.595   0.362   -13.906 1.00 17.16 ? 79  ALA A N   1 
ATOM   610 C CA  . ALA B 2 55 ? 5.284   -0.413  -15.100 1.00 18.73 ? 79  ALA A CA  1 
ATOM   611 C C   . ALA B 2 55 ? 4.405   -1.556  -14.609 1.00 19.01 ? 79  ALA A C   1 
ATOM   612 O O   . ALA B 2 55 ? 4.589   -2.056  -13.496 1.00 17.32 ? 79  ALA A O   1 
ATOM   613 C CB  . ALA B 2 55 ? 6.555   -0.961  -15.742 1.00 21.22 ? 79  ALA A CB  1 
ATOM   614 N N   . ILE B 2 56 ? 3.425   -1.951  -15.409 1.00 20.15 ? 80  ILE A N   1 
ATOM   615 C CA  . ILE B 2 56 ? 2.563   -3.050  -15.000 1.00 22.41 ? 80  ILE A CA  1 
ATOM   616 C C   . ILE B 2 56 ? 3.478   -4.252  -14.772 1.00 21.72 ? 80  ILE A C   1 
ATOM   617 O O   . ILE B 2 56 ? 4.371   -4.515  -15.573 1.00 23.50 ? 80  ILE A O   1 
ATOM   618 C CB  . ILE B 2 56 ? 1.513   -3.356  -16.090 1.00 23.72 ? 80  ILE A CB  1 
ATOM   619 C CG1 . ILE B 2 56 ? 0.624   -2.124  -16.286 1.00 24.58 ? 80  ILE A CG1 1 
ATOM   620 C CG2 . ILE B 2 56 ? 0.674   -4.566  -15.691 1.00 24.70 ? 80  ILE A CG2 1 
ATOM   621 C CD1 . ILE B 2 56 ? -0.412  -2.256  -17.386 1.00 27.81 ? 80  ILE A CD1 1 
ATOM   622 N N   . GLY B 2 57 ? 3.285   -4.952  -13.659 1.00 20.72 ? 81  GLY A N   1 
ATOM   623 C CA  . GLY B 2 57 ? 4.120   -6.102  -13.373 1.00 21.58 ? 81  GLY A CA  1 
ATOM   624 C C   . GLY B 2 57 ? 5.216   -5.832  -12.353 1.00 21.48 ? 81  GLY A C   1 
ATOM   625 O O   . GLY B 2 57 ? 5.849   -6.768  -11.862 1.00 17.39 ? 81  GLY A O   1 
ATOM   626 N N   . ASP B 2 58 ? 5.455   -4.560  -12.029 1.00 19.51 ? 82  ASP A N   1 
ATOM   627 C CA  . ASP B 2 58 ? 6.487   -4.229  -11.052 1.00 20.06 ? 82  ASP A CA  1 
ATOM   628 C C   . ASP B 2 58 ? 6.062   -4.683  -9.664  1.00 19.73 ? 82  ASP A C   1 
ATOM   629 O O   . ASP B 2 58 ? 4.872   -4.742  -9.351  1.00 21.52 ? 82  ASP A O   1 
ATOM   630 C CB  . ASP B 2 58 ? 6.739   -2.714  -10.972 1.00 17.83 ? 82  ASP A CB  1 
ATOM   631 C CG  . ASP B 2 58 ? 7.490   -2.166  -12.170 1.00 17.85 ? 82  ASP A CG  1 
ATOM   632 O OD1 . ASP B 2 58 ? 7.973   -2.954  -13.009 1.00 15.58 ? 82  ASP A OD1 1 
ATOM   633 O OD2 . ASP B 2 58 ? 7.606   -0.922  -12.259 1.00 18.12 ? 82  ASP A OD2 1 
ATOM   634 N N   . VAL B 2 59 ? 7.052   -4.989  -8.835  1.00 19.61 ? 83  VAL A N   1 
ATOM   635 C CA  . VAL B 2 59 ? 6.807   -5.390  -7.457  1.00 20.17 ? 83  VAL A CA  1 
ATOM   636 C C   . VAL B 2 59 ? 6.900   -4.107  -6.635  1.00 19.93 ? 83  VAL A C   1 
ATOM   637 O O   . VAL B 2 59 ? 7.855   -3.336  -6.784  1.00 18.11 ? 83  VAL A O   1 
ATOM   638 C CB  . VAL B 2 59 ? 7.879   -6.392  -6.969  1.00 21.32 ? 83  VAL A CB  1 
ATOM   639 C CG1 . VAL B 2 59 ? 7.673   -6.700  -5.488  1.00 23.19 ? 83  VAL A CG1 1 
ATOM   640 C CG2 . VAL B 2 59 ? 7.798   -7.670  -7.783  1.00 21.47 ? 83  VAL A CG2 1 
ATOM   641 N N   . VAL B 2 60 ? 5.910   -3.866  -5.784  1.00 20.51 ? 84  VAL A N   1 
ATOM   642 C CA  . VAL B 2 60 ? 5.907   -2.662  -4.968  1.00 20.72 ? 84  VAL A CA  1 
ATOM   643 C C   . VAL B 2 60 ? 5.649   -2.927  -3.499  1.00 22.42 ? 84  VAL A C   1 
ATOM   644 O O   . VAL B 2 60 ? 5.149   -3.984  -3.103  1.00 21.88 ? 84  VAL A O   1 
ATOM   645 C CB  . VAL B 2 60 ? 4.831   -1.647  -5.428  1.00 21.15 ? 84  VAL A CB  1 
ATOM   646 C CG1 . VAL B 2 60 ? 5.140   -1.143  -6.826  1.00 20.45 ? 84  VAL A CG1 1 
ATOM   647 C CG2 . VAL B 2 60 ? 3.446   -2.300  -5.375  1.00 22.04 ? 84  VAL A CG2 1 
ATOM   648 N N   . ILE B 2 61 ? 6.001   -1.938  -2.693  1.00 19.32 ? 85  ILE A N   1 
ATOM   649 C CA  . ILE B 2 61 ? 5.784   -2.013  -1.268  1.00 20.40 ? 85  ILE A CA  1 
ATOM   650 C C   . ILE B 2 61 ? 4.921   -0.808  -0.940  1.00 19.75 ? 85  ILE A C   1 
ATOM   651 O O   . ILE B 2 61 ? 5.253   0.327   -1.294  1.00 18.86 ? 85  ILE A O   1 
ATOM   652 C CB  . ILE B 2 61 ? 7.118   -1.976  -0.499  1.00 20.68 ? 85  ILE A CB  1 
ATOM   653 C CG1 . ILE B 2 61 ? 7.938   -3.218  -0.871  1.00 21.53 ? 85  ILE A CG1 1 
ATOM   654 C CG2 . ILE B 2 61 ? 6.857   -1.930  1.009   1.00 19.28 ? 85  ILE A CG2 1 
ATOM   655 C CD1 . ILE B 2 61 ? 9.361   -3.220  -0.345  1.00 23.90 ? 85  ILE A CD1 1 
ATOM   656 N N   . ILE B 2 62 ? 3.788   -1.074  -0.300  1.00 19.02 ? 86  ILE A N   1 
ATOM   657 C CA  . ILE B 2 62 ? 2.836   -0.039  0.070   1.00 18.35 ? 86  ILE A CA  1 
ATOM   658 C C   . ILE B 2 62 ? 2.907   0.159   1.572   1.00 19.45 ? 86  ILE A C   1 
ATOM   659 O O   . ILE B 2 62 ? 2.669   -0.774  2.336   1.00 19.86 ? 86  ILE A O   1 
ATOM   660 C CB  . ILE B 2 62 ? 1.417   -0.461  -0.342  1.00 19.83 ? 86  ILE A CB  1 
ATOM   661 C CG1 . ILE B 2 62 ? 1.416   -0.853  -1.822  1.00 20.15 ? 86  ILE A CG1 1 
ATOM   662 C CG2 . ILE B 2 62 ? 0.431   0.669   -0.070  1.00 17.50 ? 86  ILE A CG2 1 
ATOM   663 C CD1 . ILE B 2 62 ? 0.132   -1.499  -2.301  1.00 22.81 ? 86  ILE A CD1 1 
ATOM   664 N N   . LEU B 2 63 ? 3.232   1.375   2.000   1.00 19.28 ? 87  LEU A N   1 
ATOM   665 C CA  . LEU B 2 63 ? 3.358   1.646   3.422   1.00 20.45 ? 87  LEU A CA  1 
ATOM   666 C C   . LEU B 2 63 ? 2.434   2.738   3.945   1.00 21.00 ? 87  LEU A C   1 
ATOM   667 O O   . LEU B 2 63 ? 2.177   3.738   3.272   1.00 17.37 ? 87  LEU A O   1 
ATOM   668 C CB  . LEU B 2 63 ? 4.809   2.010   3.756   1.00 20.81 ? 87  LEU A CB  1 
ATOM   669 C CG  . LEU B 2 63 ? 5.884   1.062   3.220   1.00 21.96 ? 87  LEU A CG  1 
ATOM   670 C CD1 . LEU B 2 63 ? 6.499   1.666   1.963   1.00 21.41 ? 87  LEU A CD1 1 
ATOM   671 C CD2 . LEU B 2 63 ? 6.968   0.836   4.269   1.00 23.52 ? 87  LEU A CD2 1 
ATOM   672 N N   . ALA B 2 64 ? 1.929   2.528   5.156   1.00 19.67 ? 88  ALA A N   1 
ATOM   673 C CA  . ALA B 2 64 ? 1.061   3.499   5.808   1.00 20.32 ? 88  ALA A CA  1 
ATOM   674 C C   . ALA B 2 64 ? 1.716   3.885   7.128   1.00 21.41 ? 88  ALA A C   1 
ATOM   675 O O   . ALA B 2 64 ? 2.140   3.015   7.890   1.00 20.19 ? 88  ALA A O   1 
ATOM   676 C CB  . ALA B 2 64 ? -0.316  2.900   6.072   1.00 20.44 ? 88  ALA A CB  1 
ATOM   677 N N   . TYR B 2 65 ? 1.814   5.185   7.381   1.00 20.68 ? 89  TYR A N   1 
ATOM   678 C CA  . TYR B 2 65 ? 2.395   5.692   8.618   1.00 22.98 ? 89  TYR A CA  1 
ATOM   679 C C   . TYR B 2 65 ? 1.329   6.448   9.396   1.00 23.48 ? 89  TYR A C   1 
ATOM   680 O O   . TYR B 2 65 ? 0.396   6.994   8.813   1.00 24.01 ? 89  TYR A O   1 
ATOM   681 C CB  . TYR B 2 65 ? 3.554   6.655   8.337   1.00 20.57 ? 89  TYR A CB  1 
ATOM   682 C CG  . TYR B 2 65 ? 4.813   6.007   7.818   1.00 19.42 ? 89  TYR A CG  1 
ATOM   683 C CD1 . TYR B 2 65 ? 5.002   5.798   6.453   1.00 19.87 ? 89  TYR A CD1 1 
ATOM   684 C CD2 . TYR B 2 65 ? 5.827   5.613   8.695   1.00 19.56 ? 89  TYR A CD2 1 
ATOM   685 C CE1 . TYR B 2 65 ? 6.172   5.218   5.968   1.00 20.99 ? 89  TYR A CE1 1 
ATOM   686 C CE2 . TYR B 2 65 ? 6.996   5.030   8.224   1.00 20.52 ? 89  TYR A CE2 1 
ATOM   687 C CZ  . TYR B 2 65 ? 7.164   4.836   6.858   1.00 19.48 ? 89  TYR A CZ  1 
ATOM   688 O OH  . TYR B 2 65 ? 8.323   4.273   6.381   1.00 17.42 ? 89  TYR A OH  1 
ATOM   689 N N   . ALA B 2 66 ? 1.475   6.473   10.714  1.00 23.65 ? 90  ALA A N   1 
ATOM   690 C CA  . ALA B 2 66 ? 0.542   7.191   11.576  1.00 24.74 ? 90  ALA A CA  1 
ATOM   691 C C   . ALA B 2 66 ? 1.340   7.976   12.616  1.00 23.53 ? 90  ALA A C   1 
ATOM   692 O O   . ALA B 2 66 ? 2.409   7.541   13.041  1.00 23.84 ? 90  ALA A O   1 
ATOM   693 C CB  . ALA B 2 66 ? -0.409  6.204   12.265  1.00 25.86 ? 90  ALA A CB  1 
ATOM   694 N N   . SER B 2 67 ? 0.838   9.142   13.006  1.00 23.09 ? 91  SER A N   1 
ATOM   695 C CA  . SER B 2 67 ? 1.515   9.954   14.008  1.00 25.42 ? 91  SER A CA  1 
ATOM   696 C C   . SER B 2 67 ? 1.056   9.482   15.381  1.00 26.21 ? 91  SER A C   1 
ATOM   697 O O   . SER B 2 67 ? -0.123  9.578   15.712  1.00 26.17 ? 91  SER A O   1 
ATOM   698 C CB  . SER B 2 67 ? 1.177   11.434  13.821  1.00 25.62 ? 91  SER A CB  1 
ATOM   699 O OG  . SER B 2 67 ? 1.659   11.902  12.576  1.00 27.36 ? 91  SER A OG  1 
ATOM   700 N N   . MET B 2 68 ? 1.997   8.970   16.169  1.00 28.48 ? 92  MET A N   1 
ATOM   701 C CA  . MET B 2 68 ? 1.697   8.438   17.498  1.00 28.60 ? 92  MET A CA  1 
ATOM   702 C C   . MET B 2 68 ? 2.473   9.124   18.614  1.00 30.24 ? 92  MET A C   1 
ATOM   703 O O   . MET B 2 68 ? 3.566   9.651   18.392  1.00 28.58 ? 92  MET A O   1 
ATOM   704 C CB  . MET B 2 68 ? 2.038   6.946   17.560  1.00 25.58 ? 92  MET A CB  1 
ATOM   705 C CG  . MET B 2 68 ? 1.283   6.049   16.610  1.00 22.25 ? 92  MET A CG  1 
ATOM   706 S SD  . MET B 2 68 ? 1.912   4.378   16.685  1.00 13.35 ? 92  MET A SD  1 
ATOM   707 C CE  . MET B 2 68 ? 1.256   3.713   15.199  1.00 22.26 ? 92  MET A CE  1 
ATOM   708 N N   . ASN B 2 69 ? 1.901   9.100   19.818  1.00 33.52 ? 93  ASN A N   1 
ATOM   709 C CA  . ASN B 2 69 ? 2.567   9.657   20.984  1.00 34.90 ? 93  ASN A CA  1 
ATOM   710 C C   . ASN B 2 69 ? 3.310   8.474   21.603  1.00 36.63 ? 93  ASN A C   1 
ATOM   711 O O   . ASN B 2 69 ? 3.155   7.342   21.140  1.00 34.96 ? 93  ASN A O   1 
ATOM   712 C CB  . ASN B 2 69 ? 1.554   10.242  21.977  1.00 36.99 ? 93  ASN A CB  1 
ATOM   713 C CG  . ASN B 2 69 ? 0.478   9.255   22.367  1.00 36.41 ? 93  ASN A CG  1 
ATOM   714 O OD1 . ASN B 2 69 ? 0.765   8.136   22.797  1.00 36.26 ? 93  ASN A OD1 1 
ATOM   715 N ND2 . ASN B 2 69 ? -0.778  9.667   22.221  1.00 38.86 ? 93  ASN A ND2 1 
ATOM   716 N N   . GLU B 2 70 ? 4.104   8.725   22.640  1.00 38.53 ? 94  GLU A N   1 
ATOM   717 C CA  . GLU B 2 70 ? 4.883   7.667   23.278  1.00 40.47 ? 94  GLU A CA  1 
ATOM   718 C C   . GLU B 2 70 ? 4.080   6.462   23.776  1.00 40.92 ? 94  GLU A C   1 
ATOM   719 O O   . GLU B 2 70 ? 4.538   5.321   23.667  1.00 41.14 ? 94  GLU A O   1 
ATOM   720 C CB  . GLU B 2 70 ? 5.705   8.244   24.434  1.00 43.92 ? 94  GLU A CB  1 
ATOM   721 C CG  . GLU B 2 70 ? 4.887   8.715   25.620  1.00 48.04 ? 94  GLU A CG  1 
ATOM   722 C CD  . GLU B 2 70 ? 5.760   9.158   26.779  1.00 50.66 ? 94  GLU A CD  1 
ATOM   723 O OE1 . GLU B 2 70 ? 6.629   8.366   27.202  1.00 51.61 ? 94  GLU A OE1 1 
ATOM   724 O OE2 . GLU B 2 70 ? 5.574   10.293  27.268  1.00 52.78 ? 94  GLU A OE2 1 
ATOM   725 N N   . ASP B 2 71 ? 2.893   6.704   24.325  1.00 40.25 ? 95  ASP A N   1 
ATOM   726 C CA  . ASP B 2 71 ? 2.070   5.604   24.823  1.00 39.49 ? 95  ASP A CA  1 
ATOM   727 C C   . ASP B 2 71 ? 1.555   4.748   23.672  1.00 38.74 ? 95  ASP A C   1 
ATOM   728 O O   . ASP B 2 71 ? 1.555   3.518   23.746  1.00 37.48 ? 95  ASP A O   1 
ATOM   729 C CB  . ASP B 2 71 ? 0.890   6.134   25.642  1.00 39.93 ? 95  ASP A CB  1 
ATOM   730 C CG  . ASP B 2 71 ? 1.319   6.683   26.988  1.00 39.98 ? 95  ASP A CG  1 
ATOM   731 O OD1 . ASP B 2 71 ? 2.102   6.002   27.682  1.00 40.69 ? 95  ASP A OD1 1 
ATOM   732 O OD2 . ASP B 2 71 ? 0.871   7.787   27.359  1.00 41.70 ? 95  ASP A OD2 1 
ATOM   733 N N   . GLU B 2 72 ? 1.115   5.407   22.607  1.00 37.89 ? 96  GLU A N   1 
ATOM   734 C CA  . GLU B 2 72 ? 0.617   4.701   21.438  1.00 37.21 ? 96  GLU A CA  1 
ATOM   735 C C   . GLU B 2 72 ? 1.734   3.865   20.828  1.00 36.33 ? 96  GLU A C   1 
ATOM   736 O O   . GLU B 2 72 ? 1.506   2.747   20.369  1.00 37.35 ? 96  GLU A O   1 
ATOM   737 C CB  . GLU B 2 72 ? 0.082   5.704   20.418  1.00 37.61 ? 96  GLU A CB  1 
ATOM   738 C CG  . GLU B 2 72 ? -1.196  6.393   20.866  1.00 36.95 ? 96  GLU A CG  1 
ATOM   739 C CD  . GLU B 2 72 ? -1.484  7.661   20.097  1.00 37.55 ? 96  GLU A CD  1 
ATOM   740 O OE1 . GLU B 2 72 ? -2.650  8.105   20.106  1.00 38.88 ? 96  GLU A OE1 1 
ATOM   741 O OE2 . GLU B 2 72 ? -0.546  8.226   19.494  1.00 37.34 ? 96  GLU A OE2 1 
ATOM   742 N N   . ILE B 2 73 ? 2.946   4.409   20.835  1.00 35.49 ? 97  ILE A N   1 
ATOM   743 C CA  . ILE B 2 73 ? 4.105   3.711   20.290  1.00 35.09 ? 97  ILE A CA  1 
ATOM   744 C C   . ILE B 2 73 ? 4.369   2.409   21.042  1.00 35.45 ? 97  ILE A C   1 
ATOM   745 O O   . ILE B 2 73 ? 4.570   1.360   20.432  1.00 34.25 ? 97  ILE A O   1 
ATOM   746 C CB  . ILE B 2 73 ? 5.378   4.599   20.363  1.00 35.15 ? 97  ILE A CB  1 
ATOM   747 C CG1 . ILE B 2 73 ? 5.256   5.765   19.374  1.00 35.03 ? 97  ILE A CG1 1 
ATOM   748 C CG2 . ILE B 2 73 ? 6.621   3.765   20.070  1.00 33.99 ? 97  ILE A CG2 1 
ATOM   749 C CD1 . ILE B 2 73 ? 6.430   6.730   19.404  1.00 33.39 ? 97  ILE A CD1 1 
ATOM   750 N N   . ASN B 2 74 ? 4.361   2.480   22.369  1.00 35.43 ? 98  ASN A N   1 
ATOM   751 C CA  . ASN B 2 74 ? 4.618   1.304   23.192  1.00 36.29 ? 98  ASN A CA  1 
ATOM   752 C C   . ASN B 2 74 ? 3.581   0.204   23.021  1.00 35.32 ? 98  ASN A C   1 
ATOM   753 O O   . ASN B 2 74 ? 3.907   -0.979  23.088  1.00 35.34 ? 98  ASN A O   1 
ATOM   754 C CB  . ASN B 2 74 ? 4.704   1.694   24.669  1.00 37.33 ? 98  ASN A CB  1 
ATOM   755 C CG  . ASN B 2 74 ? 5.912   2.553   24.971  1.00 39.32 ? 98  ASN A CG  1 
ATOM   756 O OD1 . ASN B 2 74 ? 7.017   2.277   24.501  1.00 39.89 ? 98  ASN A OD1 1 
ATOM   757 N ND2 . ASN B 2 74 ? 5.712   3.594   25.768  1.00 40.15 ? 98  ASN A ND2 1 
ATOM   758 N N   . ALA B 2 75 ? 2.331   0.595   22.802  1.00 34.51 ? 99  ALA A N   1 
ATOM   759 C CA  . ALA B 2 75 ? 1.259   -0.376  22.633  1.00 34.17 ? 99  ALA A CA  1 
ATOM   760 C C   . ALA B 2 75 ? 1.025   -0.729  21.166  1.00 33.73 ? 99  ALA A C   1 
ATOM   761 O O   . ALA B 2 75 ? 0.303   -1.677  20.862  1.00 32.58 ? 99  ALA A O   1 
ATOM   762 C CB  . ALA B 2 75 ? -0.026  0.165   23.248  1.00 33.02 ? 99  ALA A CB  1 
ATOM   763 N N   . HIS B 2 76 ? 1.646   0.023   20.263  1.00 32.72 ? 100 HIS A N   1 
ATOM   764 C CA  . HIS B 2 76 ? 1.473   -0.201  18.828  1.00 33.14 ? 100 HIS A CA  1 
ATOM   765 C C   . HIS B 2 76 ? 2.008   -1.516  18.274  1.00 33.18 ? 100 HIS A C   1 
ATOM   766 O O   . HIS B 2 76 ? 3.066   -1.999  18.675  1.00 31.49 ? 100 HIS A O   1 
ATOM   767 C CB  . HIS B 2 76 ? 2.093   0.953   18.031  1.00 33.30 ? 100 HIS A CB  1 
ATOM   768 C CG  . HIS B 2 76 ? 2.001   0.776   16.546  1.00 33.58 ? 100 HIS A CG  1 
ATOM   769 N ND1 . HIS B 2 76 ? 0.802   0.593   15.891  1.00 33.47 ? 100 HIS A ND1 1 
ATOM   770 C CD2 . HIS B 2 76 ? 2.960   0.754   15.588  1.00 34.09 ? 100 HIS A CD2 1 
ATOM   771 C CE1 . HIS B 2 76 ? 1.025   0.464   14.595  1.00 33.58 ? 100 HIS A CE1 1 
ATOM   772 N NE2 . HIS B 2 76 ? 2.326   0.559   14.384  1.00 33.84 ? 100 HIS A NE2 1 
ATOM   773 N N   . LYS B 2 77 ? 1.264   -2.068  17.322  1.00 34.09 ? 101 LYS A N   1 
ATOM   774 C CA  . LYS B 2 77 ? 1.619   -3.318  16.656  1.00 35.59 ? 101 LYS A CA  1 
ATOM   775 C C   . LYS B 2 77 ? 1.317   -3.135  15.165  1.00 34.37 ? 101 LYS A C   1 
ATOM   776 O O   . LYS B 2 77 ? 0.156   -3.068  14.763  1.00 34.06 ? 101 LYS A O   1 
ATOM   777 C CB  . LYS B 2 77 ? 0.783   -4.458  17.237  1.00 39.65 ? 101 LYS A CB  1 
ATOM   778 C CG  . LYS B 2 77 ? 1.163   -5.837  16.748  1.00 44.77 ? 101 LYS A CG  1 
ATOM   779 C CD  . LYS B 2 77 ? 0.468   -6.927  17.566  1.00 48.49 ? 101 LYS A CD  1 
ATOM   780 C CE  . LYS B 2 77 ? 0.908   -6.911  19.023  1.00 50.39 ? 101 LYS A CE  1 
ATOM   781 N NZ  . LYS B 2 77 ? 0.243   -7.988  19.816  1.00 52.53 ? 101 LYS A NZ  1 
ATOM   782 N N   . PRO B 2 78 ? 2.361   -3.046  14.325  1.00 33.97 ? 102 PRO A N   1 
ATOM   783 C CA  . PRO B 2 78 ? 2.156   -2.862  12.884  1.00 32.62 ? 102 PRO A CA  1 
ATOM   784 C C   . PRO B 2 78 ? 1.575   -4.080  12.180  1.00 31.26 ? 102 PRO A C   1 
ATOM   785 O O   . PRO B 2 78 ? 1.824   -5.218  12.574  1.00 32.39 ? 102 PRO A O   1 
ATOM   786 C CB  . PRO B 2 78 ? 3.555   -2.525  12.381  1.00 31.87 ? 102 PRO A CB  1 
ATOM   787 C CG  . PRO B 2 78 ? 4.420   -3.360  13.273  1.00 34.18 ? 102 PRO A CG  1 
ATOM   788 C CD  . PRO B 2 78 ? 3.799   -3.128  14.640  1.00 33.81 ? 102 PRO A CD  1 
ATOM   789 N N   . SER B 2 79 ? 0.793   -3.827  11.138  1.00 31.33 ? 103 SER A N   1 
ATOM   790 C CA  . SER B 2 79 ? 0.196   -4.897  10.359  1.00 30.52 ? 103 SER A CA  1 
ATOM   791 C C   . SER B 2 79 ? 1.052   -5.070  9.120   1.00 30.42 ? 103 SER A C   1 
ATOM   792 O O   . SER B 2 79 ? 1.005   -4.247  8.206   1.00 31.14 ? 103 SER A O   1 
ATOM   793 C CB  . SER B 2 79 ? -1.234  -4.537  9.953   1.00 32.12 ? 103 SER A CB  1 
ATOM   794 O OG  . SER B 2 79 ? -2.041  -4.313  11.092  1.00 33.33 ? 103 SER A OG  1 
ATOM   795 N N   . ILE B 2 80 ? 1.845   -6.133  9.097   1.00 29.68 ? 104 ILE A N   1 
ATOM   796 C CA  . ILE B 2 80 ? 2.712   -6.401  7.963   1.00 29.21 ? 104 ILE A CA  1 
ATOM   797 C C   . ILE B 2 80 ? 2.129   -7.540  7.142   1.00 29.82 ? 104 ILE A C   1 
ATOM   798 O O   . ILE B 2 80 ? 2.078   -8.686  7.591   1.00 29.06 ? 104 ILE A O   1 
ATOM   799 C CB  . ILE B 2 80 ? 4.129   -6.778  8.430   1.00 29.76 ? 104 ILE A CB  1 
ATOM   800 C CG1 . ILE B 2 80 ? 4.681   -5.676  9.334   1.00 29.83 ? 104 ILE A CG1 1 
ATOM   801 C CG2 . ILE B 2 80 ? 5.032   -6.995  7.229   1.00 32.36 ? 104 ILE A CG2 1 
ATOM   802 C CD1 . ILE B 2 80 ? 6.100   -5.912  9.793   1.00 34.12 ? 104 ILE A CD1 1 
ATOM   803 N N   . VAL B 2 81 ? 1.680   -7.212  5.936   1.00 26.94 ? 105 VAL A N   1 
ATOM   804 C CA  . VAL B 2 81 ? 1.088   -8.199  5.053   1.00 26.44 ? 105 VAL A CA  1 
ATOM   805 C C   . VAL B 2 81 ? 2.003   -8.540  3.883   1.00 28.75 ? 105 VAL A C   1 
ATOM   806 O O   . VAL B 2 81 ? 2.541   -7.654  3.209   1.00 28.31 ? 105 VAL A O   1 
ATOM   807 C CB  . VAL B 2 81 ? -0.267  -7.698  4.509   1.00 25.25 ? 105 VAL A CB  1 
ATOM   808 C CG1 . VAL B 2 81 ? -0.869  -8.722  3.565   1.00 24.75 ? 105 VAL A CG1 1 
ATOM   809 C CG2 . VAL B 2 81 ? -1.212  -7.416  5.667   1.00 24.06 ? 105 VAL A CG2 1 
ATOM   810 N N   . LEU B 2 82 ? 2.190   -9.833  3.662   1.00 28.24 ? 106 LEU A N   1 
ATOM   811 C CA  . LEU B 2 82 ? 3.011   -10.315 2.566   1.00 30.21 ? 106 LEU A CA  1 
ATOM   812 C C   . LEU B 2 82 ? 2.078   -11.032 1.602   1.00 30.91 ? 106 LEU A C   1 
ATOM   813 O O   . LEU B 2 82 ? 1.204   -11.791 2.028   1.00 30.02 ? 106 LEU A O   1 
ATOM   814 C CB  . LEU B 2 82 ? 4.079   -11.279 3.085   1.00 32.59 ? 106 LEU A CB  1 
ATOM   815 C CG  . LEU B 2 82 ? 4.922   -12.011 2.039   1.00 35.40 ? 106 LEU A CG  1 
ATOM   816 C CD1 . LEU B 2 82 ? 5.674   -11.012 1.160   1.00 39.05 ? 106 LEU A CD1 1 
ATOM   817 C CD2 . LEU B 2 82 ? 5.891   -12.940 2.753   1.00 37.69 ? 106 LEU A CD2 1 
ATOM   818 N N   . VAL B 2 83 ? 2.249   -10.780 0.308   1.00 29.75 ? 107 VAL A N   1 
ATOM   819 C CA  . VAL B 2 83 ? 1.410   -11.412 -0.706  1.00 31.06 ? 107 VAL A CA  1 
ATOM   820 C C   . VAL B 2 83 ? 2.245   -12.146 -1.745  1.00 32.43 ? 107 VAL A C   1 
ATOM   821 O O   . VAL B 2 83 ? 3.473   -12.028 -1.765  1.00 32.67 ? 107 VAL A O   1 
ATOM   822 C CB  . VAL B 2 83 ? 0.523   -10.371 -1.432  1.00 29.97 ? 107 VAL A CB  1 
ATOM   823 C CG1 . VAL B 2 83 ? -0.323  -9.616  -0.416  1.00 29.91 ? 107 VAL A CG1 1 
ATOM   824 C CG2 . VAL B 2 83 ? 1.389   -9.398  -2.234  1.00 31.96 ? 107 VAL A CG2 1 
ATOM   825 N N   . ASP B 2 84 ? 1.576   -12.915 -2.598  1.00 34.09 ? 108 ASP A N   1 
ATOM   826 C CA  . ASP B 2 84 ? 2.257   -13.651 -3.654  1.00 36.53 ? 108 ASP A CA  1 
ATOM   827 C C   . ASP B 2 84 ? 2.122   -12.896 -4.970  1.00 37.49 ? 108 ASP A C   1 
ATOM   828 O O   . ASP B 2 84 ? 1.545   -11.807 -5.011  1.00 36.71 ? 108 ASP A O   1 
ATOM   829 C CB  . ASP B 2 84 ? 1.679   -15.065 -3.803  1.00 38.95 ? 108 ASP A CB  1 
ATOM   830 C CG  . ASP B 2 84 ? 0.176   -15.069 -4.028  1.00 40.07 ? 108 ASP A CG  1 
ATOM   831 O OD1 . ASP B 2 84 ? -0.303  -14.383 -4.954  1.00 38.11 ? 108 ASP A OD1 1 
ATOM   832 O OD2 . ASP B 2 84 ? -0.527  -15.774 -3.276  1.00 45.34 ? 108 ASP A OD2 1 
ATOM   833 N N   . GLU B 2 85 ? 2.648   -13.483 -6.039  1.00 38.30 ? 109 GLU A N   1 
ATOM   834 C CA  . GLU B 2 85 ? 2.610   -12.866 -7.360  1.00 40.22 ? 109 GLU A CA  1 
ATOM   835 C C   . GLU B 2 85 ? 1.200   -12.528 -7.839  1.00 39.70 ? 109 GLU A C   1 
ATOM   836 O O   . GLU B 2 85 ? 1.029   -11.756 -8.782  1.00 38.89 ? 109 GLU A O   1 
ATOM   837 C CB  . GLU B 2 85 ? 3.296   -13.772 -8.388  1.00 42.09 ? 109 GLU A CB  1 
ATOM   838 C CG  . GLU B 2 85 ? 2.595   -15.105 -8.627  1.00 46.34 ? 109 GLU A CG  1 
ATOM   839 C CD  . GLU B 2 85 ? 2.808   -16.101 -7.500  1.00 48.22 ? 109 GLU A CD  1 
ATOM   840 O OE1 . GLU B 2 85 ? 2.160   -17.173 -7.526  1.00 50.42 ? 109 GLU A OE1 1 
ATOM   841 O OE2 . GLU B 2 85 ? 3.624   -15.822 -6.595  1.00 49.61 ? 109 GLU A OE2 1 
ATOM   842 N N   . LYS B 2 86 ? 0.195   -13.105 -7.188  1.00 39.20 ? 110 LYS A N   1 
ATOM   843 C CA  . LYS B 2 86 ? -1.195  -12.861 -7.556  1.00 38.70 ? 110 LYS A CA  1 
ATOM   844 C C   . LYS B 2 86 ? -1.860  -11.922 -6.554  1.00 37.08 ? 110 LYS A C   1 
ATOM   845 O O   . LYS B 2 86 ? -3.078  -11.724 -6.578  1.00 35.75 ? 110 LYS A O   1 
ATOM   846 C CB  . LYS B 2 86 ? -1.957  -14.188 -7.610  1.00 41.25 ? 110 LYS A CB  1 
ATOM   847 C CG  . LYS B 2 86 ? -1.338  -15.206 -8.553  1.00 44.67 ? 110 LYS A CG  1 
ATOM   848 C CD  . LYS B 2 86 ? -2.074  -16.537 -8.512  1.00 47.75 ? 110 LYS A CD  1 
ATOM   849 C CE  . LYS B 2 86 ? -1.432  -17.545 -9.456  1.00 48.44 ? 110 LYS A CE  1 
ATOM   850 N NZ  . LYS B 2 86 ? -2.130  -18.858 -9.429  1.00 50.21 ? 110 LYS A NZ  1 
ATOM   851 N N   . ASN B 2 87 ? -1.048  -11.345 -5.675  1.00 34.89 ? 111 ASN A N   1 
ATOM   852 C CA  . ASN B 2 87 ? -1.542  -10.431 -4.657  1.00 32.92 ? 111 ASN A CA  1 
ATOM   853 C C   . ASN B 2 87 ? -2.487  -11.134 -3.688  1.00 34.21 ? 111 ASN A C   1 
ATOM   854 O O   . ASN B 2 87 ? -3.369  -10.517 -3.090  1.00 33.91 ? 111 ASN A O   1 
ATOM   855 C CB  . ASN B 2 87 ? -2.215  -9.232  -5.326  1.00 30.38 ? 111 ASN A CB  1 
ATOM   856 C CG  . ASN B 2 87 ? -1.215  -8.353  -6.062  1.00 28.64 ? 111 ASN A CG  1 
ATOM   857 O OD1 . ASN B 2 87 ? -1.559  -7.650  -7.012  1.00 28.32 ? 111 ASN A OD1 1 
ATOM   858 N ND2 . ASN B 2 87 ? 0.038   -8.393  -5.618  1.00 23.43 ? 111 ASN A ND2 1 
ATOM   859 N N   . GLU B 2 88 ? -2.283  -12.439 -3.544  1.00 35.82 ? 112 GLU A N   1 
ATOM   860 C CA  . GLU B 2 88 ? -3.065  -13.254 -2.626  1.00 37.77 ? 112 GLU A CA  1 
ATOM   861 C C   . GLU B 2 88 ? -2.259  -13.222 -1.330  1.00 37.04 ? 112 GLU A C   1 
ATOM   862 O O   . GLU B 2 88 ? -1.028  -13.239 -1.365  1.00 35.57 ? 112 GLU A O   1 
ATOM   863 C CB  . GLU B 2 88 ? -3.166  -14.691 -3.151  1.00 40.26 ? 112 GLU A CB  1 
ATOM   864 C CG  . GLU B 2 88 ? -3.617  -14.800 -4.605  1.00 43.72 ? 112 GLU A CG  1 
ATOM   865 C CD  . GLU B 2 88 ? -5.120  -14.686 -4.778  1.00 46.22 ? 112 GLU A CD  1 
ATOM   866 O OE1 . GLU B 2 88 ? -5.717  -13.713 -4.272  1.00 49.24 ? 112 GLU A OE1 1 
ATOM   867 O OE2 . GLU B 2 88 ? -5.706  -15.575 -5.428  1.00 46.83 ? 112 GLU A OE2 1 
ATOM   868 N N   . ILE B 2 89 ? -2.940  -13.171 -0.192  1.00 37.91 ? 113 ILE A N   1 
ATOM   869 C CA  . ILE B 2 89 ? -2.250  -13.116 1.094   1.00 38.44 ? 113 ILE A CA  1 
ATOM   870 C C   . ILE B 2 89 ? -1.444  -14.372 1.397   1.00 39.09 ? 113 ILE A C   1 
ATOM   871 O O   . ILE B 2 89 ? -1.916  -15.495 1.207   1.00 40.87 ? 113 ILE A O   1 
ATOM   872 C CB  . ILE B 2 89 ? -3.247  -12.888 2.248   1.00 38.90 ? 113 ILE A CB  1 
ATOM   873 C CG1 . ILE B 2 89 ? -4.115  -11.670 1.940   1.00 40.70 ? 113 ILE A CG1 1 
ATOM   874 C CG2 . ILE B 2 89 ? -2.501  -12.684 3.560   1.00 37.40 ? 113 ILE A CG2 1 
ATOM   875 C CD1 . ILE B 2 89 ? -3.334  -10.387 1.724   1.00 41.15 ? 113 ILE A CD1 1 
ATOM   876 N N   . LEU B 2 90 ? -0.217  -14.170 1.863   1.00 38.14 ? 114 LEU A N   1 
ATOM   877 C CA  . LEU B 2 90 ? 0.662   -15.273 2.223   1.00 38.07 ? 114 LEU A CA  1 
ATOM   878 C C   . LEU B 2 90 ? 0.849   -15.258 3.731   1.00 37.43 ? 114 LEU A C   1 
ATOM   879 O O   . LEU B 2 90 ? 0.837   -16.301 4.388   1.00 36.65 ? 114 LEU A O   1 
ATOM   880 C CB  . LEU B 2 90 ? 2.021   -15.127 1.539   1.00 38.94 ? 114 LEU A CB  1 
ATOM   881 C CG  . LEU B 2 90 ? 2.048   -15.348 0.026   1.00 40.79 ? 114 LEU A CG  1 
ATOM   882 C CD1 . LEU B 2 90 ? 3.461   -15.133 -0.486  1.00 40.97 ? 114 LEU A CD1 1 
ATOM   883 C CD2 . LEU B 2 90 ? 1.570   -16.758 -0.301  1.00 40.33 ? 114 LEU A CD2 1 
ATOM   884 N N   . GLU B 2 91 ? 1.011   -14.057 4.273   1.00 35.37 ? 115 GLU A N   1 
ATOM   885 C CA  . GLU B 2 91 ? 1.201   -13.877 5.701   1.00 36.50 ? 115 GLU A CA  1 
ATOM   886 C C   . GLU B 2 91 ? 0.742   -12.494 6.132   1.00 35.79 ? 115 GLU A C   1 
ATOM   887 O O   . GLU B 2 91 ? 0.616   -11.577 5.315   1.00 34.85 ? 115 GLU A O   1 
ATOM   888 C CB  . GLU B 2 91 ? 2.684   -14.037 6.067   1.00 37.54 ? 115 GLU A CB  1 
ATOM   889 C CG  . GLU B 2 91 ? 3.259   -15.419 5.828   1.00 42.18 ? 115 GLU A CG  1 
ATOM   890 C CD  . GLU B 2 91 ? 4.745   -15.493 6.122   1.00 44.08 ? 115 GLU A CD  1 
ATOM   891 O OE1 . GLU B 2 91 ? 5.163   -15.050 7.212   1.00 45.31 ? 115 GLU A OE1 1 
ATOM   892 O OE2 . GLU B 2 91 ? 5.498   -16.003 5.267   1.00 46.68 ? 115 GLU A OE2 1 
ATOM   893 N N   . LYS B 2 92 ? 0.478   -12.364 7.426   1.00 35.52 ? 116 LYS A N   1 
ATOM   894 C CA  . LYS B 2 92 ? 0.081   -11.101 8.024   1.00 35.03 ? 116 LYS A CA  1 
ATOM   895 C C   . LYS B 2 92 ? 0.620   -11.125 9.440   1.00 36.99 ? 116 LYS A C   1 
ATOM   896 O O   . LYS B 2 92 ? -0.017  -11.662 10.349  1.00 38.37 ? 116 LYS A O   1 
ATOM   897 C CB  . LYS B 2 92 ? -1.437  -10.925 8.071   1.00 32.41 ? 116 LYS A CB  1 
ATOM   898 C CG  . LYS B 2 92 ? -1.819  -9.649  8.813   1.00 28.45 ? 116 LYS A CG  1 
ATOM   899 C CD  . LYS B 2 92 ? -3.308  -9.421  8.941   1.00 23.93 ? 116 LYS A CD  1 
ATOM   900 C CE  . LYS B 2 92 ? -3.555  -8.134  9.711   1.00 23.63 ? 116 LYS A CE  1 
ATOM   901 N NZ  . LYS B 2 92 ? -4.991  -7.771  9.765   1.00 24.26 ? 116 LYS A NZ  1 
ATOM   902 N N   . GLY B 2 93 ? 1.803   -10.554 9.622   1.00 36.93 ? 117 GLY A N   1 
ATOM   903 C CA  . GLY B 2 93 ? 2.414   -10.533 10.934  1.00 37.59 ? 117 GLY A CA  1 
ATOM   904 C C   . GLY B 2 93 ? 2.128   -9.254  11.683  1.00 39.79 ? 117 GLY A C   1 
ATOM   905 O O   . GLY B 2 93 ? 1.809   -8.223  11.088  1.00 40.52 ? 117 GLY A O   1 
ATOM   906 N N   . LEU B 2 94 ? 2.239   -9.324  13.001  1.00 41.26 ? 118 LEU A N   1 
ATOM   907 C CA  . LEU B 2 94 ? 1.999   -8.167  13.839  1.00 43.19 ? 118 LEU A CA  1 
ATOM   908 C C   . LEU B 2 94 ? 3.306   -7.735  14.490  1.00 44.80 ? 118 LEU A C   1 
ATOM   909 O O   . LEU B 2 94 ? 3.316   -7.144  15.568  1.00 44.22 ? 118 LEU A O   1 
ATOM   910 C CB  . LEU B 2 94 ? 0.939   -8.507  14.892  1.00 42.89 ? 118 LEU A CB  1 
ATOM   911 C CG  . LEU B 2 94 ? -0.477  -8.689  14.334  1.00 42.78 ? 118 LEU A CG  1 
ATOM   912 C CD1 . LEU B 2 94 ? -1.439  -9.023  15.467  1.00 42.76 ? 118 LEU A CD1 1 
ATOM   913 C CD2 . LEU B 2 94 ? -0.919  -7.409  13.614  1.00 42.48 ? 118 LEU A CD2 1 
ATOM   914 N N   . GLU B 2 95 ? 4.410   -8.038  13.808  1.00 47.07 ? 119 GLU A N   1 
ATOM   915 C CA  . GLU B 2 95 ? 5.752   -7.697  14.272  1.00 50.01 ? 119 GLU A CA  1 
ATOM   916 C C   . GLU B 2 95 ? 6.693   -7.651  13.069  1.00 50.88 ? 119 GLU A C   1 
ATOM   917 O O   . GLU B 2 95 ? 6.355   -8.140  11.991  1.00 50.18 ? 119 GLU A O   1 
ATOM   918 C CB  . GLU B 2 95 ? 6.248   -8.740  15.285  1.00 50.69 ? 119 GLU A CB  1 
ATOM   919 C CG  . GLU B 2 95 ? 6.584   -8.158  16.661  1.00 53.37 ? 119 GLU A CG  1 
ATOM   920 C CD  . GLU B 2 95 ? 6.503   -9.188  17.783  1.00 55.54 ? 119 GLU A CD  1 
ATOM   921 O OE1 . GLU B 2 95 ? 7.246   -10.203 17.731  1.00 56.69 ? 119 GLU A OE1 1 
ATOM   922 O OE2 . GLU B 2 95 ? 5.691   -8.986  18.723  1.00 55.29 ? 119 GLU A OE2 1 
ATOM   923 N N   . HIS B 2 96 ? 7.869   -7.059  13.255  1.00 51.61 ? 120 HIS A N   1 
ATOM   924 C CA  . HIS B 2 96 ? 8.845   -6.952  12.176  1.00 52.26 ? 120 HIS A CA  1 
ATOM   925 C C   . HIS B 2 96 ? 9.663   -8.231  12.044  1.00 53.50 ? 120 HIS A C   1 
ATOM   926 O O   . HIS B 2 96 ? 9.481   -9.132  12.890  1.00 54.62 ? 120 HIS A O   1 
ATOM   927 C CB  . HIS B 2 96 ? 9.778   -5.769  12.432  1.00 52.75 ? 120 HIS A CB  1 
ATOM   928 C CG  . HIS B 2 96 ? 9.092   -4.440  12.387  1.00 52.80 ? 120 HIS A CG  1 
ATOM   929 N ND1 . HIS B 2 96 ? 8.628   -3.881  11.214  1.00 52.84 ? 120 HIS A ND1 1 
ATOM   930 C CD2 . HIS B 2 96 ? 8.776   -3.565  13.371  1.00 52.73 ? 120 HIS A CD2 1 
ATOM   931 C CE1 . HIS B 2 96 ? 8.058   -2.719  11.479  1.00 52.95 ? 120 HIS A CE1 1 
ATOM   932 N NE2 . HIS B 2 96 ? 8.134   -2.504  12.779  1.00 52.82 ? 120 HIS A NE2 1 
ATOM   933 O OXT . HIS B 2 96 ? 10.477  -8.314  11.099  1.00 53.84 ? 120 HIS A OXT 1 
HETATM 934 O O   . HOH C 3 .  ? 3.399   -9.827  -5.773  1.00 22.70 ? 25  HOH B O   1 
HETATM 935 O O   . HOH C 3 .  ? 9.186   9.619   12.880  1.00 29.02 ? 26  HOH B O   1 
HETATM 936 O O   . HOH C 3 .  ? -5.532  11.428  -14.915 1.00 31.48 ? 27  HOH B O   1 
HETATM 937 O O   . HOH D 3 .  ? 13.786  3.233   -3.739  1.00 13.63 ? 1   HOH A O   1 
HETATM 938 O O   . HOH D 3 .  ? 4.570   11.734  -4.282  1.00 17.23 ? 2   HOH A O   1 
HETATM 939 O O   . HOH D 3 .  ? -0.927  10.537  -9.272  1.00 28.72 ? 3   HOH A O   1 
HETATM 940 O O   . HOH D 3 .  ? 0.316   13.121  -20.808 1.00 13.70 ? 4   HOH A O   1 
HETATM 941 O O   . HOH D 3 .  ? 8.546   5.646   3.260   1.00 26.68 ? 5   HOH A O   1 
HETATM 942 O O   . HOH D 3 .  ? 1.088   6.858   5.306   1.00 19.14 ? 6   HOH A O   1 
HETATM 943 O O   . HOH D 3 .  ? 12.260  8.173   -6.376  1.00 21.56 ? 7   HOH A O   1 
HETATM 944 O O   . HOH D 3 .  ? 6.574   8.347   -18.404 1.00 19.12 ? 8   HOH A O   1 
HETATM 945 O O   . HOH D 3 .  ? 11.132  -6.762  -8.952  1.00 22.12 ? 9   HOH A O   1 
HETATM 946 O O   . HOH D 3 .  ? 7.187   -4.918  -14.725 1.00 24.96 ? 13  HOH A O   1 
HETATM 947 O O   . HOH D 3 .  ? 7.518   12.374  -4.406  1.00 27.11 ? 14  HOH A O   1 
HETATM 948 O O   . HOH D 3 .  ? 13.390  9.054   -3.666  1.00 27.96 ? 15  HOH A O   1 
HETATM 949 O O   . HOH D 3 .  ? 3.502   8.743   4.747   1.00 36.60 ? 16  HOH A O   1 
# 
